data_5JJQ
#
_entry.id   5JJQ
#
_cell.length_a   65.750
_cell.length_b   104.450
_cell.length_c   120.000
_cell.angle_alpha   81.78
_cell.angle_beta   83.01
_cell.angle_gamma   81.98
#
_symmetry.space_group_name_H-M   'P 1'
#
loop_
_entity.id
_entity.type
_entity.pdbx_description
1 polymer 'AMP-dependent synthetase and ligase'
2 non-polymer "5'-O-[(R)-{[(3S)-3-aminobutanoyl]oxy}(hydroxy)phosphoryl]adenosine"
3 non-polymer 'CHLORIDE ION'
4 water water
#
_entity_poly.entity_id   1
_entity_poly.type   'polypeptide(L)'
_entity_poly.pdbx_seq_one_letter_code
;MGSSHHHHHHSSGLVPRGSHMSREVFTLAQNPVERLHEFLLTGARLTPEKPAVLELSGTEPGYVSYRQLANRAESYAAAL
GGLGLDIGDRVVLESDTSASAIAALLACSSLGLPFVPVTPETPAKRLLAVVDTVSPALYLQAEGGRREGLPESVGTGRFG
PGGLVIERAPRPGRGFRREVAPADPAYMVFTSGSTGRPKGVVMSHRAILSFYRGMLSQGIVGPESRVASTAPFQFDFSLL
DIGLALGSGATVVPVPRALLRWPRRFVRFLRDSEATQVNGAPSIWRGALRHEADELAALGGRIRGVLFSGEPFPLPEVRA
LQQALPLARIVNCFGSTESVAASFTDVPRPVPDGLTKLSIGHAHPGAEMMLLDDDGVPVTEPGVTGHIHLRSGSLFTGYW
GDPEATARALVPDPTNPMTGQTVFRTGDLAHRDATGELYFDGRADNQVKIRGNRVELTEVERRVAEFTGVAAASAVLLPV
AESDPVLAVFVELSPGAEFDEMELGAFCLEELPDYMAPQRIHVLDALPLNQNGKVDRPALVERLSRELSPSS
;
_entity_poly.pdbx_strand_id   A,B,C,D
#
loop_
_chem_comp.id
_chem_comp.type
_chem_comp.name
_chem_comp.formula
6L1 non-polymer 5'-O-[(R)-{[(3S)-3-aminobutanoyl]oxy}(hydroxy)phosphoryl]adenosine 'C14 H21 N6 O8 P'
CL non-polymer 'CHLORIDE ION' 'Cl -1'
#
# COMPACT_ATOMS: atom_id res chain seq x y z
N ALA A 29 13.02 -4.13 -2.80
CA ALA A 29 12.02 -3.80 -3.87
C ALA A 29 12.56 -4.07 -5.28
N GLN A 30 13.82 -3.74 -5.52
CA GLN A 30 14.54 -4.16 -6.73
C GLN A 30 14.56 -5.68 -6.90
N ASN A 31 14.54 -6.38 -5.77
CA ASN A 31 14.50 -7.84 -5.78
C ASN A 31 13.11 -8.46 -6.06
N PRO A 32 13.01 -9.26 -7.13
CA PRO A 32 11.74 -9.93 -7.42
C PRO A 32 11.44 -11.03 -6.43
N VAL A 33 10.19 -11.23 -6.06
CA VAL A 33 9.89 -12.26 -5.10
C VAL A 33 9.42 -13.54 -5.75
N GLU A 34 10.39 -14.45 -5.68
CA GLU A 34 10.26 -15.77 -6.20
C GLU A 34 10.41 -16.86 -5.15
N ARG A 35 10.60 -16.48 -3.88
CA ARG A 35 10.68 -17.45 -2.76
C ARG A 35 9.80 -17.18 -1.55
N LEU A 36 9.55 -18.25 -0.83
CA LEU A 36 8.48 -18.30 0.11
C LEU A 36 8.64 -17.19 1.14
N HIS A 37 9.85 -17.10 1.72
CA HIS A 37 10.09 -16.19 2.82
C HIS A 37 10.06 -14.70 2.32
N GLU A 38 10.47 -14.48 1.07
CA GLU A 38 10.47 -13.14 0.47
C GLU A 38 9.04 -12.68 0.29
N PHE A 39 8.12 -13.62 0.22
CA PHE A 39 6.70 -13.30 -0.02
C PHE A 39 5.98 -12.95 1.28
N LEU A 40 6.23 -13.73 2.30
CA LEU A 40 5.52 -13.61 3.53
C LEU A 40 6.06 -12.47 4.34
N LEU A 41 7.23 -11.98 3.98
CA LEU A 41 7.82 -10.88 4.72
C LEU A 41 7.73 -9.55 3.98
N THR A 42 6.92 -9.44 2.92
CA THR A 42 6.73 -8.16 2.24
C THR A 42 6.16 -7.12 3.21
N GLY A 43 5.28 -7.55 4.11
CA GLY A 43 4.77 -6.66 5.11
C GLY A 43 5.89 -6.09 5.98
N ALA A 44 7.08 -6.69 6.00
CA ALA A 44 8.14 -6.15 6.84
C ALA A 44 8.77 -4.94 6.19
N ARG A 45 8.62 -4.78 4.88
CA ARG A 45 9.15 -3.60 4.16
C ARG A 45 8.05 -2.54 4.05
N LEU A 46 6.81 -2.95 3.85
CA LEU A 46 5.71 -2.00 3.66
C LEU A 46 5.03 -1.53 4.94
N THR A 47 4.86 -2.41 5.92
CA THR A 47 4.18 -2.06 7.17
C THR A 47 4.87 -2.72 8.35
N PRO A 48 6.13 -2.29 8.63
CA PRO A 48 7.01 -2.93 9.63
C PRO A 48 6.48 -2.97 11.04
N GLU A 49 5.68 -1.99 11.39
CA GLU A 49 5.22 -1.86 12.78
C GLU A 49 3.84 -2.49 13.00
N LYS A 50 3.18 -2.90 11.92
CA LYS A 50 1.91 -3.60 12.03
C LYS A 50 2.12 -4.96 12.76
N PRO A 51 1.16 -5.36 13.59
CA PRO A 51 1.30 -6.64 14.23
C PRO A 51 1.09 -7.83 13.27
N ALA A 52 2.01 -8.76 13.29
CA ALA A 52 2.04 -9.85 12.29
C ALA A 52 1.49 -11.14 12.87
N VAL A 53 1.93 -11.48 14.07
CA VAL A 53 1.51 -12.70 14.71
C VAL A 53 1.22 -12.47 16.18
N LEU A 54 0.03 -12.83 16.63
CA LEU A 54 -0.30 -12.76 18.05
C LEU A 54 0.61 -13.71 18.81
N GLU A 55 1.04 -13.32 20.01
CA GLU A 55 1.93 -14.14 20.82
C GLU A 55 1.86 -13.87 22.31
N LEU A 56 1.69 -14.98 23.06
CA LEU A 56 1.67 -15.01 24.54
C LEU A 56 3.09 -15.00 25.13
N SER A 57 3.41 -13.99 25.94
CA SER A 57 4.73 -13.86 26.63
C SER A 57 4.62 -14.18 28.15
N GLY A 58 4.46 -15.46 28.44
CA GLY A 58 4.22 -15.92 29.81
C GLY A 58 2.74 -16.12 29.99
N THR A 59 2.10 -15.11 30.60
CA THR A 59 0.63 -14.98 30.57
C THR A 59 0.19 -13.58 29.93
N GLU A 60 1.16 -12.67 29.68
CA GLU A 60 0.99 -11.27 29.12
C GLU A 60 0.95 -11.26 27.56
N PRO A 61 -0.23 -11.03 26.97
CA PRO A 61 -0.40 -11.01 25.51
C PRO A 61 0.39 -9.94 24.81
N GLY A 62 0.97 -10.32 23.69
CA GLY A 62 1.68 -9.40 22.85
C GLY A 62 1.42 -9.72 21.39
N TYR A 63 2.07 -8.95 20.52
CA TYR A 63 2.00 -9.16 19.10
C TYR A 63 3.46 -9.03 18.56
N VAL A 64 3.83 -9.91 17.65
CA VAL A 64 5.11 -9.82 16.97
C VAL A 64 4.80 -9.05 15.73
N SER A 65 5.62 -8.06 15.41
CA SER A 65 5.30 -7.12 14.30
C SER A 65 6.06 -7.61 13.11
N TYR A 66 5.60 -7.26 11.92
CA TYR A 66 6.26 -7.66 10.69
C TYR A 66 7.74 -7.48 10.76
N ARG A 67 8.22 -6.39 11.36
CA ARG A 67 9.66 -6.18 11.47
C ARG A 67 10.30 -7.15 12.42
N GLN A 68 9.64 -7.37 13.56
CA GLN A 68 10.15 -8.25 14.58
C GLN A 68 10.17 -9.67 14.07
N LEU A 69 9.13 -10.05 13.38
CA LEU A 69 9.05 -11.34 12.78
C LEU A 69 10.23 -11.52 11.84
N ALA A 70 10.53 -10.51 11.04
CA ALA A 70 11.69 -10.61 10.16
C ALA A 70 13.01 -10.72 10.94
N ASN A 71 13.11 -10.07 12.08
CA ASN A 71 14.33 -10.16 12.88
C ASN A 71 14.52 -11.55 13.52
N ARG A 72 13.46 -12.10 14.09
CA ARG A 72 13.53 -13.43 14.63
C ARG A 72 13.91 -14.41 13.47
N ALA A 73 13.31 -14.17 12.31
CA ALA A 73 13.53 -15.04 11.19
C ALA A 73 14.99 -15.06 10.87
N GLU A 74 15.65 -13.91 10.92
CA GLU A 74 17.08 -13.86 10.50
C GLU A 74 18.02 -14.18 11.64
N SER A 75 17.56 -13.92 12.86
CA SER A 75 18.25 -14.37 14.04
C SER A 75 18.34 -15.92 13.98
N TYR A 76 17.24 -16.59 13.68
CA TYR A 76 17.23 -18.05 13.45
C TYR A 76 18.15 -18.45 12.30
N ALA A 77 18.14 -17.69 11.21
CA ALA A 77 18.91 -18.09 10.02
C ALA A 77 20.39 -18.01 10.31
N ALA A 78 20.79 -17.06 11.12
CA ALA A 78 22.19 -16.97 11.47
C ALA A 78 22.58 -18.24 12.22
N ALA A 79 21.77 -18.69 13.17
CA ALA A 79 22.07 -19.89 13.93
C ALA A 79 22.12 -21.15 13.04
N LEU A 80 21.34 -21.14 11.98
CA LEU A 80 21.24 -22.28 11.13
C LEU A 80 22.33 -22.30 10.10
N GLY A 81 22.66 -21.14 9.59
CA GLY A 81 23.44 -21.03 8.38
C GLY A 81 24.90 -21.28 8.53
N GLY A 82 25.34 -21.45 9.78
CA GLY A 82 26.74 -21.79 10.07
C GLY A 82 26.97 -23.26 10.34
N LEU A 83 26.01 -24.12 9.99
CA LEU A 83 26.02 -25.53 10.38
C LEU A 83 26.45 -26.49 9.28
N GLY A 84 26.82 -25.96 8.12
CA GLY A 84 27.27 -26.81 7.00
C GLY A 84 26.18 -27.43 6.15
N LEU A 85 24.94 -27.02 6.39
CA LEU A 85 23.79 -27.51 5.67
C LEU A 85 23.69 -26.96 4.25
N ASP A 86 23.40 -27.86 3.31
CA ASP A 86 23.19 -27.49 1.90
C ASP A 86 21.73 -27.17 1.59
N ILE A 87 21.53 -26.40 0.54
CA ILE A 87 20.19 -26.18 0.01
C ILE A 87 19.63 -27.54 -0.46
N GLY A 88 18.41 -27.85 -0.03
CA GLY A 88 17.78 -29.13 -0.26
C GLY A 88 17.75 -30.06 0.94
N ASP A 89 18.69 -29.88 1.88
CA ASP A 89 18.67 -30.62 3.14
C ASP A 89 17.38 -30.27 3.85
N ARG A 90 16.77 -31.29 4.46
CA ARG A 90 15.46 -31.13 5.05
C ARG A 90 15.56 -30.91 6.56
N VAL A 91 14.56 -30.30 7.13
CA VAL A 91 14.56 -29.94 8.53
C VAL A 91 13.19 -30.26 9.00
N VAL A 92 13.09 -30.86 10.16
CA VAL A 92 11.77 -31.16 10.68
C VAL A 92 11.41 -30.09 11.67
N LEU A 93 10.14 -29.66 11.66
CA LEU A 93 9.71 -28.57 12.51
C LEU A 93 8.52 -28.96 13.30
N GLU A 94 8.75 -29.22 14.58
CA GLU A 94 7.67 -29.73 15.43
C GLU A 94 7.15 -28.57 16.29
N SER A 95 5.93 -28.13 16.01
CA SER A 95 5.33 -27.12 16.77
C SER A 95 3.88 -27.07 16.44
N ASP A 96 3.11 -26.45 17.34
CA ASP A 96 1.80 -25.90 16.95
C ASP A 96 2.13 -24.59 16.26
N THR A 97 1.20 -24.13 15.47
CA THR A 97 1.36 -22.86 14.84
C THR A 97 1.58 -21.74 15.86
N SER A 98 2.57 -20.93 15.60
CA SER A 98 3.00 -19.85 16.46
C SER A 98 3.99 -18.97 15.70
N ALA A 99 4.25 -17.79 16.26
CA ALA A 99 5.12 -16.82 15.62
C ALA A 99 6.52 -17.34 15.46
N SER A 100 6.98 -18.11 16.44
CA SER A 100 8.33 -18.74 16.35
C SER A 100 8.34 -19.86 15.28
N ALA A 101 7.27 -20.59 15.13
CA ALA A 101 7.23 -21.61 14.10
C ALA A 101 7.31 -20.91 12.74
N ILE A 102 6.65 -19.75 12.63
CA ILE A 102 6.66 -19.05 11.34
C ILE A 102 8.06 -18.52 11.10
N ALA A 103 8.64 -17.96 12.15
CA ALA A 103 10.04 -17.54 12.06
C ALA A 103 10.96 -18.69 11.58
N ALA A 104 10.81 -19.88 12.20
CA ALA A 104 11.61 -21.06 11.80
C ALA A 104 11.43 -21.42 10.31
N LEU A 105 10.19 -21.47 9.83
CA LEU A 105 10.00 -21.83 8.43
C LEU A 105 10.51 -20.79 7.50
N LEU A 106 10.40 -19.53 7.90
CA LEU A 106 10.97 -18.41 7.17
C LEU A 106 12.48 -18.52 7.05
N ALA A 107 13.14 -18.77 8.18
CA ALA A 107 14.57 -19.08 8.19
C ALA A 107 14.92 -20.28 7.28
N CYS A 108 14.27 -21.43 7.52
CA CYS A 108 14.50 -22.58 6.65
C CYS A 108 14.38 -22.18 5.20
N SER A 109 13.29 -21.53 4.88
CA SER A 109 13.11 -21.05 3.51
C SER A 109 14.26 -20.16 3.07
N SER A 110 14.77 -19.30 3.97
CA SER A 110 15.84 -18.34 3.56
C SER A 110 17.11 -19.12 3.18
N LEU A 111 17.25 -20.33 3.69
CA LEU A 111 18.45 -21.11 3.42
C LEU A 111 18.19 -22.25 2.43
N GLY A 112 16.97 -22.36 1.92
CA GLY A 112 16.68 -23.33 0.87
C GLY A 112 16.61 -24.72 1.47
N LEU A 113 16.35 -24.75 2.76
CA LEU A 113 16.19 -25.93 3.49
C LEU A 113 14.72 -26.16 3.50
N PRO A 114 14.24 -27.20 2.80
CA PRO A 114 12.81 -27.41 2.81
C PRO A 114 12.48 -27.90 4.11
N PHE A 115 11.28 -27.65 4.59
CA PHE A 115 10.93 -27.97 6.00
C PHE A 115 9.73 -28.86 6.00
N VAL A 116 9.65 -29.65 7.06
CA VAL A 116 8.66 -30.65 7.23
C VAL A 116 7.95 -30.38 8.54
N PRO A 117 6.73 -29.87 8.45
CA PRO A 117 6.06 -29.57 9.68
C PRO A 117 5.50 -30.82 10.26
N VAL A 118 5.51 -30.86 11.59
CA VAL A 118 4.98 -31.96 12.35
C VAL A 118 4.39 -31.42 13.65
N THR A 119 3.30 -32.02 14.11
CA THR A 119 2.56 -31.47 15.24
C THR A 119 2.89 -32.31 16.45
N PRO A 120 3.05 -31.67 17.63
CA PRO A 120 3.56 -32.35 18.83
C PRO A 120 2.75 -33.54 19.31
N GLU A 121 1.46 -33.51 19.01
CA GLU A 121 0.56 -34.67 19.20
C GLU A 121 0.88 -35.92 18.33
N THR A 122 1.96 -35.88 17.55
CA THR A 122 2.28 -36.92 16.60
C THR A 122 2.91 -38.13 17.29
N PRO A 123 2.36 -39.34 17.10
CA PRO A 123 2.93 -40.57 17.63
C PRO A 123 4.41 -40.82 17.29
N ALA A 124 5.19 -41.19 18.29
CA ALA A 124 6.60 -41.49 18.11
C ALA A 124 6.77 -42.23 16.83
N LYS A 125 6.05 -43.33 16.71
CA LYS A 125 6.18 -44.25 15.58
C LYS A 125 6.10 -43.49 14.26
N ARG A 126 5.08 -42.65 14.11
CA ARG A 126 4.85 -41.87 12.88
C ARG A 126 5.97 -40.86 12.59
N LEU A 127 6.45 -40.18 13.61
CA LEU A 127 7.49 -39.19 13.42
C LEU A 127 8.77 -39.81 12.90
N LEU A 128 9.18 -40.92 13.49
CA LEU A 128 10.48 -41.51 13.15
C LEU A 128 10.40 -42.23 11.80
N ALA A 129 9.18 -42.58 11.38
CA ALA A 129 8.93 -43.02 10.00
C ALA A 129 9.14 -41.90 8.97
N VAL A 130 8.72 -40.68 9.35
CA VAL A 130 8.93 -39.48 8.53
C VAL A 130 10.41 -39.13 8.49
N VAL A 131 11.05 -39.10 9.66
CA VAL A 131 12.48 -38.83 9.77
C VAL A 131 13.22 -39.85 8.95
N ASP A 132 12.85 -41.12 9.12
CA ASP A 132 13.54 -42.19 8.45
C ASP A 132 13.51 -42.05 6.95
N THR A 133 12.33 -41.86 6.34
CA THR A 133 12.19 -41.78 4.87
C THR A 133 12.72 -40.50 4.27
N VAL A 134 12.47 -39.38 4.95
CA VAL A 134 12.90 -38.05 4.42
C VAL A 134 14.36 -37.76 4.71
N SER A 135 14.96 -38.59 5.57
CA SER A 135 16.32 -38.44 6.14
C SER A 135 16.82 -36.97 6.30
N PRO A 136 16.19 -36.24 7.22
CA PRO A 136 16.55 -34.82 7.39
C PRO A 136 17.88 -34.65 8.08
N ALA A 137 18.53 -33.54 7.77
CA ALA A 137 19.75 -33.14 8.47
C ALA A 137 19.47 -32.72 9.87
N LEU A 138 18.29 -32.19 10.14
CA LEU A 138 18.08 -31.47 11.39
C LEU A 138 16.63 -31.56 11.88
N TYR A 139 16.44 -31.79 13.17
CA TYR A 139 15.13 -31.70 13.82
C TYR A 139 15.07 -30.47 14.79
N LEU A 140 13.94 -29.75 14.79
CA LEU A 140 13.77 -28.62 15.71
C LEU A 140 12.39 -28.66 16.28
N GLN A 141 12.25 -28.45 17.60
CA GLN A 141 10.94 -28.34 18.24
C GLN A 141 10.81 -27.09 19.07
N ALA A 142 9.60 -26.81 19.53
CA ALA A 142 9.31 -25.63 20.35
C ALA A 142 10.09 -25.59 21.66
N GLU A 143 10.22 -24.42 22.27
CA GLU A 143 10.98 -24.27 23.53
C GLU A 143 10.48 -25.32 24.53
N GLY A 144 9.15 -25.47 24.62
CA GLY A 144 8.58 -26.36 25.62
C GLY A 144 8.61 -27.83 25.28
N GLY A 145 9.09 -28.17 24.09
CA GLY A 145 8.90 -29.49 23.48
C GLY A 145 9.55 -30.64 24.23
N ARG A 146 8.74 -31.62 24.56
CA ARG A 146 9.14 -32.71 25.40
C ARG A 146 9.27 -33.91 24.48
N ARG A 147 10.06 -33.77 23.43
CA ARG A 147 10.29 -34.85 22.49
C ARG A 147 11.71 -35.29 22.64
N GLU A 148 11.92 -36.60 22.54
CA GLU A 148 13.25 -37.20 22.47
C GLU A 148 13.15 -38.43 21.59
N GLY A 149 14.30 -39.03 21.27
CA GLY A 149 14.33 -40.33 20.62
C GLY A 149 14.84 -40.30 19.20
N LEU A 150 15.44 -39.20 18.81
CA LEU A 150 15.87 -39.05 17.42
C LEU A 150 17.23 -39.69 17.19
N PRO A 151 17.42 -40.33 16.03
CA PRO A 151 18.76 -40.81 15.68
C PRO A 151 19.86 -39.78 15.95
N GLU A 152 21.01 -40.24 16.43
CA GLU A 152 22.20 -39.38 16.54
C GLU A 152 22.61 -38.80 15.21
N SER A 153 22.28 -39.48 14.11
CA SER A 153 22.58 -38.96 12.76
C SER A 153 21.85 -37.63 12.49
N VAL A 154 20.77 -37.38 13.23
CA VAL A 154 20.00 -36.19 12.97
C VAL A 154 20.29 -35.06 13.99
N GLY A 155 20.72 -33.93 13.46
CA GLY A 155 20.83 -32.71 14.23
C GLY A 155 19.58 -32.40 15.04
N THR A 156 19.78 -31.84 16.23
CA THR A 156 18.71 -31.58 17.19
C THR A 156 18.81 -30.15 17.70
N GLY A 157 17.70 -29.47 17.85
CA GLY A 157 17.72 -28.05 18.30
C GLY A 157 16.37 -27.60 18.81
N ARG A 158 16.29 -26.35 19.24
CA ARG A 158 15.05 -25.77 19.80
C ARG A 158 14.86 -24.31 19.43
N PHE A 159 13.60 -23.87 19.42
CA PHE A 159 13.32 -22.52 19.14
C PHE A 159 12.13 -22.01 19.89
N GLY A 160 12.20 -20.71 20.15
CA GLY A 160 11.16 -19.93 20.81
C GLY A 160 11.56 -18.44 20.73
N PRO A 161 10.80 -17.57 21.41
CA PRO A 161 10.99 -16.10 21.39
C PRO A 161 12.42 -15.70 21.72
N GLY A 162 13.03 -16.38 22.69
CA GLY A 162 14.40 -16.13 23.10
C GLY A 162 15.50 -16.47 22.12
N GLY A 163 15.20 -17.24 21.06
CA GLY A 163 16.18 -17.57 20.02
C GLY A 163 16.09 -19.00 19.53
N LEU A 164 17.02 -19.38 18.65
CA LEU A 164 17.14 -20.75 18.18
C LEU A 164 18.45 -21.35 18.70
N VAL A 165 18.37 -22.40 19.52
CA VAL A 165 19.59 -23.06 20.00
C VAL A 165 19.70 -24.53 19.52
N ILE A 166 20.85 -24.84 18.91
CA ILE A 166 21.19 -26.21 18.55
C ILE A 166 21.68 -26.99 19.80
N GLU A 167 21.28 -28.25 19.92
CA GLU A 167 21.80 -29.15 20.93
C GLU A 167 22.78 -30.14 20.28
N ARG A 168 22.32 -30.98 19.36
CA ARG A 168 23.23 -31.90 18.66
C ARG A 168 23.49 -31.37 17.24
N ALA A 169 24.74 -31.02 16.92
CA ALA A 169 25.03 -30.46 15.60
C ALA A 169 24.66 -31.43 14.48
N PRO A 170 24.09 -30.92 13.39
CA PRO A 170 23.79 -31.81 12.27
C PRO A 170 25.06 -32.16 11.55
N ARG A 171 25.12 -33.33 10.91
CA ARG A 171 26.21 -33.64 9.97
C ARG A 171 26.18 -32.60 8.85
N PRO A 172 27.32 -32.03 8.48
CA PRO A 172 27.32 -31.07 7.37
C PRO A 172 26.95 -31.68 6.01
N GLY A 173 26.36 -30.88 5.16
CA GLY A 173 26.02 -31.31 3.85
C GLY A 173 27.23 -31.27 2.94
N ARG A 174 26.96 -31.42 1.64
CA ARG A 174 27.96 -31.49 0.60
C ARG A 174 28.82 -30.23 0.40
N GLY A 175 28.33 -29.06 0.85
CA GLY A 175 28.91 -27.78 0.49
C GLY A 175 28.98 -27.56 -1.02
N PHE A 176 27.93 -27.92 -1.74
CA PHE A 176 27.92 -27.89 -3.19
C PHE A 176 26.88 -26.96 -3.85
N ARG A 177 25.68 -27.01 -3.33
CA ARG A 177 24.60 -26.21 -3.81
C ARG A 177 24.93 -24.75 -3.50
N ARG A 178 24.47 -23.85 -4.36
CA ARG A 178 24.82 -22.44 -4.22
C ARG A 178 23.67 -21.42 -4.35
N GLU A 179 22.58 -21.71 -5.08
CA GLU A 179 21.40 -20.82 -5.20
C GLU A 179 20.07 -21.52 -5.13
N VAL A 180 19.05 -20.89 -4.56
CA VAL A 180 17.67 -21.46 -4.51
C VAL A 180 16.79 -21.07 -5.67
N ALA A 181 16.28 -22.07 -6.39
CA ALA A 181 15.54 -21.79 -7.60
C ALA A 181 14.11 -21.97 -7.28
N PRO A 182 13.27 -21.20 -7.96
CA PRO A 182 11.86 -21.37 -7.77
C PRO A 182 11.38 -22.84 -7.81
N ALA A 183 11.89 -23.69 -8.70
CA ALA A 183 11.51 -25.13 -8.75
C ALA A 183 11.95 -26.01 -7.57
N ASP A 184 13.01 -25.59 -6.87
CA ASP A 184 13.50 -26.22 -5.63
C ASP A 184 12.43 -26.43 -4.55
N PRO A 185 12.59 -27.46 -3.67
CA PRO A 185 11.58 -27.65 -2.62
C PRO A 185 11.53 -26.51 -1.64
N ALA A 186 10.33 -26.27 -1.11
CA ALA A 186 10.12 -25.24 -0.12
C ALA A 186 9.64 -25.92 1.15
N TYR A 187 8.75 -26.90 1.03
CA TYR A 187 8.34 -27.70 2.19
C TYR A 187 7.84 -29.02 1.72
N MET A 188 7.66 -29.96 2.64
CA MET A 188 6.97 -31.21 2.39
C MET A 188 5.98 -31.57 3.49
N VAL A 189 4.74 -31.85 3.09
CA VAL A 189 3.69 -32.34 3.97
C VAL A 189 3.48 -33.88 3.86
N PHE A 190 3.38 -34.56 5.01
CA PHE A 190 3.34 -36.03 5.03
C PHE A 190 1.98 -36.62 5.49
N THR A 191 1.39 -37.50 4.64
CA THR A 191 0.15 -38.30 4.94
C THR A 191 0.45 -39.56 5.78
N PRO A 198 5.15 -43.66 4.20
CA PRO A 198 4.45 -42.36 4.38
C PRO A 198 4.71 -41.39 3.23
N LYS A 199 3.62 -40.87 2.66
CA LYS A 199 3.63 -40.06 1.45
C LYS A 199 3.92 -38.53 1.74
N GLY A 200 4.98 -38.01 1.18
CA GLY A 200 5.27 -36.61 1.34
C GLY A 200 4.95 -35.95 0.04
N VAL A 201 4.17 -34.90 0.11
CA VAL A 201 3.96 -34.05 -1.04
C VAL A 201 5.01 -32.98 -0.98
N VAL A 202 5.87 -32.92 -2.02
CA VAL A 202 6.97 -31.98 -2.16
C VAL A 202 6.49 -30.78 -2.98
N MET A 203 6.54 -29.59 -2.36
CA MET A 203 5.93 -28.32 -2.96
C MET A 203 7.01 -27.31 -3.22
N SER A 204 7.21 -26.91 -4.47
CA SER A 204 8.25 -25.91 -4.74
C SER A 204 7.93 -24.48 -4.22
N HIS A 205 8.91 -23.61 -4.24
CA HIS A 205 8.66 -22.20 -4.03
C HIS A 205 7.58 -21.63 -5.00
N ARG A 206 7.58 -22.03 -6.25
CA ARG A 206 6.59 -21.51 -7.13
C ARG A 206 5.24 -22.08 -6.82
N ALA A 207 5.11 -23.37 -6.70
CA ALA A 207 3.82 -23.88 -6.43
C ALA A 207 3.19 -23.02 -5.30
N ILE A 208 3.89 -22.77 -4.20
CA ILE A 208 3.22 -22.17 -3.03
C ILE A 208 2.92 -20.66 -3.29
N LEU A 209 3.76 -19.98 -4.04
CA LEU A 209 3.46 -18.62 -4.42
C LEU A 209 2.32 -18.50 -5.42
N SER A 210 2.11 -19.47 -6.31
CA SER A 210 0.97 -19.35 -7.24
C SER A 210 -0.30 -19.56 -6.50
N PHE A 211 -0.31 -20.57 -5.63
CA PHE A 211 -1.48 -20.73 -4.78
C PHE A 211 -1.71 -19.37 -4.00
N TYR A 212 -0.72 -18.87 -3.29
CA TYR A 212 -0.87 -17.59 -2.52
C TYR A 212 -1.40 -16.48 -3.44
N ARG A 213 -0.83 -16.35 -4.63
CA ARG A 213 -1.32 -15.35 -5.53
C ARG A 213 -2.76 -15.59 -5.99
N GLY A 214 -3.13 -16.84 -6.31
CA GLY A 214 -4.56 -17.19 -6.57
C GLY A 214 -5.52 -16.80 -5.41
N MET A 215 -5.14 -17.16 -4.20
CA MET A 215 -6.01 -17.00 -3.11
C MET A 215 -6.23 -15.51 -2.84
N LEU A 216 -5.19 -14.69 -2.93
CA LEU A 216 -5.30 -13.26 -2.51
C LEU A 216 -6.12 -12.47 -3.51
N SER A 217 -6.22 -13.00 -4.73
CA SER A 217 -7.00 -12.39 -5.79
C SER A 217 -8.43 -12.38 -5.43
N GLN A 218 -8.80 -13.03 -4.34
CA GLN A 218 -10.19 -13.16 -3.92
C GLN A 218 -10.59 -12.17 -2.81
N GLY A 219 -9.66 -11.41 -2.28
CA GLY A 219 -10.05 -10.38 -1.31
C GLY A 219 -10.86 -10.95 -0.16
N ILE A 220 -10.43 -12.09 0.37
CA ILE A 220 -11.10 -12.70 1.51
C ILE A 220 -10.86 -11.88 2.80
N VAL A 221 -9.84 -11.02 2.80
CA VAL A 221 -9.29 -10.46 4.04
C VAL A 221 -8.69 -9.09 3.75
N GLY A 222 -8.55 -8.26 4.79
CA GLY A 222 -7.90 -6.95 4.66
C GLY A 222 -6.74 -6.79 5.64
N PRO A 223 -6.04 -5.62 5.59
CA PRO A 223 -4.85 -5.42 6.46
C PRO A 223 -5.25 -5.19 7.92
N GLU A 224 -6.52 -4.87 8.14
CA GLU A 224 -7.03 -4.80 9.50
C GLU A 224 -7.56 -6.12 10.08
N SER A 225 -7.52 -7.20 9.28
CA SER A 225 -8.02 -8.50 9.71
C SER A 225 -7.13 -9.17 10.77
N ARG A 226 -7.78 -9.97 11.61
CA ARG A 226 -7.12 -10.82 12.60
C ARG A 226 -7.58 -12.28 12.32
N VAL A 227 -6.73 -13.02 11.60
CA VAL A 227 -7.05 -14.37 11.04
C VAL A 227 -6.80 -15.49 12.05
N ALA A 228 -7.87 -16.03 12.61
CA ALA A 228 -7.70 -17.10 13.59
C ALA A 228 -7.44 -18.45 12.85
N SER A 229 -6.28 -19.03 13.09
CA SER A 229 -5.82 -20.22 12.41
C SER A 229 -6.05 -21.41 13.35
N THR A 230 -6.86 -22.39 12.93
CA THR A 230 -7.18 -23.58 13.77
C THR A 230 -6.46 -24.89 13.42
N ALA A 231 -6.08 -25.06 12.16
CA ALA A 231 -5.55 -26.34 11.70
C ALA A 231 -4.33 -26.69 12.50
N PRO A 232 -3.93 -27.96 12.45
CA PRO A 232 -2.66 -28.36 13.00
C PRO A 232 -1.53 -27.95 12.10
N PHE A 233 -0.40 -27.59 12.70
CA PHE A 233 0.71 -27.12 11.95
C PHE A 233 1.13 -28.13 10.90
N GLN A 234 0.83 -29.41 11.08
CA GLN A 234 1.28 -30.41 10.07
C GLN A 234 0.47 -30.48 8.78
N PHE A 235 -0.76 -29.96 8.79
CA PHE A 235 -1.53 -29.69 7.56
C PHE A 235 -1.21 -28.34 6.93
N ASP A 236 -0.75 -28.42 5.71
CA ASP A 236 -1.08 -27.53 4.63
C ASP A 236 -1.96 -26.29 4.91
N PHE A 237 -2.97 -26.49 5.72
CA PHE A 237 -4.00 -25.49 5.98
C PHE A 237 -3.40 -24.37 6.83
N SER A 238 -2.54 -24.77 7.77
CA SER A 238 -1.85 -23.79 8.56
C SER A 238 -1.11 -22.81 7.65
N LEU A 239 -0.52 -23.32 6.58
CA LEU A 239 0.28 -22.48 5.70
C LEU A 239 -0.58 -21.60 4.84
N LEU A 240 -1.77 -22.11 4.56
CA LEU A 240 -2.75 -21.38 3.82
C LEU A 240 -3.14 -20.19 4.69
N ASP A 241 -3.47 -20.45 5.95
CA ASP A 241 -3.81 -19.40 6.94
C ASP A 241 -2.72 -18.31 7.03
N ILE A 242 -1.48 -18.75 7.18
CA ILE A 242 -0.36 -17.84 7.29
C ILE A 242 -0.19 -16.97 6.03
N GLY A 243 -0.37 -17.55 4.86
CA GLY A 243 -0.19 -16.79 3.62
C GLY A 243 -1.33 -15.78 3.45
N LEU A 244 -2.54 -16.22 3.76
CA LEU A 244 -3.70 -15.36 3.70
C LEU A 244 -3.51 -14.05 4.50
N ALA A 245 -3.12 -14.23 5.77
CA ALA A 245 -2.94 -13.13 6.70
C ALA A 245 -1.70 -12.37 6.32
N LEU A 246 -0.53 -12.97 6.44
CA LEU A 246 0.68 -12.21 6.16
C LEU A 246 0.71 -11.58 4.76
N GLY A 247 0.15 -12.27 3.77
CA GLY A 247 0.23 -11.80 2.41
C GLY A 247 -0.76 -10.66 2.17
N SER A 248 -1.66 -10.50 3.11
CA SER A 248 -2.61 -9.42 3.07
C SER A 248 -2.27 -8.29 4.07
N GLY A 249 -1.13 -8.39 4.78
CA GLY A 249 -0.72 -7.43 5.78
C GLY A 249 -1.50 -7.60 7.07
N ALA A 250 -2.10 -8.75 7.26
CA ALA A 250 -3.03 -8.92 8.38
C ALA A 250 -2.27 -9.54 9.53
N THR A 251 -3.01 -10.01 10.53
CA THR A 251 -2.40 -10.60 11.71
C THR A 251 -2.77 -12.07 11.84
N VAL A 252 -1.80 -12.93 12.07
CA VAL A 252 -2.13 -14.31 12.33
C VAL A 252 -2.49 -14.47 13.78
N VAL A 253 -3.66 -15.00 14.07
CA VAL A 253 -4.02 -15.38 15.44
C VAL A 253 -3.98 -16.92 15.54
N PRO A 254 -2.91 -17.45 16.13
CA PRO A 254 -2.86 -18.86 16.43
C PRO A 254 -3.88 -19.31 17.48
N VAL A 255 -4.81 -20.18 17.12
CA VAL A 255 -5.79 -20.68 18.09
C VAL A 255 -5.25 -21.96 18.74
N PRO A 256 -5.02 -21.94 20.07
CA PRO A 256 -4.45 -23.09 20.77
C PRO A 256 -5.42 -24.20 20.63
N ARG A 257 -4.96 -25.35 20.16
CA ARG A 257 -5.86 -26.40 19.71
C ARG A 257 -6.63 -27.01 20.86
N ALA A 258 -5.95 -27.18 22.00
CA ALA A 258 -6.63 -27.53 23.27
C ALA A 258 -8.09 -27.10 23.29
N LEU A 259 -8.31 -25.81 23.01
CA LEU A 259 -9.59 -25.14 23.02
C LEU A 259 -10.70 -25.75 22.19
N LEU A 260 -10.38 -26.62 21.25
CA LEU A 260 -11.46 -27.23 20.44
C LEU A 260 -12.39 -28.16 21.22
N ARG A 261 -11.95 -28.70 22.34
CA ARG A 261 -12.88 -29.47 23.17
C ARG A 261 -13.23 -28.72 24.43
N TRP A 262 -13.84 -27.55 24.20
CA TRP A 262 -14.29 -26.60 25.23
C TRP A 262 -14.92 -25.41 24.50
N PRO A 263 -16.02 -25.63 23.77
CA PRO A 263 -16.50 -24.65 22.85
C PRO A 263 -16.64 -23.25 23.42
N ARG A 264 -16.93 -23.17 24.70
CA ARG A 264 -17.04 -21.88 25.36
C ARG A 264 -15.66 -21.21 25.43
N ARG A 265 -14.67 -21.90 25.98
CA ARG A 265 -13.31 -21.38 26.08
C ARG A 265 -12.77 -20.94 24.69
N PHE A 266 -13.20 -21.66 23.65
CA PHE A 266 -12.83 -21.39 22.26
C PHE A 266 -13.53 -20.15 21.69
N VAL A 267 -14.76 -19.92 22.10
CA VAL A 267 -15.43 -18.70 21.72
C VAL A 267 -14.85 -17.49 22.47
N ARG A 268 -14.61 -17.59 23.77
CA ARG A 268 -13.98 -16.49 24.53
C ARG A 268 -12.61 -16.15 23.96
N PHE A 269 -11.92 -17.15 23.43
CA PHE A 269 -10.64 -16.89 22.82
C PHE A 269 -10.82 -16.07 21.57
N LEU A 270 -11.81 -16.41 20.76
CA LEU A 270 -12.10 -15.62 19.58
C LEU A 270 -12.56 -14.21 19.93
N ARG A 271 -13.25 -14.08 21.06
CA ARG A 271 -13.76 -12.80 21.57
C ARG A 271 -12.58 -11.91 21.92
N ASP A 272 -11.71 -12.40 22.81
CA ASP A 272 -10.61 -11.62 23.39
C ASP A 272 -9.50 -11.33 22.42
N SER A 273 -9.27 -12.26 21.48
CA SER A 273 -8.26 -12.08 20.43
C SER A 273 -8.81 -11.11 19.39
N GLU A 274 -10.13 -10.91 19.41
CA GLU A 274 -10.82 -10.02 18.48
C GLU A 274 -10.61 -10.48 17.04
N ALA A 275 -10.72 -11.77 16.81
CA ALA A 275 -10.57 -12.35 15.49
C ALA A 275 -11.66 -11.83 14.58
N THR A 276 -11.32 -11.58 13.30
CA THR A 276 -12.27 -11.11 12.29
C THR A 276 -12.47 -12.11 11.15
N GLN A 277 -11.49 -12.96 10.96
CA GLN A 277 -11.56 -14.07 10.03
C GLN A 277 -11.30 -15.33 10.86
N VAL A 278 -12.08 -16.37 10.65
CA VAL A 278 -11.82 -17.61 11.36
C VAL A 278 -11.74 -18.74 10.37
N ASN A 279 -10.64 -19.46 10.39
CA ASN A 279 -10.43 -20.51 9.42
C ASN A 279 -10.36 -21.87 10.08
N GLY A 280 -10.91 -22.88 9.42
CA GLY A 280 -10.80 -24.23 9.97
C GLY A 280 -11.64 -25.26 9.25
N ALA A 281 -11.56 -26.52 9.65
CA ALA A 281 -12.49 -27.52 9.14
C ALA A 281 -13.87 -27.12 9.64
N PRO A 282 -14.90 -27.44 8.87
CA PRO A 282 -16.24 -27.18 9.40
C PRO A 282 -16.41 -27.56 10.88
N SER A 283 -15.85 -28.72 11.27
CA SER A 283 -16.10 -29.31 12.57
C SER A 283 -15.66 -28.47 13.73
N ILE A 284 -14.78 -27.51 13.50
CA ILE A 284 -14.40 -26.57 14.59
C ILE A 284 -15.57 -25.75 15.20
N TRP A 285 -16.66 -25.66 14.45
CA TRP A 285 -17.84 -24.94 14.84
C TRP A 285 -18.89 -25.78 15.56
N ARG A 286 -18.77 -27.11 15.46
CA ARG A 286 -19.81 -28.05 15.92
C ARG A 286 -20.27 -27.79 17.36
N GLY A 287 -19.34 -27.78 18.29
CA GLY A 287 -19.64 -27.57 19.71
C GLY A 287 -20.34 -26.25 19.98
N ALA A 288 -19.80 -25.15 19.44
CA ALA A 288 -20.39 -23.84 19.68
C ALA A 288 -21.83 -23.72 19.12
N LEU A 289 -22.06 -24.18 17.89
CA LEU A 289 -23.43 -24.18 17.30
C LEU A 289 -24.42 -25.09 18.05
N ARG A 290 -23.89 -26.13 18.69
CA ARG A 290 -24.70 -27.15 19.33
C ARG A 290 -24.98 -26.72 20.77
N HIS A 291 -23.98 -26.25 21.49
CA HIS A 291 -24.10 -26.03 22.92
C HIS A 291 -23.91 -24.58 23.36
N GLU A 292 -23.52 -23.67 22.47
CA GLU A 292 -23.10 -22.34 22.93
C GLU A 292 -23.38 -21.24 21.91
N ALA A 293 -24.54 -21.33 21.28
CA ALA A 293 -24.89 -20.48 20.16
C ALA A 293 -25.12 -19.04 20.59
N ASP A 294 -25.39 -18.84 21.87
CA ASP A 294 -25.71 -17.50 22.38
C ASP A 294 -24.44 -16.70 22.53
N GLU A 295 -23.47 -17.31 23.20
CA GLU A 295 -22.13 -16.73 23.33
C GLU A 295 -21.51 -16.41 21.97
N LEU A 296 -21.63 -17.36 21.04
CA LEU A 296 -21.01 -17.27 19.72
C LEU A 296 -21.55 -16.10 18.93
N ALA A 297 -22.87 -15.95 18.95
CA ALA A 297 -23.56 -14.83 18.32
C ALA A 297 -23.18 -13.48 18.93
N ALA A 298 -22.66 -13.47 20.16
CA ALA A 298 -22.07 -12.26 20.75
C ALA A 298 -20.83 -11.76 19.98
N LEU A 299 -20.25 -12.61 19.14
CA LEU A 299 -19.16 -12.23 18.23
C LEU A 299 -19.63 -11.79 16.86
N GLY A 300 -20.96 -11.84 16.63
CA GLY A 300 -21.56 -11.58 15.31
C GLY A 300 -21.19 -10.28 14.64
N GLY A 301 -20.90 -9.25 15.45
CA GLY A 301 -20.54 -7.92 14.93
C GLY A 301 -19.07 -7.79 14.56
N ARG A 302 -18.22 -8.60 15.18
CA ARG A 302 -16.78 -8.55 14.96
C ARG A 302 -16.25 -9.47 13.80
N ILE A 303 -16.88 -10.65 13.57
CA ILE A 303 -16.39 -11.63 12.61
C ILE A 303 -16.99 -11.41 11.24
N ARG A 304 -16.13 -11.11 10.28
CA ARG A 304 -16.58 -10.75 8.94
C ARG A 304 -16.32 -11.85 7.92
N GLY A 305 -15.63 -12.90 8.33
CA GLY A 305 -15.34 -13.99 7.44
C GLY A 305 -15.01 -15.31 8.11
N VAL A 306 -15.41 -16.39 7.45
CA VAL A 306 -15.12 -17.71 7.92
C VAL A 306 -14.77 -18.57 6.73
N LEU A 307 -13.69 -19.31 6.82
CA LEU A 307 -13.27 -20.15 5.72
C LEU A 307 -13.17 -21.61 6.16
N PHE A 308 -13.57 -22.52 5.29
CA PHE A 308 -13.50 -23.95 5.58
C PHE A 308 -12.99 -24.70 4.38
N SER A 309 -12.24 -25.77 4.63
CA SER A 309 -11.92 -26.76 3.59
C SER A 309 -11.80 -28.11 4.18
N GLY A 310 -11.58 -29.10 3.34
CA GLY A 310 -11.35 -30.45 3.83
C GLY A 310 -12.51 -31.39 3.66
N GLU A 311 -13.60 -31.10 4.39
CA GLU A 311 -14.88 -31.85 4.35
C GLU A 311 -15.95 -30.88 3.83
N PRO A 312 -17.05 -31.41 3.31
CA PRO A 312 -18.22 -30.53 3.10
C PRO A 312 -18.81 -30.00 4.41
N PHE A 313 -19.41 -28.82 4.36
CA PHE A 313 -20.12 -28.24 5.52
C PHE A 313 -21.60 -28.71 5.48
N PRO A 314 -22.06 -29.41 6.55
CA PRO A 314 -23.46 -29.84 6.52
C PRO A 314 -24.36 -28.65 6.63
N LEU A 315 -25.40 -28.61 5.82
CA LEU A 315 -26.19 -27.37 5.66
C LEU A 315 -26.92 -26.87 6.92
N PRO A 316 -27.64 -27.75 7.64
CA PRO A 316 -28.08 -27.37 8.98
C PRO A 316 -27.09 -26.48 9.74
N GLU A 317 -25.84 -26.94 9.88
CA GLU A 317 -24.80 -26.20 10.61
C GLU A 317 -24.36 -24.92 9.91
N VAL A 318 -24.30 -24.95 8.58
CA VAL A 318 -23.92 -23.74 7.84
C VAL A 318 -24.97 -22.65 8.12
N ARG A 319 -26.25 -23.01 8.09
CA ARG A 319 -27.34 -22.07 8.35
C ARG A 319 -27.28 -21.55 9.76
N ALA A 320 -27.12 -22.47 10.71
CA ALA A 320 -26.91 -22.07 12.09
C ALA A 320 -25.80 -21.00 12.21
N LEU A 321 -24.70 -21.20 11.51
CA LEU A 321 -23.54 -20.33 11.66
C LEU A 321 -23.77 -18.97 10.99
N GLN A 322 -24.42 -18.99 9.82
CA GLN A 322 -24.86 -17.79 9.17
C GLN A 322 -25.70 -16.92 10.10
N GLN A 323 -26.67 -17.53 10.78
CA GLN A 323 -27.51 -16.81 11.71
C GLN A 323 -26.80 -16.32 12.96
N ALA A 324 -25.90 -17.12 13.50
CA ALA A 324 -25.13 -16.68 14.65
C ALA A 324 -24.16 -15.55 14.30
N LEU A 325 -23.62 -15.58 13.07
CA LEU A 325 -22.67 -14.56 12.60
C LEU A 325 -23.21 -13.92 11.34
N PRO A 326 -24.02 -12.88 11.49
CA PRO A 326 -24.74 -12.38 10.32
C PRO A 326 -23.90 -11.53 9.38
N LEU A 327 -22.77 -11.00 9.85
CA LEU A 327 -21.87 -10.24 8.98
C LEU A 327 -20.88 -11.09 8.21
N ALA A 328 -20.74 -12.36 8.61
CA ALA A 328 -19.69 -13.26 8.10
C ALA A 328 -19.87 -13.66 6.65
N ARG A 329 -18.84 -13.44 5.85
CA ARG A 329 -18.73 -14.05 4.53
C ARG A 329 -18.15 -15.46 4.71
N ILE A 330 -18.89 -16.47 4.35
CA ILE A 330 -18.41 -17.84 4.53
C ILE A 330 -17.92 -18.33 3.20
N VAL A 331 -16.64 -18.72 3.14
CA VAL A 331 -16.09 -19.18 1.86
C VAL A 331 -15.59 -20.59 1.93
N ASN A 332 -16.03 -21.36 0.94
CA ASN A 332 -15.72 -22.81 0.80
C ASN A 332 -14.46 -22.90 0.02
N CYS A 333 -13.39 -23.28 0.71
CA CYS A 333 -12.12 -23.54 0.05
C CYS A 333 -12.09 -25.06 -0.38
N PHE A 334 -12.09 -25.36 -1.69
CA PHE A 334 -11.96 -26.73 -2.20
C PHE A 334 -10.66 -26.92 -2.92
N GLY A 335 -9.95 -28.01 -2.57
CA GLY A 335 -8.85 -28.53 -3.37
C GLY A 335 -7.99 -29.43 -2.53
N SER A 336 -6.69 -29.48 -2.84
CA SER A 336 -5.83 -30.51 -2.27
C SER A 336 -4.44 -30.05 -2.01
N THR A 337 -3.87 -30.61 -0.95
CA THR A 337 -2.45 -30.47 -0.61
C THR A 337 -1.62 -30.40 -1.87
N GLU A 338 -1.78 -31.35 -2.77
CA GLU A 338 -1.03 -31.33 -4.01
C GLU A 338 -1.08 -30.02 -4.76
N SER A 339 -1.99 -29.09 -4.37
CA SER A 339 -1.88 -27.66 -4.81
C SER A 339 -2.29 -26.61 -3.73
N VAL A 340 -2.22 -27.07 -2.47
CA VAL A 340 -2.87 -26.48 -1.33
C VAL A 340 -4.37 -26.61 -1.50
N ALA A 341 -4.84 -25.92 -2.55
CA ALA A 341 -6.23 -25.86 -2.92
C ALA A 341 -6.40 -25.19 -4.28
N ALA A 342 -7.66 -25.07 -4.69
CA ALA A 342 -8.03 -24.76 -6.09
C ALA A 342 -9.11 -23.70 -6.23
N SER A 343 -10.13 -23.76 -5.39
CA SER A 343 -11.28 -22.91 -5.55
C SER A 343 -11.75 -22.33 -4.23
N PHE A 344 -12.20 -21.07 -4.31
CA PHE A 344 -12.82 -20.35 -3.19
C PHE A 344 -14.20 -19.88 -3.62
N THR A 345 -15.23 -20.14 -2.82
CA THR A 345 -16.60 -20.07 -3.32
C THR A 345 -17.52 -19.59 -2.21
N ASP A 346 -18.20 -18.51 -2.47
CA ASP A 346 -18.94 -17.89 -1.43
C ASP A 346 -20.17 -18.72 -1.19
N VAL A 347 -20.41 -19.04 0.08
CA VAL A 347 -21.66 -19.64 0.49
C VAL A 347 -22.78 -18.59 0.43
N PRO A 348 -23.88 -18.89 -0.28
CA PRO A 348 -24.84 -17.85 -0.51
C PRO A 348 -25.56 -17.50 0.79
N ARG A 349 -25.93 -16.24 0.98
CA ARG A 349 -26.68 -15.81 2.20
C ARG A 349 -28.13 -15.26 1.97
N PRO A 350 -29.13 -15.90 2.59
CA PRO A 350 -29.05 -17.21 3.25
C PRO A 350 -29.04 -18.34 2.22
N VAL A 351 -28.79 -19.56 2.69
CA VAL A 351 -28.72 -20.71 1.85
C VAL A 351 -30.12 -21.11 1.42
N PRO A 352 -30.39 -21.07 0.12
CA PRO A 352 -31.75 -21.42 -0.31
C PRO A 352 -32.21 -22.76 0.30
N ASP A 353 -33.51 -22.91 0.60
CA ASP A 353 -33.98 -24.03 1.47
C ASP A 353 -33.83 -25.41 0.84
N GLY A 354 -33.89 -25.47 -0.48
CA GLY A 354 -33.79 -26.74 -1.20
C GLY A 354 -32.45 -26.90 -1.89
N LEU A 355 -31.41 -26.36 -1.26
CA LEU A 355 -30.03 -26.53 -1.71
C LEU A 355 -29.48 -27.63 -0.83
N THR A 356 -29.13 -28.78 -1.42
CA THR A 356 -28.53 -29.89 -0.66
C THR A 356 -26.99 -29.88 -0.65
N LYS A 357 -26.38 -29.07 -1.53
CA LYS A 357 -24.91 -29.02 -1.62
C LYS A 357 -24.46 -27.61 -1.94
N LEU A 358 -23.36 -27.18 -1.34
CA LEU A 358 -22.77 -25.89 -1.67
C LEU A 358 -21.90 -26.08 -2.91
N SER A 359 -21.74 -25.05 -3.73
CA SER A 359 -20.86 -25.10 -4.91
C SER A 359 -19.40 -24.94 -4.48
N ILE A 360 -18.51 -25.42 -5.32
CA ILE A 360 -17.10 -25.33 -5.13
C ILE A 360 -16.55 -24.51 -6.26
N GLY A 361 -17.44 -23.84 -6.99
CA GLY A 361 -17.08 -22.74 -7.89
C GLY A 361 -16.27 -23.10 -9.11
N HIS A 362 -15.25 -22.31 -9.36
CA HIS A 362 -14.32 -22.57 -10.45
C HIS A 362 -12.93 -22.20 -9.91
N ALA A 363 -11.90 -22.73 -10.57
CA ALA A 363 -10.56 -22.46 -10.10
C ALA A 363 -10.27 -20.92 -9.94
N HIS A 364 -9.37 -20.58 -9.03
CA HIS A 364 -8.94 -19.21 -8.85
C HIS A 364 -8.29 -18.79 -10.11
N PRO A 365 -8.16 -17.47 -10.30
CA PRO A 365 -7.53 -16.96 -11.48
C PRO A 365 -6.22 -17.70 -11.74
N GLY A 366 -5.93 -18.01 -12.98
CA GLY A 366 -4.69 -18.75 -13.28
C GLY A 366 -4.78 -20.25 -12.97
N ALA A 367 -5.97 -20.75 -12.63
CA ALA A 367 -6.14 -22.16 -12.54
C ALA A 367 -7.40 -22.66 -13.27
N GLU A 368 -7.42 -23.96 -13.60
CA GLU A 368 -8.54 -24.62 -14.25
C GLU A 368 -8.67 -26.10 -13.80
N MET A 369 -9.83 -26.45 -13.28
CA MET A 369 -10.17 -27.85 -12.94
C MET A 369 -10.93 -28.46 -14.08
N MET A 370 -10.26 -29.26 -14.91
CA MET A 370 -10.92 -29.79 -16.09
C MET A 370 -11.66 -31.04 -15.72
N LEU A 371 -12.83 -31.18 -16.30
CA LEU A 371 -13.61 -32.37 -16.12
C LEU A 371 -13.36 -33.29 -17.30
N LEU A 372 -12.83 -34.48 -17.05
CA LEU A 372 -12.57 -35.46 -18.10
C LEU A 372 -13.33 -36.73 -17.83
N ASP A 373 -13.74 -37.42 -18.88
CA ASP A 373 -14.34 -38.76 -18.71
C ASP A 373 -13.31 -39.87 -18.49
N ASP A 374 -13.79 -41.10 -18.25
CA ASP A 374 -12.95 -42.30 -18.05
C ASP A 374 -11.77 -42.42 -19.03
N ASP A 375 -11.93 -41.99 -20.29
CA ASP A 375 -10.84 -42.12 -21.28
C ASP A 375 -10.15 -40.80 -21.48
N GLY A 376 -10.23 -39.95 -20.46
CA GLY A 376 -9.62 -38.63 -20.52
C GLY A 376 -10.13 -37.75 -21.64
N VAL A 377 -11.39 -37.90 -22.05
CA VAL A 377 -11.97 -37.07 -23.10
C VAL A 377 -12.80 -35.97 -22.39
N PRO A 378 -12.67 -34.70 -22.84
CA PRO A 378 -13.29 -33.60 -22.02
C PRO A 378 -14.82 -33.67 -21.97
N VAL A 379 -15.38 -33.29 -20.83
CA VAL A 379 -16.79 -33.22 -20.65
C VAL A 379 -17.22 -31.78 -20.87
N THR A 380 -18.02 -31.55 -21.92
CA THR A 380 -18.49 -30.20 -22.27
C THR A 380 -19.93 -29.97 -21.87
N GLU A 381 -20.66 -31.07 -21.68
CA GLU A 381 -22.09 -31.03 -21.23
C GLU A 381 -22.28 -30.60 -19.76
N PRO A 382 -23.15 -29.63 -19.53
CA PRO A 382 -23.44 -29.34 -18.13
C PRO A 382 -24.14 -30.48 -17.42
N GLY A 383 -23.96 -30.54 -16.12
CA GLY A 383 -24.58 -31.55 -15.31
C GLY A 383 -24.03 -32.95 -15.42
N VAL A 384 -23.08 -33.18 -16.31
CA VAL A 384 -22.41 -34.46 -16.39
C VAL A 384 -21.15 -34.55 -15.46
N THR A 385 -21.07 -35.63 -14.68
CA THR A 385 -19.94 -35.86 -13.80
C THR A 385 -18.70 -36.28 -14.57
N GLY A 386 -17.54 -35.75 -14.14
CA GLY A 386 -16.22 -35.95 -14.81
C GLY A 386 -15.16 -36.00 -13.75
N HIS A 387 -13.91 -36.35 -14.12
N HIS A 387 -13.93 -36.31 -14.13
CA HIS A 387 -12.79 -36.50 -13.16
CA HIS A 387 -12.82 -36.42 -13.19
C HIS A 387 -11.98 -35.22 -13.25
C HIS A 387 -12.00 -35.19 -13.26
N ILE A 388 -11.82 -34.50 -12.13
CA ILE A 388 -11.14 -33.21 -12.14
C ILE A 388 -9.67 -33.40 -12.41
N HIS A 389 -9.17 -32.71 -13.45
CA HIS A 389 -7.76 -32.63 -13.72
C HIS A 389 -7.38 -31.18 -13.64
N LEU A 390 -6.49 -30.86 -12.68
CA LEU A 390 -6.11 -29.49 -12.31
C LEU A 390 -4.86 -29.02 -13.05
N ARG A 391 -4.92 -27.81 -13.61
CA ARG A 391 -3.77 -27.20 -14.23
C ARG A 391 -3.60 -25.78 -13.68
N SER A 392 -2.39 -25.49 -13.22
CA SER A 392 -2.13 -24.32 -12.37
C SER A 392 -0.66 -24.03 -12.38
N GLY A 393 -0.29 -22.98 -11.68
CA GLY A 393 1.10 -22.73 -11.36
C GLY A 393 1.47 -23.27 -9.98
N SER A 394 0.58 -24.03 -9.36
CA SER A 394 0.61 -24.37 -7.95
C SER A 394 0.98 -25.85 -7.65
N LEU A 395 1.12 -26.66 -8.69
CA LEU A 395 1.18 -28.15 -8.49
C LEU A 395 2.43 -28.64 -7.71
N PHE A 396 2.17 -29.62 -6.80
CA PHE A 396 3.29 -30.33 -6.12
C PHE A 396 4.31 -30.82 -7.12
N THR A 397 5.58 -30.86 -6.71
CA THR A 397 6.62 -31.29 -7.62
C THR A 397 6.50 -32.82 -7.90
N GLY A 398 6.15 -33.57 -6.87
CA GLY A 398 6.03 -35.05 -6.91
C GLY A 398 5.86 -35.55 -5.49
N TYR A 399 5.68 -36.85 -5.35
CA TYR A 399 5.67 -37.46 -4.03
C TYR A 399 7.08 -37.97 -3.71
N TRP A 400 7.50 -37.77 -2.48
CA TRP A 400 8.86 -38.06 -2.05
C TRP A 400 9.24 -39.56 -2.20
N GLY A 401 10.20 -39.79 -3.07
CA GLY A 401 10.82 -41.09 -3.20
C GLY A 401 9.86 -42.09 -3.77
N ASP A 402 8.87 -41.61 -4.52
CA ASP A 402 7.79 -42.44 -5.02
C ASP A 402 7.37 -41.96 -6.39
N PRO A 403 8.20 -42.18 -7.37
CA PRO A 403 7.90 -41.71 -8.73
C PRO A 403 6.69 -42.32 -9.37
N GLU A 404 6.35 -43.55 -9.01
CA GLU A 404 5.27 -44.28 -9.64
C GLU A 404 3.96 -43.63 -9.29
N ALA A 405 3.79 -43.32 -8.00
CA ALA A 405 2.66 -42.49 -7.52
C ALA A 405 2.70 -41.11 -8.14
N THR A 406 3.87 -40.53 -8.24
CA THR A 406 3.98 -39.25 -8.84
C THR A 406 3.44 -39.29 -10.29
N ALA A 407 3.71 -40.40 -10.99
CA ALA A 407 3.40 -40.50 -12.44
C ALA A 407 1.95 -40.84 -12.73
N ARG A 408 1.30 -41.43 -11.73
CA ARG A 408 -0.14 -41.70 -11.72
C ARG A 408 -0.93 -40.44 -11.40
N ALA A 409 -0.37 -39.58 -10.54
CA ALA A 409 -1.02 -38.32 -10.15
C ALA A 409 -0.79 -37.21 -11.15
N LEU A 410 0.44 -36.98 -11.59
CA LEU A 410 0.68 -35.90 -12.52
C LEU A 410 0.84 -36.52 -13.89
N VAL A 411 -0.27 -36.64 -14.60
CA VAL A 411 -0.31 -37.30 -15.89
C VAL A 411 -0.10 -36.35 -17.03
N PRO A 412 0.32 -36.85 -18.17
CA PRO A 412 0.49 -35.93 -19.30
C PRO A 412 -0.87 -35.32 -19.55
N ASP A 413 -0.92 -34.13 -20.11
CA ASP A 413 -2.17 -33.43 -20.19
C ASP A 413 -2.96 -33.97 -21.34
N PRO A 414 -4.07 -34.66 -21.07
CA PRO A 414 -4.89 -35.32 -22.07
C PRO A 414 -5.48 -34.40 -23.10
N THR A 415 -5.66 -33.14 -22.75
CA THR A 415 -6.22 -32.17 -23.70
C THR A 415 -5.20 -31.75 -24.71
N ASN A 416 -3.91 -31.95 -24.42
CA ASN A 416 -2.80 -31.45 -25.29
C ASN A 416 -1.48 -32.09 -24.88
N PRO A 417 -1.33 -33.41 -25.07
CA PRO A 417 -0.24 -34.18 -24.44
C PRO A 417 1.13 -33.93 -25.06
N MET A 418 1.17 -33.41 -26.29
CA MET A 418 2.42 -33.15 -26.94
C MET A 418 3.21 -31.98 -26.37
N THR A 419 2.61 -31.14 -25.52
CA THR A 419 3.35 -30.01 -24.94
C THR A 419 4.39 -30.46 -23.93
N GLY A 420 4.17 -31.56 -23.26
CA GLY A 420 5.08 -32.00 -22.23
C GLY A 420 4.48 -31.64 -20.92
N GLN A 421 3.42 -30.84 -20.94
CA GLN A 421 2.87 -30.28 -19.71
C GLN A 421 2.11 -31.30 -18.92
N THR A 422 2.22 -31.19 -17.62
CA THR A 422 1.65 -32.17 -16.78
C THR A 422 0.49 -31.60 -16.00
N VAL A 423 -0.38 -32.48 -15.53
CA VAL A 423 -1.68 -32.04 -15.03
C VAL A 423 -2.04 -33.01 -13.94
N PHE A 424 -2.76 -32.53 -12.93
CA PHE A 424 -2.96 -33.30 -11.67
C PHE A 424 -4.31 -34.05 -11.64
N ARG A 425 -4.25 -35.38 -11.64
CA ARG A 425 -5.39 -36.25 -11.65
C ARG A 425 -5.93 -36.39 -10.21
N THR A 426 -6.89 -35.56 -9.86
CA THR A 426 -7.22 -35.37 -8.46
C THR A 426 -7.86 -36.52 -7.73
N GLY A 427 -8.52 -37.39 -8.46
CA GLY A 427 -9.37 -38.42 -7.83
C GLY A 427 -10.71 -37.91 -7.32
N ASP A 428 -11.07 -36.71 -7.73
CA ASP A 428 -12.32 -36.10 -7.32
C ASP A 428 -13.22 -35.97 -8.53
N LEU A 429 -14.50 -36.26 -8.31
CA LEU A 429 -15.52 -36.15 -9.34
C LEU A 429 -16.29 -34.86 -9.14
N ALA A 430 -16.77 -34.29 -10.24
CA ALA A 430 -17.64 -33.11 -10.18
C ALA A 430 -18.38 -32.92 -11.48
N HIS A 431 -19.47 -32.17 -11.43
CA HIS A 431 -20.16 -31.76 -12.62
C HIS A 431 -20.30 -30.22 -12.56
N ARG A 432 -20.60 -29.64 -13.71
CA ARG A 432 -20.61 -28.20 -13.83
C ARG A 432 -21.98 -27.82 -14.25
N ASP A 433 -22.44 -26.68 -13.73
CA ASP A 433 -23.71 -26.18 -14.20
C ASP A 433 -23.50 -25.25 -15.39
N ALA A 434 -24.61 -24.79 -15.94
CA ALA A 434 -24.63 -23.98 -17.15
C ALA A 434 -23.98 -22.62 -16.94
N THR A 435 -23.80 -22.20 -15.69
CA THR A 435 -23.12 -20.90 -15.37
C THR A 435 -21.63 -21.10 -15.19
N GLY A 436 -21.22 -22.36 -15.31
CA GLY A 436 -19.82 -22.76 -15.16
C GLY A 436 -19.34 -23.09 -13.74
N GLU A 437 -20.24 -23.30 -12.77
CA GLU A 437 -19.89 -23.66 -11.40
C GLU A 437 -19.87 -25.21 -11.10
N LEU A 438 -18.98 -25.62 -10.21
CA LEU A 438 -18.75 -27.00 -9.96
C LEU A 438 -19.46 -27.45 -8.70
N TYR A 439 -19.86 -28.74 -8.70
CA TYR A 439 -20.44 -29.38 -7.57
C TYR A 439 -19.65 -30.63 -7.42
N PHE A 440 -19.15 -30.78 -6.19
CA PHE A 440 -18.42 -31.98 -5.81
C PHE A 440 -19.28 -33.26 -5.75
N ASP A 441 -18.91 -34.24 -6.57
CA ASP A 441 -19.64 -35.51 -6.60
C ASP A 441 -18.95 -36.63 -5.85
N GLY A 442 -17.88 -36.37 -5.10
CA GLY A 442 -17.21 -37.42 -4.31
C GLY A 442 -15.98 -37.98 -5.01
N ARG A 443 -15.46 -39.10 -4.51
CA ARG A 443 -14.20 -39.66 -5.00
C ARG A 443 -14.37 -40.77 -6.03
N ALA A 444 -13.37 -40.97 -6.86
CA ALA A 444 -13.33 -42.08 -7.83
C ALA A 444 -12.73 -43.34 -7.24
N ASP A 445 -12.01 -43.21 -6.13
CA ASP A 445 -11.48 -44.33 -5.36
C ASP A 445 -12.25 -44.44 -4.05
N ASN A 446 -11.60 -44.87 -2.97
CA ASN A 446 -12.27 -45.08 -1.69
C ASN A 446 -11.61 -44.22 -0.65
N GLN A 447 -11.07 -43.12 -1.10
CA GLN A 447 -10.38 -42.26 -0.21
C GLN A 447 -11.46 -41.63 0.64
N VAL A 448 -11.12 -41.47 1.90
CA VAL A 448 -12.05 -41.01 2.90
C VAL A 448 -11.29 -39.97 3.71
N LYS A 449 -11.99 -39.21 4.53
CA LYS A 449 -11.30 -38.29 5.45
C LYS A 449 -11.68 -38.64 6.88
N ILE A 450 -10.68 -38.72 7.75
CA ILE A 450 -10.92 -39.03 9.18
C ILE A 450 -10.01 -38.12 10.00
N ARG A 451 -10.64 -37.27 10.81
CA ARG A 451 -9.92 -36.17 11.47
C ARG A 451 -9.19 -35.26 10.48
N GLY A 452 -9.72 -35.15 9.27
CA GLY A 452 -9.04 -34.45 8.19
C GLY A 452 -7.86 -35.18 7.53
N ASN A 453 -7.51 -36.38 7.99
CA ASN A 453 -6.41 -37.12 7.35
C ASN A 453 -6.92 -38.06 6.25
N ARG A 454 -6.25 -38.02 5.11
CA ARG A 454 -6.65 -38.85 3.98
C ARG A 454 -6.44 -40.34 4.30
N VAL A 455 -7.52 -41.10 4.27
CA VAL A 455 -7.45 -42.55 4.51
C VAL A 455 -8.03 -43.29 3.31
N GLU A 456 -7.27 -44.25 2.78
CA GLU A 456 -7.74 -45.02 1.66
C GLU A 456 -8.37 -46.25 2.27
N LEU A 457 -9.66 -46.45 2.03
CA LEU A 457 -10.35 -47.55 2.70
C LEU A 457 -9.91 -48.90 2.18
N THR A 458 -9.37 -48.95 0.98
CA THR A 458 -8.90 -50.21 0.46
C THR A 458 -7.66 -50.70 1.19
N GLU A 459 -6.90 -49.79 1.80
CA GLU A 459 -5.70 -50.18 2.58
C GLU A 459 -6.04 -50.67 3.98
N VAL A 460 -7.15 -50.20 4.53
CA VAL A 460 -7.66 -50.80 5.76
C VAL A 460 -8.11 -52.22 5.48
N GLU A 461 -8.83 -52.39 4.39
CA GLU A 461 -9.36 -53.69 3.98
C GLU A 461 -8.23 -54.71 3.78
N ARG A 462 -7.23 -54.33 3.00
CA ARG A 462 -6.13 -55.26 2.70
C ARG A 462 -5.42 -55.72 3.95
N ARG A 463 -5.11 -54.79 4.85
CA ARG A 463 -4.47 -55.09 6.11
C ARG A 463 -5.33 -56.02 6.93
N VAL A 464 -6.59 -55.69 7.10
CA VAL A 464 -7.45 -56.57 7.89
C VAL A 464 -7.48 -57.98 7.27
N ALA A 465 -7.44 -58.05 5.95
CA ALA A 465 -7.53 -59.33 5.25
C ALA A 465 -6.28 -60.16 5.42
N GLU A 466 -5.17 -59.53 5.81
CA GLU A 466 -3.98 -60.31 6.01
C GLU A 466 -3.83 -60.80 7.46
N PHE A 467 -4.81 -60.48 8.32
CA PHE A 467 -4.96 -61.16 9.62
C PHE A 467 -5.33 -62.58 9.26
N THR A 468 -4.80 -63.56 9.99
CA THR A 468 -5.08 -64.95 9.69
C THR A 468 -6.47 -65.29 10.22
N GLY A 469 -7.21 -66.05 9.41
CA GLY A 469 -8.60 -66.38 9.71
C GLY A 469 -9.60 -65.45 9.07
N VAL A 470 -9.11 -64.37 8.47
CA VAL A 470 -9.97 -63.50 7.69
C VAL A 470 -9.72 -63.77 6.22
N ALA A 471 -10.82 -63.94 5.48
CA ALA A 471 -10.77 -64.20 4.05
C ALA A 471 -10.96 -62.89 3.30
N ALA A 472 -11.95 -62.10 3.73
CA ALA A 472 -12.20 -60.79 3.11
C ALA A 472 -12.74 -59.78 4.12
N ALA A 473 -12.50 -58.49 3.83
CA ALA A 473 -13.02 -57.41 4.67
C ALA A 473 -13.63 -56.28 3.85
N SER A 474 -14.50 -55.51 4.48
CA SER A 474 -14.99 -54.30 3.86
C SER A 474 -15.12 -53.16 4.83
N ALA A 475 -14.40 -52.09 4.53
CA ALA A 475 -14.41 -50.92 5.40
C ALA A 475 -15.42 -49.93 4.90
N VAL A 476 -15.96 -49.16 5.81
CA VAL A 476 -16.84 -48.10 5.41
C VAL A 476 -16.99 -47.06 6.52
N LEU A 477 -17.25 -45.82 6.13
CA LEU A 477 -17.42 -44.76 7.11
C LEU A 477 -18.93 -44.47 7.29
N LEU A 478 -19.37 -44.11 8.51
CA LEU A 478 -20.78 -43.68 8.77
C LEU A 478 -20.88 -42.34 9.48
N PRO A 485 -18.07 -38.85 12.98
CA PRO A 485 -18.34 -40.01 12.12
C PRO A 485 -17.48 -41.26 12.47
N VAL A 486 -17.92 -42.47 12.10
CA VAL A 486 -17.26 -43.72 12.59
C VAL A 486 -16.80 -44.72 11.51
N LEU A 487 -15.62 -45.30 11.70
CA LEU A 487 -15.10 -46.27 10.75
C LEU A 487 -15.41 -47.72 11.15
N ALA A 488 -16.20 -48.41 10.35
CA ALA A 488 -16.48 -49.82 10.61
C ALA A 488 -15.87 -50.64 9.55
N VAL A 489 -15.51 -51.85 9.94
CA VAL A 489 -15.06 -52.83 8.99
C VAL A 489 -15.85 -54.11 9.20
N PHE A 490 -16.29 -54.68 8.09
CA PHE A 490 -17.06 -55.92 8.10
C PHE A 490 -16.16 -56.97 7.55
N VAL A 491 -16.17 -58.12 8.20
CA VAL A 491 -15.19 -59.12 7.90
C VAL A 491 -15.85 -60.49 7.70
N GLU A 492 -15.25 -61.27 6.82
CA GLU A 492 -15.73 -62.61 6.47
C GLU A 492 -14.63 -63.58 6.90
N LEU A 493 -14.93 -64.43 7.88
CA LEU A 493 -13.92 -65.32 8.44
C LEU A 493 -13.61 -66.39 7.43
N SER A 494 -12.35 -66.78 7.33
CA SER A 494 -11.96 -67.93 6.54
C SER A 494 -12.69 -69.16 7.11
N PRO A 495 -12.78 -70.26 6.32
CA PRO A 495 -13.62 -71.36 6.79
C PRO A 495 -12.89 -72.11 7.91
N GLY A 496 -13.56 -72.29 9.05
CA GLY A 496 -12.97 -72.96 10.23
C GLY A 496 -12.49 -72.04 11.35
N ALA A 497 -12.00 -70.85 11.00
CA ALA A 497 -11.27 -69.98 11.91
C ALA A 497 -12.14 -69.42 12.98
N GLU A 498 -11.61 -69.32 14.19
CA GLU A 498 -12.27 -68.60 15.28
C GLU A 498 -11.76 -67.19 15.16
N PHE A 499 -12.42 -66.22 15.78
CA PHE A 499 -12.07 -64.84 15.51
C PHE A 499 -12.02 -64.03 16.78
N ASP A 500 -10.89 -63.35 16.95
CA ASP A 500 -10.61 -62.58 18.16
C ASP A 500 -10.67 -61.07 17.89
N GLU A 501 -11.75 -60.45 18.41
CA GLU A 501 -12.03 -59.02 18.22
C GLU A 501 -10.80 -58.11 18.45
N MET A 502 -10.30 -58.10 19.69
CA MET A 502 -9.22 -57.23 20.13
C MET A 502 -7.87 -57.52 19.47
N GLU A 503 -7.67 -58.79 19.10
CA GLU A 503 -6.43 -59.22 18.46
C GLU A 503 -6.28 -58.57 17.09
N LEU A 504 -7.40 -58.28 16.44
CA LEU A 504 -7.38 -57.53 15.18
C LEU A 504 -7.13 -56.04 15.42
N GLY A 505 -7.90 -55.43 16.31
CA GLY A 505 -7.68 -54.03 16.70
C GLY A 505 -6.20 -53.73 16.89
N ALA A 506 -5.51 -54.58 17.64
CA ALA A 506 -4.09 -54.41 17.95
C ALA A 506 -3.19 -54.68 16.73
N PHE A 507 -3.57 -55.69 15.94
CA PHE A 507 -2.84 -56.11 14.76
C PHE A 507 -2.85 -55.04 13.66
N CYS A 508 -3.96 -54.31 13.55
CA CYS A 508 -4.08 -53.19 12.62
C CYS A 508 -3.12 -52.05 13.00
N LEU A 509 -3.10 -51.71 14.29
CA LEU A 509 -2.22 -50.65 14.82
C LEU A 509 -0.74 -50.93 14.61
N GLU A 510 -0.38 -52.20 14.51
CA GLU A 510 1.00 -52.58 14.21
C GLU A 510 1.55 -51.83 13.02
N GLU A 511 0.71 -51.55 12.02
CA GLU A 511 1.15 -50.83 10.82
C GLU A 511 0.20 -49.74 10.25
N LEU A 512 -1.00 -49.63 10.84
CA LEU A 512 -1.93 -48.55 10.50
C LEU A 512 -1.94 -47.52 11.62
N PRO A 513 -1.90 -46.23 11.26
CA PRO A 513 -1.93 -45.21 12.30
C PRO A 513 -3.22 -45.25 13.13
N ASP A 514 -3.28 -44.41 14.16
CA ASP A 514 -4.41 -44.35 15.06
C ASP A 514 -5.73 -43.91 14.37
N TYR A 515 -5.68 -42.92 13.47
CA TYR A 515 -6.91 -42.51 12.75
C TYR A 515 -7.45 -43.54 11.72
N MET A 516 -6.63 -44.55 11.39
CA MET A 516 -6.99 -45.64 10.48
C MET A 516 -7.38 -46.97 11.17
N ALA A 517 -7.48 -46.95 12.49
CA ALA A 517 -7.92 -48.10 13.27
C ALA A 517 -9.46 -48.17 13.29
N PRO A 518 -10.02 -49.37 13.01
CA PRO A 518 -11.48 -49.48 13.08
C PRO A 518 -11.98 -49.20 14.48
N GLN A 519 -13.12 -48.54 14.57
CA GLN A 519 -13.79 -48.35 15.85
C GLN A 519 -14.87 -49.41 16.07
N ARG A 520 -15.25 -50.10 15.00
CA ARG A 520 -16.33 -51.08 15.04
C ARG A 520 -16.01 -52.20 14.07
N ILE A 521 -15.95 -53.43 14.57
CA ILE A 521 -15.70 -54.61 13.76
C ILE A 521 -16.93 -55.52 13.87
N HIS A 522 -17.48 -55.93 12.74
CA HIS A 522 -18.65 -56.79 12.72
C HIS A 522 -18.35 -58.00 11.86
N VAL A 523 -18.47 -59.18 12.44
CA VAL A 523 -18.31 -60.42 11.69
C VAL A 523 -19.58 -60.77 10.90
N LEU A 524 -19.41 -61.30 9.69
CA LEU A 524 -20.51 -61.80 8.87
C LEU A 524 -20.20 -63.18 8.33
N ASP A 525 -21.21 -63.80 7.71
CA ASP A 525 -21.03 -65.10 7.09
C ASP A 525 -20.50 -64.92 5.67
N ALA A 526 -21.08 -63.96 4.96
CA ALA A 526 -20.62 -63.59 3.61
C ALA A 526 -20.77 -62.08 3.34
N LEU A 527 -20.30 -61.67 2.16
CA LEU A 527 -20.32 -60.26 1.77
C LEU A 527 -21.13 -60.01 0.47
N PRO A 528 -22.23 -59.25 0.58
CA PRO A 528 -23.01 -58.85 -0.59
C PRO A 528 -22.16 -58.42 -1.80
N VAL B 25 9.90 0.29 -9.67
CA VAL B 25 8.45 0.45 -10.00
C VAL B 25 8.04 -0.64 -10.98
N PHE B 26 8.91 -0.92 -11.97
CA PHE B 26 8.68 -2.07 -12.91
C PHE B 26 8.77 -3.42 -12.21
N THR B 27 9.87 -3.71 -11.54
CA THR B 27 9.94 -4.87 -10.64
C THR B 27 8.72 -5.13 -9.69
N LEU B 28 8.28 -4.12 -8.95
CA LEU B 28 7.05 -4.19 -8.11
C LEU B 28 5.73 -4.47 -8.84
N ALA B 29 5.61 -3.99 -10.08
CA ALA B 29 4.47 -4.31 -10.95
C ALA B 29 4.59 -5.74 -11.54
N GLN B 30 5.82 -6.11 -11.90
CA GLN B 30 6.10 -7.40 -12.53
C GLN B 30 5.95 -8.62 -11.61
N ASN B 31 6.18 -8.46 -10.31
CA ASN B 31 6.17 -9.62 -9.37
C ASN B 31 4.92 -10.55 -9.37
N PRO B 32 3.69 -9.99 -9.32
CA PRO B 32 2.41 -10.75 -9.30
C PRO B 32 1.92 -11.26 -10.66
N VAL B 33 2.22 -10.52 -11.72
CA VAL B 33 1.69 -10.85 -13.05
C VAL B 33 2.23 -12.24 -13.40
N GLU B 34 1.40 -13.11 -14.00
CA GLU B 34 1.76 -14.50 -14.24
C GLU B 34 1.72 -14.93 -15.71
N ARG B 35 1.41 -14.00 -16.63
CA ARG B 35 1.46 -14.25 -18.09
C ARG B 35 2.22 -13.26 -18.98
N LEU B 36 2.64 -13.77 -20.12
CA LEU B 36 3.70 -13.19 -20.87
C LEU B 36 3.33 -11.76 -21.25
N HIS B 37 2.12 -11.60 -21.78
CA HIS B 37 1.66 -10.32 -22.29
C HIS B 37 1.39 -9.29 -21.17
N GLU B 38 0.97 -9.78 -20.01
CA GLU B 38 0.79 -8.93 -18.81
C GLU B 38 2.11 -8.38 -18.33
N PHE B 39 3.20 -9.09 -18.66
CA PHE B 39 4.54 -8.68 -18.21
C PHE B 39 5.13 -7.60 -19.12
N LEU B 40 5.00 -7.82 -20.41
CA LEU B 40 5.67 -7.02 -21.39
C LEU B 40 4.94 -5.73 -21.57
N LEU B 41 3.71 -5.67 -21.09
CA LEU B 41 2.94 -4.46 -21.23
C LEU B 41 2.82 -3.66 -19.96
N THR B 42 3.63 -3.95 -18.92
CA THR B 42 3.60 -3.17 -17.68
C THR B 42 3.94 -1.72 -17.98
N GLY B 43 4.82 -1.49 -18.92
CA GLY B 43 5.15 -0.16 -19.30
C GLY B 43 3.94 0.58 -19.85
N ALA B 44 2.88 -0.12 -20.25
CA ALA B 44 1.71 0.58 -20.79
C ALA B 44 0.90 1.18 -19.66
N ARG B 45 1.04 0.69 -18.43
CA ARG B 45 0.33 1.25 -17.29
C ARG B 45 1.22 2.30 -16.60
N LEU B 46 2.53 2.06 -16.52
CA LEU B 46 3.42 2.94 -15.79
C LEU B 46 3.97 4.08 -16.62
N THR B 47 4.26 3.86 -17.90
CA THR B 47 4.83 4.89 -18.75
C THR B 47 4.25 4.81 -20.16
N PRO B 48 2.96 5.13 -20.28
CA PRO B 48 2.21 4.94 -21.54
C PRO B 48 2.75 5.65 -22.75
N GLU B 49 3.35 6.81 -22.53
CA GLU B 49 3.73 7.69 -23.64
C GLU B 49 5.19 7.51 -24.03
N LYS B 50 5.90 6.70 -23.25
CA LYS B 50 7.27 6.32 -23.59
C LYS B 50 7.32 5.49 -24.87
N PRO B 51 8.35 5.69 -25.69
CA PRO B 51 8.38 4.94 -26.97
C PRO B 51 8.79 3.49 -26.72
N ALA B 52 8.02 2.55 -27.25
CA ALA B 52 8.21 1.11 -26.92
C ALA B 52 8.94 0.37 -28.02
N VAL B 53 8.52 0.61 -29.27
CA VAL B 53 9.15 -0.03 -30.39
C VAL B 53 9.34 0.96 -31.53
N LEU B 54 10.56 1.05 -32.05
CA LEU B 54 10.80 1.84 -33.25
C LEU B 54 10.03 1.29 -34.44
N GLU B 55 9.51 2.18 -35.28
CA GLU B 55 8.67 1.88 -36.45
C GLU B 55 8.36 3.24 -37.09
N GLY B 62 9.18 6.67 -37.04
CA GLY B 62 8.42 6.95 -35.84
C GLY B 62 8.61 5.89 -34.77
N TYR B 63 7.80 5.96 -33.72
CA TYR B 63 7.88 5.04 -32.60
C TYR B 63 6.46 4.64 -32.19
N VAL B 64 6.31 3.40 -31.76
CA VAL B 64 5.08 2.93 -31.19
C VAL B 64 5.29 3.06 -29.69
N SER B 65 4.32 3.63 -28.97
CA SER B 65 4.48 3.90 -27.54
C SER B 65 3.85 2.79 -26.80
N TYR B 66 4.27 2.58 -25.56
CA TYR B 66 3.72 1.52 -24.75
C TYR B 66 2.22 1.46 -24.84
N ARG B 67 1.56 2.61 -24.84
CA ARG B 67 0.08 2.62 -24.93
C ARG B 67 -0.42 2.17 -26.28
N GLN B 68 0.24 2.65 -27.33
CA GLN B 68 -0.12 2.30 -28.70
C GLN B 68 0.14 0.82 -29.00
N LEU B 69 1.26 0.32 -28.49
CA LEU B 69 1.55 -1.10 -28.55
C LEU B 69 0.44 -1.91 -27.89
N ALA B 70 0.00 -1.50 -26.71
CA ALA B 70 -1.12 -2.19 -26.06
C ALA B 70 -2.42 -2.13 -26.87
N ASN B 71 -2.67 -1.01 -27.56
CA ASN B 71 -3.88 -0.90 -28.40
C ASN B 71 -3.85 -1.81 -29.62
N ARG B 72 -2.71 -1.84 -30.31
CA ARG B 72 -2.58 -2.75 -31.42
C ARG B 72 -2.71 -4.19 -30.91
N ALA B 73 -2.11 -4.47 -29.76
CA ALA B 73 -2.17 -5.81 -29.22
C ALA B 73 -3.59 -6.26 -29.02
N GLU B 74 -4.46 -5.35 -28.54
CA GLU B 74 -5.85 -5.75 -28.24
C GLU B 74 -6.76 -5.61 -29.45
N SER B 75 -6.40 -4.71 -30.36
CA SER B 75 -7.02 -4.66 -31.65
C SER B 75 -6.82 -6.05 -32.34
N TYR B 76 -5.60 -6.57 -32.33
CA TYR B 76 -5.33 -7.92 -32.85
C TYR B 76 -6.13 -9.01 -32.09
N ALA B 77 -6.21 -8.89 -30.77
CA ALA B 77 -6.89 -9.93 -29.99
C ALA B 77 -8.37 -9.97 -30.30
N ALA B 78 -8.97 -8.83 -30.54
CA ALA B 78 -10.38 -8.81 -30.88
C ALA B 78 -10.60 -9.57 -32.19
N ALA B 79 -9.74 -9.36 -33.19
CA ALA B 79 -9.81 -10.10 -34.46
C ALA B 79 -9.60 -11.61 -34.30
N LEU B 80 -8.80 -11.99 -33.32
CA LEU B 80 -8.47 -13.40 -33.12
C LEU B 80 -9.49 -14.09 -32.28
N GLY B 81 -9.99 -13.39 -31.29
CA GLY B 81 -10.76 -14.01 -30.23
C GLY B 81 -12.17 -14.41 -30.58
N GLY B 82 -12.62 -14.03 -31.78
CA GLY B 82 -13.95 -14.43 -32.26
C GLY B 82 -13.93 -15.62 -33.18
N LEU B 83 -12.81 -16.36 -33.23
CA LEU B 83 -12.58 -17.34 -34.26
C LEU B 83 -12.79 -18.78 -33.84
N GLY B 84 -13.16 -18.98 -32.58
CA GLY B 84 -13.45 -20.34 -32.05
C GLY B 84 -12.24 -21.08 -31.55
N LEU B 85 -11.11 -20.39 -31.49
CA LEU B 85 -9.87 -20.98 -31.04
C LEU B 85 -9.80 -21.20 -29.53
N ASP B 86 -9.35 -22.40 -29.13
CA ASP B 86 -9.16 -22.80 -27.73
C ASP B 86 -7.76 -22.44 -27.24
N ILE B 87 -7.66 -22.22 -25.93
CA ILE B 87 -6.36 -22.03 -25.28
C ILE B 87 -5.54 -23.31 -25.52
N GLY B 88 -4.30 -23.14 -25.98
CA GLY B 88 -3.45 -24.26 -26.38
C GLY B 88 -3.30 -24.45 -27.88
N ASP B 89 -4.29 -24.01 -28.65
CA ASP B 89 -4.18 -24.01 -30.11
C ASP B 89 -3.02 -23.11 -30.50
N ARG B 90 -2.26 -23.57 -31.49
CA ARG B 90 -1.00 -22.93 -31.86
C ARG B 90 -1.20 -22.03 -33.04
N VAL B 91 -0.37 -21.01 -33.13
CA VAL B 91 -0.49 -20.01 -34.18
C VAL B 91 0.92 -19.81 -34.70
N VAL B 92 1.10 -19.75 -36.01
CA VAL B 92 2.43 -19.55 -36.53
C VAL B 92 2.54 -18.08 -36.83
N LEU B 93 3.70 -17.50 -36.55
CA LEU B 93 3.93 -16.07 -36.75
C LEU B 93 5.15 -15.79 -37.57
N GLU B 94 4.94 -15.44 -38.83
CA GLU B 94 6.04 -15.28 -39.77
C GLU B 94 6.32 -13.79 -39.95
N SER B 95 7.45 -13.35 -39.42
CA SER B 95 7.83 -11.97 -39.50
C SER B 95 9.26 -11.82 -39.07
N ASP B 96 9.89 -10.74 -39.53
CA ASP B 96 11.09 -10.26 -38.89
C ASP B 96 10.57 -9.51 -37.67
N THR B 97 11.45 -9.29 -36.71
CA THR B 97 11.11 -8.54 -35.53
C THR B 97 10.64 -7.13 -35.88
N SER B 98 9.50 -6.75 -35.33
CA SER B 98 8.86 -5.50 -35.60
C SER B 98 7.74 -5.29 -34.56
N ALA B 99 7.28 -4.05 -34.44
CA ALA B 99 6.28 -3.70 -33.44
C ALA B 99 5.00 -4.47 -33.65
N SER B 100 4.63 -4.71 -34.91
CA SER B 100 3.43 -5.54 -35.23
C SER B 100 3.65 -7.03 -34.86
N ALA B 101 4.86 -7.54 -35.05
CA ALA B 101 5.12 -8.92 -34.62
C ALA B 101 4.94 -9.02 -33.08
N ILE B 102 5.35 -7.95 -32.39
CA ILE B 102 5.28 -7.97 -30.93
C ILE B 102 3.82 -7.86 -30.53
N ALA B 103 3.12 -6.99 -31.22
CA ALA B 103 1.68 -6.93 -31.01
C ALA B 103 1.01 -8.32 -31.18
N ALA B 104 1.33 -9.01 -32.29
CA ALA B 104 0.74 -10.34 -32.56
C ALA B 104 1.03 -11.34 -31.44
N LEU B 105 2.29 -11.42 -31.01
CA LEU B 105 2.59 -12.40 -29.95
C LEU B 105 1.89 -12.05 -28.64
N LEU B 106 1.77 -10.74 -28.38
CA LEU B 106 1.05 -10.21 -27.22
C LEU B 106 -0.41 -10.64 -27.26
N ALA B 107 -1.05 -10.41 -28.40
CA ALA B 107 -2.40 -10.91 -28.62
C ALA B 107 -2.51 -12.48 -28.48
N CYS B 108 -1.69 -13.24 -29.18
CA CYS B 108 -1.68 -14.67 -28.99
C CYS B 108 -1.59 -15.03 -27.51
N SER B 109 -0.62 -14.40 -26.84
CA SER B 109 -0.45 -14.68 -25.43
C SER B 109 -1.74 -14.33 -24.67
N SER B 110 -2.40 -13.24 -25.07
CA SER B 110 -3.62 -12.79 -24.34
C SER B 110 -4.72 -13.85 -24.45
N LEU B 111 -4.67 -14.67 -25.48
CA LEU B 111 -5.70 -15.70 -25.69
C LEU B 111 -5.21 -17.11 -25.34
N GLY B 112 -3.99 -17.24 -24.87
CA GLY B 112 -3.51 -18.57 -24.45
C GLY B 112 -3.22 -19.45 -25.66
N LEU B 113 -2.98 -18.77 -26.77
CA LEU B 113 -2.61 -19.39 -27.99
C LEU B 113 -1.11 -19.33 -28.04
N PRO B 114 -0.41 -20.47 -27.84
CA PRO B 114 1.02 -20.42 -27.88
C PRO B 114 1.40 -20.17 -29.30
N PHE B 115 2.52 -19.47 -29.53
CA PHE B 115 2.84 -18.99 -30.85
C PHE B 115 4.18 -19.55 -31.23
N VAL B 116 4.35 -19.68 -32.52
CA VAL B 116 5.52 -20.27 -33.12
C VAL B 116 6.11 -19.23 -34.06
N PRO B 117 7.20 -18.59 -33.63
CA PRO B 117 7.80 -17.66 -34.54
C PRO B 117 8.54 -18.38 -35.64
N VAL B 118 8.47 -17.77 -36.83
CA VAL B 118 9.19 -18.22 -37.99
C VAL B 118 9.66 -17.00 -38.79
N THR B 119 10.83 -17.10 -39.42
CA THR B 119 11.40 -15.98 -40.11
C THR B 119 11.16 -16.17 -41.61
N PRO B 120 10.84 -15.08 -42.33
CA PRO B 120 10.42 -15.17 -43.74
C PRO B 120 11.41 -15.81 -44.68
N GLU B 121 12.70 -15.72 -44.35
CA GLU B 121 13.79 -16.46 -45.03
C GLU B 121 13.72 -18.00 -44.88
N THR B 122 12.68 -18.53 -44.25
CA THR B 122 12.58 -19.94 -43.94
C THR B 122 12.12 -20.75 -45.16
N PRO B 123 12.90 -21.78 -45.56
CA PRO B 123 12.54 -22.67 -46.67
C PRO B 123 11.15 -23.30 -46.57
N ALA B 124 10.41 -23.24 -47.67
CA ALA B 124 9.08 -23.85 -47.75
C ALA B 124 9.08 -25.15 -47.03
N LYS B 125 10.02 -26.03 -47.41
CA LYS B 125 10.11 -27.40 -46.87
C LYS B 125 10.08 -27.37 -45.35
N ARG B 126 10.91 -26.52 -44.75
CA ARG B 126 11.05 -26.42 -43.27
C ARG B 126 9.80 -25.88 -42.58
N LEU B 127 9.16 -24.89 -43.17
CA LEU B 127 7.96 -24.32 -42.59
C LEU B 127 6.84 -25.33 -42.52
N LEU B 128 6.62 -26.07 -43.60
CA LEU B 128 5.46 -26.96 -43.67
C LEU B 128 5.72 -28.21 -42.85
N ALA B 129 6.99 -28.51 -42.59
CA ALA B 129 7.36 -29.52 -41.58
C ALA B 129 7.01 -29.10 -40.16
N VAL B 130 7.19 -27.81 -39.85
CA VAL B 130 6.80 -27.21 -38.58
C VAL B 130 5.28 -27.21 -38.45
N VAL B 131 4.59 -26.74 -39.50
CA VAL B 131 3.12 -26.71 -39.52
C VAL B 131 2.61 -28.10 -39.36
N ASP B 132 3.20 -29.02 -40.11
CA ASP B 132 2.75 -30.39 -40.10
C ASP B 132 2.81 -30.99 -38.71
N THR B 133 3.97 -30.91 -38.03
CA THR B 133 4.16 -31.53 -36.70
C THR B 133 3.41 -30.83 -35.58
N VAL B 134 3.41 -29.51 -35.60
CA VAL B 134 2.80 -28.73 -34.53
C VAL B 134 1.29 -28.60 -34.71
N SER B 135 0.81 -28.96 -35.92
CA SER B 135 -0.58 -28.79 -36.43
C SER B 135 -1.35 -27.55 -35.89
N PRO B 136 -0.89 -26.36 -36.28
CA PRO B 136 -1.49 -25.13 -35.75
C PRO B 136 -2.87 -24.87 -36.33
N ALA B 137 -3.72 -24.23 -35.54
CA ALA B 137 -4.98 -23.76 -36.02
C ALA B 137 -4.82 -22.64 -37.02
N LEU B 138 -3.77 -21.84 -36.91
CA LEU B 138 -3.75 -20.58 -37.63
C LEU B 138 -2.33 -20.12 -38.02
N TYR B 139 -2.15 -19.67 -39.27
CA TYR B 139 -0.89 -19.06 -39.73
C TYR B 139 -1.06 -17.55 -40.00
N LEU B 140 -0.09 -16.75 -39.58
CA LEU B 140 -0.17 -15.30 -39.79
C LEU B 140 1.17 -14.82 -40.23
N GLN B 141 1.21 -13.96 -41.28
CA GLN B 141 2.47 -13.31 -41.70
C GLN B 141 2.36 -11.80 -41.79
N ALA B 142 3.50 -11.13 -41.99
CA ALA B 142 3.53 -9.66 -42.12
C ALA B 142 2.70 -9.14 -43.29
N GLU B 143 2.34 -7.86 -43.26
CA GLU B 143 1.52 -7.25 -44.34
C GLU B 143 2.15 -7.56 -45.68
N GLY B 144 3.47 -7.40 -45.76
CA GLY B 144 4.19 -7.58 -47.02
C GLY B 144 4.45 -9.02 -47.43
N GLY B 145 4.07 -9.97 -46.58
CA GLY B 145 4.50 -11.35 -46.70
C GLY B 145 4.04 -12.07 -47.95
N ARG B 146 4.99 -12.63 -48.66
CA ARG B 146 4.74 -13.24 -49.95
C ARG B 146 4.84 -14.74 -49.76
N ARG B 147 4.09 -15.26 -48.81
CA ARG B 147 4.10 -16.68 -48.52
C ARG B 147 2.76 -17.22 -48.92
N GLU B 148 2.79 -18.43 -49.48
CA GLU B 148 1.59 -19.19 -49.81
C GLU B 148 1.94 -20.65 -49.69
N GLY B 149 0.94 -21.52 -49.78
CA GLY B 149 1.16 -22.97 -49.84
C GLY B 149 0.72 -23.73 -48.59
N LEU B 150 -0.06 -23.09 -47.73
CA LEU B 150 -0.45 -23.72 -46.47
C LEU B 150 -1.66 -24.62 -46.65
N PRO B 151 -1.69 -25.76 -45.96
CA PRO B 151 -2.91 -26.59 -45.97
C PRO B 151 -4.19 -25.78 -45.75
N GLU B 152 -5.26 -26.14 -46.47
CA GLU B 152 -6.59 -25.57 -46.22
C GLU B 152 -7.05 -25.79 -44.79
N SER B 153 -6.56 -26.85 -44.15
CA SER B 153 -6.89 -27.12 -42.73
C SER B 153 -6.41 -25.98 -41.80
N VAL B 154 -5.43 -25.21 -42.26
CA VAL B 154 -4.86 -24.17 -41.43
C VAL B 154 -5.35 -22.75 -41.78
N GLY B 155 -5.94 -22.11 -40.78
CA GLY B 155 -6.33 -20.73 -40.88
C GLY B 155 -5.19 -19.88 -41.40
N THR B 156 -5.55 -18.84 -42.15
CA THR B 156 -4.58 -17.95 -42.79
C THR B 156 -4.96 -16.50 -42.51
N GLY B 157 -3.97 -15.65 -42.24
CA GLY B 157 -4.24 -14.23 -41.96
C GLY B 157 -3.00 -13.35 -42.11
N ARG B 158 -3.18 -12.05 -41.88
CA ARG B 158 -2.09 -11.07 -42.04
C ARG B 158 -2.15 -9.95 -41.00
N PHE B 159 -0.98 -9.40 -40.69
CA PHE B 159 -0.94 -8.28 -39.75
C PHE B 159 0.12 -7.29 -40.09
N GLY B 160 -0.20 -6.06 -39.69
CA GLY B 160 0.68 -4.90 -39.82
C GLY B 160 0.05 -3.75 -39.05
N PRO B 161 0.63 -2.55 -39.17
CA PRO B 161 0.16 -1.34 -38.46
C PRO B 161 -1.33 -1.11 -38.61
N GLY B 162 -1.84 -1.31 -39.82
CA GLY B 162 -3.26 -1.11 -40.12
C GLY B 162 -4.26 -2.09 -39.52
N GLY B 163 -3.79 -3.20 -38.95
CA GLY B 163 -4.67 -4.14 -38.25
C GLY B 163 -4.34 -5.57 -38.56
N LEU B 164 -5.15 -6.47 -38.04
CA LEU B 164 -4.97 -7.91 -38.30
C LEU B 164 -6.16 -8.39 -39.10
N VAL B 165 -5.93 -8.90 -40.31
CA VAL B 165 -7.03 -9.43 -41.11
C VAL B 165 -6.87 -10.94 -41.40
N ILE B 166 -7.91 -11.70 -41.10
CA ILE B 166 -8.00 -13.11 -41.48
C ILE B 166 -8.38 -13.24 -42.96
N GLU B 167 -7.78 -14.21 -43.65
CA GLU B 167 -8.18 -14.57 -45.01
C GLU B 167 -8.95 -15.89 -44.99
N ARG B 168 -8.33 -16.99 -44.59
CA ARG B 168 -9.01 -18.29 -44.48
C ARG B 168 -9.33 -18.57 -42.99
N ALA B 169 -10.60 -18.61 -42.61
CA ALA B 169 -10.94 -18.84 -41.22
C ALA B 169 -10.35 -20.17 -40.70
N PRO B 170 -9.80 -20.17 -39.47
CA PRO B 170 -9.36 -21.41 -38.88
C PRO B 170 -10.52 -22.28 -38.48
N ARG B 171 -10.37 -23.62 -38.53
CA ARG B 171 -11.36 -24.52 -37.94
C ARG B 171 -11.46 -24.19 -36.45
N PRO B 172 -12.68 -24.05 -35.91
CA PRO B 172 -12.80 -23.79 -34.46
C PRO B 172 -12.29 -24.94 -33.57
N GLY B 173 -11.83 -24.58 -32.39
CA GLY B 173 -11.35 -25.55 -31.44
C GLY B 173 -12.50 -26.18 -30.70
N ARG B 174 -12.16 -26.92 -29.64
CA ARG B 174 -13.11 -27.66 -28.80
C ARG B 174 -14.16 -26.83 -28.03
N GLY B 175 -13.88 -25.55 -27.80
CA GLY B 175 -14.66 -24.73 -26.87
C GLY B 175 -14.69 -25.30 -25.45
N PHE B 176 -13.56 -25.82 -24.96
CA PHE B 176 -13.51 -26.55 -23.67
C PHE B 176 -12.61 -25.95 -22.61
N ARG B 177 -11.45 -25.52 -23.05
CA ARG B 177 -10.52 -24.86 -22.17
C ARG B 177 -11.14 -23.55 -21.72
N ARG B 178 -10.80 -23.14 -20.51
CA ARG B 178 -11.42 -21.95 -19.91
C ARG B 178 -10.49 -20.91 -19.25
N GLU B 179 -9.32 -21.31 -18.72
CA GLU B 179 -8.33 -20.34 -18.13
C GLU B 179 -6.88 -20.65 -18.48
N VAL B 180 -6.04 -19.64 -18.60
CA VAL B 180 -4.60 -19.84 -18.89
C VAL B 180 -3.78 -19.94 -17.63
N ALA B 181 -3.06 -21.06 -17.46
CA ALA B 181 -2.32 -21.30 -16.24
C ALA B 181 -0.88 -21.08 -16.52
N PRO B 182 -0.16 -20.63 -15.50
CA PRO B 182 1.25 -20.34 -15.70
C PRO B 182 2.01 -21.49 -16.36
N ALA B 183 1.70 -22.75 -16.00
CA ALA B 183 2.32 -23.95 -16.65
C ALA B 183 1.99 -24.22 -18.15
N ASP B 184 0.84 -23.72 -18.61
CA ASP B 184 0.44 -23.70 -20.04
C ASP B 184 1.48 -23.12 -21.02
N PRO B 185 1.52 -23.61 -22.28
CA PRO B 185 2.50 -23.06 -23.21
C PRO B 185 2.31 -21.61 -23.49
N ALA B 186 3.41 -20.94 -23.78
CA ALA B 186 3.39 -19.53 -24.16
C ALA B 186 3.92 -19.38 -25.57
N TYR B 187 4.97 -20.12 -25.90
CA TYR B 187 5.47 -20.16 -27.29
C TYR B 187 6.23 -21.44 -27.48
N MET B 188 6.55 -21.76 -28.72
CA MET B 188 7.48 -22.82 -29.08
C MET B 188 8.48 -22.37 -30.16
N VAL B 189 9.77 -22.57 -29.88
CA VAL B 189 10.85 -22.40 -30.84
C VAL B 189 11.35 -23.73 -31.48
N PHE B 190 11.54 -23.73 -32.80
CA PHE B 190 11.82 -25.01 -33.54
C PHE B 190 13.24 -25.17 -34.08
N PRO B 198 11.48 -32.21 -36.71
CA PRO B 198 11.92 -30.91 -36.19
C PRO B 198 11.56 -30.73 -34.72
N LYS B 199 12.55 -30.30 -33.92
CA LYS B 199 12.43 -30.18 -32.47
C LYS B 199 11.84 -28.82 -32.00
N GLY B 200 10.72 -28.88 -31.29
CA GLY B 200 10.15 -27.67 -30.75
C GLY B 200 10.38 -27.67 -29.27
N VAL B 201 10.95 -26.57 -28.78
CA VAL B 201 11.09 -26.37 -27.34
C VAL B 201 9.88 -25.60 -26.90
N VAL B 202 9.09 -26.23 -26.02
CA VAL B 202 7.82 -25.70 -25.54
C VAL B 202 8.12 -24.99 -24.23
N MET B 203 7.82 -23.69 -24.18
CA MET B 203 8.18 -22.82 -23.01
C MET B 203 6.90 -22.33 -22.34
N SER B 204 6.68 -22.62 -21.07
CA SER B 204 5.51 -22.05 -20.39
C SER B 204 5.56 -20.55 -20.10
N HIS B 205 4.45 -19.99 -19.69
CA HIS B 205 4.41 -18.60 -19.18
C HIS B 205 5.40 -18.41 -18.05
N ARG B 206 5.53 -19.38 -17.14
CA ARG B 206 6.45 -19.20 -16.05
C ARG B 206 7.85 -19.30 -16.52
N ALA B 207 8.20 -20.33 -17.24
CA ALA B 207 9.56 -20.36 -17.71
C ALA B 207 9.99 -18.97 -18.24
N ILE B 208 9.23 -18.35 -19.12
CA ILE B 208 9.72 -17.13 -19.79
C ILE B 208 9.74 -15.91 -18.83
N LEU B 209 8.84 -15.87 -17.87
CA LEU B 209 8.87 -14.86 -16.86
C LEU B 209 9.99 -15.06 -15.87
N SER B 210 10.41 -16.28 -15.57
CA SER B 210 11.54 -16.42 -14.65
C SER B 210 12.81 -15.98 -15.31
N PHE B 211 12.99 -16.41 -16.56
CA PHE B 211 14.13 -15.94 -17.27
C PHE B 211 14.08 -14.35 -17.24
N TYR B 212 13.00 -13.74 -17.68
CA TYR B 212 12.90 -12.27 -17.72
C TYR B 212 13.28 -11.71 -16.37
N ARG B 213 12.73 -12.28 -15.30
CA ARG B 213 13.04 -11.77 -13.98
C ARG B 213 14.53 -11.90 -13.65
N GLY B 214 15.13 -13.05 -13.96
CA GLY B 214 16.58 -13.20 -13.79
C GLY B 214 17.39 -12.12 -14.53
N MET B 215 17.05 -11.88 -15.79
CA MET B 215 17.86 -11.08 -16.61
C MET B 215 17.78 -9.64 -16.14
N LEU B 216 16.60 -9.19 -15.73
CA LEU B 216 16.42 -7.78 -15.37
C LEU B 216 17.07 -7.41 -14.04
N SER B 217 17.28 -8.43 -13.21
CA SER B 217 17.99 -8.29 -11.95
C SER B 217 19.41 -7.86 -12.16
N GLN B 218 19.87 -7.87 -13.40
CA GLN B 218 21.26 -7.51 -13.74
C GLN B 218 21.43 -6.05 -14.19
N GLY B 219 20.35 -5.30 -14.34
CA GLY B 219 20.52 -3.88 -14.65
C GLY B 219 21.40 -3.65 -15.87
N ILE B 220 21.20 -4.46 -16.89
CA ILE B 220 21.92 -4.30 -18.15
C ILE B 220 21.46 -3.03 -18.89
N VAL B 221 20.28 -2.52 -18.55
CA VAL B 221 19.58 -1.54 -19.36
C VAL B 221 18.69 -0.65 -18.47
N GLY B 222 18.37 0.54 -18.96
CA GLY B 222 17.52 1.45 -18.22
C GLY B 222 16.34 1.89 -19.05
N PRO B 223 15.45 2.73 -18.48
CA PRO B 223 14.26 3.18 -19.22
C PRO B 223 14.61 4.13 -20.34
N GLU B 224 15.80 4.72 -20.27
CA GLU B 224 16.27 5.61 -21.32
C GLU B 224 16.97 4.86 -22.47
N SER B 225 17.12 3.53 -22.33
CA SER B 225 17.86 2.72 -23.33
C SER B 225 17.10 2.52 -24.63
N ARG B 226 17.88 2.40 -25.70
CA ARG B 226 17.36 2.08 -27.03
C ARG B 226 18.07 0.79 -27.51
N VAL B 227 17.40 -0.35 -27.31
CA VAL B 227 17.98 -1.69 -27.49
C VAL B 227 17.92 -2.15 -28.92
N ALA B 228 19.06 -2.15 -29.60
CA ALA B 228 19.06 -2.62 -30.99
C ALA B 228 19.04 -4.19 -31.04
N SER B 229 17.99 -4.77 -31.59
CA SER B 229 17.78 -6.24 -31.64
C SER B 229 18.17 -6.75 -33.01
N THR B 230 19.18 -7.64 -33.07
CA THR B 230 19.68 -8.18 -34.38
C THR B 230 19.21 -9.59 -34.75
N ALA B 231 18.90 -10.44 -33.78
CA ALA B 231 18.60 -11.85 -34.08
C ALA B 231 17.42 -11.98 -35.02
N PRO B 232 17.27 -13.15 -35.64
CA PRO B 232 16.06 -13.42 -36.37
C PRO B 232 14.91 -13.69 -35.44
N PHE B 233 13.72 -13.30 -35.85
CA PHE B 233 12.55 -13.49 -35.04
C PHE B 233 12.33 -14.96 -34.66
N GLN B 234 12.84 -15.93 -35.43
CA GLN B 234 12.63 -17.34 -35.05
C GLN B 234 13.50 -17.86 -33.91
N PHE B 235 14.59 -17.17 -33.59
CA PHE B 235 15.37 -17.44 -32.38
C PHE B 235 14.84 -16.64 -31.19
N ASP B 236 14.42 -17.39 -30.20
CA ASP B 236 14.66 -17.12 -28.79
C ASP B 236 15.30 -15.78 -28.37
N PHE B 237 16.31 -15.37 -29.11
CA PHE B 237 17.13 -14.21 -28.80
C PHE B 237 16.30 -12.95 -29.03
N SER B 238 15.49 -12.96 -30.09
CA SER B 238 14.59 -11.87 -30.35
C SER B 238 13.69 -11.63 -29.14
N LEU B 239 13.23 -12.69 -28.50
CA LEU B 239 12.36 -12.56 -27.35
C LEU B 239 13.11 -12.06 -26.13
N LEU B 240 14.40 -12.40 -26.08
CA LEU B 240 15.25 -11.98 -25.00
C LEU B 240 15.38 -10.49 -25.12
N ASP B 241 15.72 -10.03 -26.31
CA ASP B 241 15.83 -8.58 -26.63
C ASP B 241 14.53 -7.83 -26.24
N ILE B 242 13.39 -8.36 -26.64
CA ILE B 242 12.12 -7.72 -26.37
C ILE B 242 11.83 -7.65 -24.86
N GLY B 243 12.14 -8.70 -24.12
CA GLY B 243 11.87 -8.67 -22.68
C GLY B 243 12.80 -7.68 -21.98
N LEU B 244 14.06 -7.68 -22.40
CA LEU B 244 15.04 -6.80 -21.85
C LEU B 244 14.59 -5.32 -21.92
N ALA B 245 14.22 -4.89 -23.13
CA ALA B 245 13.80 -3.55 -23.39
C ALA B 245 12.44 -3.32 -22.75
N LEU B 246 11.40 -3.99 -23.23
CA LEU B 246 10.07 -3.70 -22.71
C LEU B 246 9.96 -3.89 -21.19
N GLY B 247 10.65 -4.87 -20.64
CA GLY B 247 10.54 -5.15 -19.21
C GLY B 247 11.28 -4.12 -18.39
N SER B 248 12.09 -3.32 -19.06
CA SER B 248 12.86 -2.27 -18.41
C SER B 248 12.30 -0.90 -18.72
N GLY B 249 11.20 -0.86 -19.46
CA GLY B 249 10.60 0.41 -19.88
C GLY B 249 11.34 1.06 -21.03
N ALA B 250 12.16 0.29 -21.73
CA ALA B 250 13.06 0.87 -22.72
C ALA B 250 12.42 0.81 -24.08
N THR B 251 13.24 1.01 -25.12
CA THR B 251 12.71 0.97 -26.48
C THR B 251 13.34 -0.17 -27.28
N VAL B 252 12.53 -0.93 -27.99
CA VAL B 252 13.11 -1.92 -28.87
C VAL B 252 13.46 -1.21 -30.16
N VAL B 253 14.71 -1.30 -30.61
CA VAL B 253 15.06 -0.92 -31.97
C VAL B 253 15.29 -2.19 -32.85
N PRO B 254 14.32 -2.54 -33.71
CA PRO B 254 14.50 -3.64 -34.65
C PRO B 254 15.55 -3.28 -35.69
N VAL B 255 16.64 -4.01 -35.74
CA VAL B 255 17.64 -3.77 -36.76
C VAL B 255 17.29 -4.62 -37.99
N PRO B 256 16.99 -3.96 -39.13
CA PRO B 256 16.64 -4.69 -40.35
C PRO B 256 17.80 -5.55 -40.75
N ARG B 257 17.56 -6.84 -40.94
CA ARG B 257 18.65 -7.82 -40.98
C ARG B 257 19.48 -7.63 -42.24
N ALA B 258 18.82 -7.34 -43.36
CA ALA B 258 19.48 -6.90 -44.59
C ALA B 258 20.84 -6.26 -44.31
N LEU B 259 20.83 -5.26 -43.43
CA LEU B 259 21.99 -4.45 -43.03
C LEU B 259 23.22 -5.20 -42.53
N LEU B 260 23.09 -6.46 -42.12
CA LEU B 260 24.27 -7.18 -41.64
C LEU B 260 25.35 -7.46 -42.72
N ARG B 261 24.98 -7.47 -43.99
CA ARG B 261 26.02 -7.56 -45.01
C ARG B 261 26.17 -6.23 -45.72
N TRP B 262 26.55 -5.23 -44.92
CA TRP B 262 26.80 -3.85 -45.33
C TRP B 262 27.23 -3.10 -44.06
N PRO B 263 28.37 -3.49 -43.47
CA PRO B 263 28.73 -2.98 -42.16
C PRO B 263 28.57 -1.47 -41.98
N ARG B 264 28.80 -0.71 -43.04
CA ARG B 264 28.66 0.74 -42.98
C ARG B 264 27.20 1.12 -42.82
N ARG B 265 26.32 0.63 -43.70
CA ARG B 265 24.87 0.88 -43.61
C ARG B 265 24.29 0.46 -42.22
N PHE B 266 24.88 -0.58 -41.64
CA PHE B 266 24.52 -1.09 -40.33
C PHE B 266 25.00 -0.17 -39.19
N VAL B 267 26.17 0.42 -39.36
CA VAL B 267 26.64 1.39 -38.38
C VAL B 267 25.85 2.69 -38.47
N ARG B 268 25.59 3.20 -39.67
CA ARG B 268 24.74 4.39 -39.83
C ARG B 268 23.35 4.16 -39.22
N PHE B 269 22.88 2.92 -39.30
CA PHE B 269 21.59 2.64 -38.72
C PHE B 269 21.66 2.81 -37.21
N LEU B 270 22.72 2.27 -36.61
CA LEU B 270 22.88 2.37 -35.16
C LEU B 270 23.07 3.82 -34.76
N ARG B 271 23.68 4.60 -35.65
CA ARG B 271 23.94 6.03 -35.43
C ARG B 271 22.58 6.74 -35.37
N ASP B 272 21.80 6.59 -36.43
CA ASP B 272 20.55 7.35 -36.62
C ASP B 272 19.44 6.93 -35.70
N SER B 273 19.41 5.65 -35.36
CA SER B 273 18.43 5.11 -34.41
C SER B 273 18.83 5.51 -32.98
N GLU B 274 20.08 5.90 -32.81
CA GLU B 274 20.62 6.33 -31.53
C GLU B 274 20.54 5.20 -30.51
N ALA B 275 20.90 4.01 -30.96
CA ALA B 275 20.91 2.84 -30.11
C ALA B 275 21.93 3.02 -28.99
N THR B 276 21.60 2.55 -27.78
CA THR B 276 22.50 2.61 -26.61
C THR B 276 22.93 1.25 -26.15
N GLN B 277 22.11 0.24 -26.48
CA GLN B 277 22.41 -1.15 -26.18
C GLN B 277 22.36 -1.83 -27.52
N VAL B 278 23.32 -2.69 -27.81
CA VAL B 278 23.26 -3.44 -29.07
C VAL B 278 23.43 -4.91 -28.78
N ASN B 279 22.48 -5.72 -29.24
CA ASN B 279 22.47 -7.13 -28.93
C ASN B 279 22.62 -7.98 -30.17
N GLY B 280 23.39 -9.05 -30.08
CA GLY B 280 23.50 -9.96 -31.22
C GLY B 280 24.56 -11.05 -31.03
N ALA B 281 24.67 -11.94 -32.01
CA ALA B 281 25.79 -12.87 -32.02
C ALA B 281 27.05 -12.07 -32.20
N PRO B 282 28.18 -12.59 -31.70
CA PRO B 282 29.44 -11.83 -31.85
C PRO B 282 29.66 -11.38 -33.28
N SER B 283 29.29 -12.25 -34.22
CA SER B 283 29.57 -12.07 -35.63
C SER B 283 28.95 -10.84 -36.24
N ILE B 284 27.91 -10.29 -35.63
CA ILE B 284 27.33 -9.02 -36.13
C ILE B 284 28.31 -7.85 -36.17
N TRP B 285 29.38 -7.97 -35.39
CA TRP B 285 30.43 -6.96 -35.29
C TRP B 285 31.62 -7.14 -36.26
N ARG B 286 31.73 -8.34 -36.86
CA ARG B 286 32.90 -8.75 -37.68
C ARG B 286 33.27 -7.75 -38.78
N GLY B 287 32.30 -7.44 -39.63
CA GLY B 287 32.49 -6.50 -40.71
C GLY B 287 32.94 -5.12 -40.23
N ALA B 288 32.24 -4.54 -39.26
CA ALA B 288 32.56 -3.18 -38.80
C ALA B 288 33.97 -3.09 -38.18
N LEU B 289 34.33 -4.05 -37.32
CA LEU B 289 35.71 -4.12 -36.75
C LEU B 289 36.83 -4.38 -37.79
N ARG B 290 36.48 -5.05 -38.88
CA ARG B 290 37.43 -5.45 -39.90
C ARG B 290 37.55 -4.33 -40.94
N HIS B 291 36.44 -3.73 -41.37
CA HIS B 291 36.46 -2.81 -42.51
C HIS B 291 35.98 -1.40 -42.19
N GLU B 292 35.46 -1.13 -41.00
CA GLU B 292 34.80 0.16 -40.77
C GLU B 292 34.90 0.66 -39.33
N ALA B 293 36.10 0.48 -38.76
CA ALA B 293 36.33 0.72 -37.34
C ALA B 293 36.29 2.20 -37.01
N ASP B 294 36.49 3.05 -38.01
CA ASP B 294 36.53 4.49 -37.79
C ASP B 294 35.11 5.01 -37.59
N GLU B 295 34.24 4.64 -38.52
CA GLU B 295 32.81 4.97 -38.44
C GLU B 295 32.16 4.44 -37.15
N LEU B 296 32.50 3.20 -36.81
CA LEU B 296 31.96 2.52 -35.62
C LEU B 296 32.32 3.23 -34.33
N ALA B 297 33.59 3.62 -34.20
CA ALA B 297 34.08 4.41 -33.06
C ALA B 297 33.46 5.79 -32.95
N ALA B 298 32.91 6.32 -34.04
CA ALA B 298 32.07 7.52 -33.99
C ALA B 298 30.79 7.37 -33.14
N LEU B 299 30.40 6.12 -32.87
CA LEU B 299 29.28 5.82 -31.96
C LEU B 299 29.71 5.60 -30.52
N GLY B 300 31.02 5.65 -30.26
CA GLY B 300 31.62 5.31 -28.98
C GLY B 300 31.03 6.01 -27.77
N GLY B 301 30.52 7.24 -27.97
CA GLY B 301 29.94 8.05 -26.90
C GLY B 301 28.50 7.71 -26.58
N ARG B 302 27.80 7.16 -27.57
CA ARG B 302 26.36 6.87 -27.44
C ARG B 302 26.05 5.43 -26.93
N ILE B 303 26.88 4.46 -27.28
CA ILE B 303 26.63 3.05 -26.96
C ILE B 303 27.23 2.68 -25.61
N ARG B 304 26.36 2.34 -24.67
CA ARG B 304 26.81 2.05 -23.32
C ARG B 304 26.78 0.55 -23.02
N GLY B 305 26.25 -0.26 -23.92
CA GLY B 305 26.19 -1.69 -23.69
C GLY B 305 26.10 -2.52 -24.93
N VAL B 306 26.71 -3.69 -24.87
CA VAL B 306 26.65 -4.65 -25.95
C VAL B 306 26.53 -6.05 -25.39
N LEU B 307 25.60 -6.81 -25.91
CA LEU B 307 25.34 -8.16 -25.38
C LEU B 307 25.50 -9.18 -26.47
N PHE B 308 26.09 -10.31 -26.14
CA PHE B 308 26.27 -11.40 -27.12
C PHE B 308 25.95 -12.72 -26.48
N SER B 309 25.41 -13.64 -27.27
CA SER B 309 25.30 -15.04 -26.86
C SER B 309 25.44 -15.92 -28.04
N GLY B 310 25.42 -17.22 -27.82
CA GLY B 310 25.37 -18.16 -28.94
C GLY B 310 26.67 -18.84 -29.19
N GLU B 311 27.67 -18.05 -29.62
CA GLU B 311 29.06 -18.48 -29.84
C GLU B 311 29.96 -17.73 -28.83
N PRO B 312 31.18 -18.23 -28.59
CA PRO B 312 32.16 -17.38 -27.88
C PRO B 312 32.59 -16.19 -28.72
N PHE B 313 32.98 -15.09 -28.06
CA PHE B 313 33.56 -13.91 -28.71
C PHE B 313 35.11 -14.08 -28.80
N PRO B 314 35.66 -14.10 -30.01
CA PRO B 314 37.11 -14.23 -30.09
C PRO B 314 37.75 -12.97 -29.54
N LEU B 315 38.79 -13.13 -28.72
CA LEU B 315 39.35 -12.04 -27.94
C LEU B 315 39.98 -10.88 -28.74
N PRO B 316 40.83 -11.17 -29.72
CA PRO B 316 41.15 -10.12 -30.68
C PRO B 316 39.98 -9.15 -30.98
N GLU B 317 38.86 -9.70 -31.46
CA GLU B 317 37.69 -8.87 -31.80
C GLU B 317 37.07 -8.20 -30.58
N VAL B 318 37.07 -8.87 -29.43
CA VAL B 318 36.46 -8.28 -28.24
C VAL B 318 37.27 -7.04 -27.84
N ARG B 319 38.60 -7.15 -27.91
CA ARG B 319 39.48 -6.02 -27.62
C ARG B 319 39.29 -4.89 -28.63
N ALA B 320 39.26 -5.23 -29.91
CA ALA B 320 38.93 -4.24 -30.93
C ALA B 320 37.66 -3.48 -30.61
N LEU B 321 36.63 -4.20 -30.14
CA LEU B 321 35.32 -3.58 -29.92
C LEU B 321 35.33 -2.71 -28.67
N GLN B 322 36.02 -3.18 -27.63
CA GLN B 322 36.25 -2.38 -26.44
C GLN B 322 36.87 -1.03 -26.78
N GLN B 323 37.89 -1.04 -27.62
CA GLN B 323 38.58 0.18 -28.03
C GLN B 323 37.73 1.07 -28.91
N ALA B 324 36.98 0.50 -29.84
CA ALA B 324 36.10 1.31 -30.68
C ALA B 324 34.96 1.91 -29.89
N LEU B 325 34.48 1.20 -28.86
CA LEU B 325 33.36 1.66 -28.01
C LEU B 325 33.84 1.68 -26.57
N PRO B 326 34.44 2.79 -26.15
CA PRO B 326 35.10 2.78 -24.84
C PRO B 326 34.15 2.87 -23.64
N LEU B 327 32.93 3.34 -23.87
CA LEU B 327 31.92 3.40 -22.81
C LEU B 327 31.13 2.10 -22.62
N ALA B 328 31.21 1.20 -23.61
CA ALA B 328 30.36 0.00 -23.67
C ALA B 328 30.66 -1.03 -22.60
N ARG B 329 29.62 -1.41 -21.86
CA ARG B 329 29.65 -2.56 -20.98
C ARG B 329 29.34 -3.75 -21.88
N ILE B 330 30.26 -4.66 -22.01
CA ILE B 330 30.01 -5.82 -22.87
C ILE B 330 29.63 -6.97 -21.96
N VAL B 331 28.45 -7.55 -22.18
CA VAL B 331 28.04 -8.68 -21.36
C VAL B 331 27.83 -9.94 -22.20
N ASN B 332 28.42 -11.01 -21.69
CA ASN B 332 28.35 -12.33 -22.27
C ASN B 332 27.13 -13.04 -21.70
N CYS B 333 26.13 -13.23 -22.56
CA CYS B 333 24.97 -14.03 -22.21
C CYS B 333 25.22 -15.52 -22.58
N PHE B 334 25.29 -16.41 -21.59
CA PHE B 334 25.45 -17.84 -21.83
C PHE B 334 24.25 -18.61 -21.36
N GLY B 335 23.78 -19.51 -22.22
CA GLY B 335 22.78 -20.52 -21.86
C GLY B 335 22.08 -21.04 -23.11
N SER B 336 20.85 -21.50 -22.95
CA SER B 336 20.17 -22.26 -24.01
C SER B 336 18.67 -22.04 -24.11
N THR B 337 18.19 -22.03 -25.34
CA THR B 337 16.76 -21.98 -25.64
C THR B 337 15.94 -22.69 -24.58
N GLU B 338 16.30 -23.94 -24.25
CA GLU B 338 15.63 -24.63 -23.18
C GLU B 338 15.44 -23.84 -21.88
N SER B 339 16.13 -22.69 -21.72
CA SER B 339 15.81 -21.74 -20.65
C SER B 339 15.98 -20.26 -21.05
N VAL B 340 15.90 -20.03 -22.36
CA VAL B 340 16.40 -18.82 -23.04
C VAL B 340 17.92 -18.73 -22.84
N ALA B 341 18.29 -18.57 -21.56
CA ALA B 341 19.67 -18.49 -21.12
C ALA B 341 19.77 -18.54 -19.58
N ALA B 342 21.01 -18.41 -19.11
CA ALA B 342 21.37 -18.73 -17.74
C ALA B 342 22.25 -17.72 -17.04
N SER B 343 23.27 -17.22 -17.74
CA SER B 343 24.22 -16.33 -17.11
C SER B 343 24.49 -15.10 -17.93
N PHE B 344 24.68 -14.00 -17.21
CA PHE B 344 25.13 -12.72 -17.78
C PHE B 344 26.41 -12.31 -17.07
N THR B 345 27.43 -11.97 -17.85
CA THR B 345 28.77 -11.86 -17.29
C THR B 345 29.54 -10.74 -17.95
N ASP B 346 30.01 -9.83 -17.13
CA ASP B 346 30.67 -8.66 -17.66
C ASP B 346 32.04 -9.06 -18.18
N VAL B 347 32.30 -8.69 -19.43
CA VAL B 347 33.64 -8.81 -20.01
C VAL B 347 34.55 -7.76 -19.34
N PRO B 348 35.66 -8.20 -18.75
CA PRO B 348 36.45 -7.24 -18.02
C PRO B 348 37.13 -6.20 -18.92
N ARG B 349 37.28 -4.95 -18.44
CA ARG B 349 37.92 -3.89 -19.25
C ARG B 349 39.24 -3.36 -18.65
N PRO B 350 40.35 -3.49 -19.38
CA PRO B 350 40.49 -4.22 -20.62
C PRO B 350 40.70 -5.68 -20.29
N VAL B 351 40.69 -6.50 -21.32
CA VAL B 351 40.79 -7.94 -21.16
C VAL B 351 42.23 -8.30 -20.84
N PRO B 352 42.48 -8.91 -19.66
CA PRO B 352 43.85 -9.28 -19.31
C PRO B 352 44.53 -10.18 -20.35
N ASP B 353 45.87 -10.20 -20.31
CA ASP B 353 46.65 -11.35 -20.78
C ASP B 353 46.46 -12.49 -19.77
N GLY B 354 46.82 -13.70 -20.23
CA GLY B 354 46.59 -14.95 -19.51
C GLY B 354 45.13 -15.25 -19.26
N LEU B 355 44.27 -14.59 -20.05
CA LEU B 355 42.85 -14.87 -20.11
C LEU B 355 42.53 -15.73 -21.31
N THR B 356 42.32 -17.03 -21.12
CA THR B 356 42.28 -17.91 -22.31
C THR B 356 40.98 -17.73 -23.05
N LYS B 357 40.00 -17.13 -22.36
CA LYS B 357 38.57 -17.23 -22.62
C LYS B 357 37.81 -16.25 -21.69
N LEU B 358 36.66 -15.74 -22.12
CA LEU B 358 35.82 -14.93 -21.26
C LEU B 358 34.95 -15.82 -20.36
N SER B 359 34.64 -15.31 -19.17
CA SER B 359 33.90 -16.07 -18.21
C SER B 359 32.45 -16.04 -18.58
N ILE B 360 31.72 -17.07 -18.14
CA ILE B 360 30.30 -17.15 -18.31
C ILE B 360 29.67 -17.07 -16.94
N GLY B 361 30.44 -16.65 -15.93
CA GLY B 361 29.93 -16.21 -14.62
C GLY B 361 29.28 -17.28 -13.78
N HIS B 362 28.12 -16.93 -13.22
CA HIS B 362 27.30 -17.85 -12.47
C HIS B 362 25.85 -17.55 -12.86
N ALA B 363 24.98 -18.51 -12.63
CA ALA B 363 23.59 -18.29 -12.97
C ALA B 363 23.02 -16.96 -12.39
N HIS B 364 22.03 -16.38 -13.08
CA HIS B 364 21.35 -15.23 -12.54
C HIS B 364 20.67 -15.60 -11.27
N PRO B 365 20.27 -14.59 -10.48
CA PRO B 365 19.60 -14.88 -9.21
C PRO B 365 18.48 -15.89 -9.44
N GLY B 366 18.35 -16.82 -8.54
CA GLY B 366 17.27 -17.81 -8.70
C GLY B 366 17.61 -18.90 -9.70
N ALA B 367 18.86 -18.92 -10.17
CA ALA B 367 19.30 -20.03 -10.98
C ALA B 367 20.66 -20.56 -10.54
N GLU B 368 20.91 -21.85 -10.87
CA GLU B 368 22.16 -22.52 -10.55
C GLU B 368 22.52 -23.51 -11.65
N MET B 369 23.72 -23.33 -12.20
CA MET B 369 24.31 -24.30 -13.12
C MET B 369 25.23 -25.23 -12.35
N MET B 370 24.76 -26.45 -12.06
CA MET B 370 25.55 -27.37 -11.28
C MET B 370 26.50 -28.09 -12.19
N LEU B 371 27.70 -28.32 -11.68
CA LEU B 371 28.68 -29.07 -12.37
C LEU B 371 28.65 -30.48 -11.79
N LEU B 372 28.34 -31.46 -12.64
CA LEU B 372 28.32 -32.87 -12.22
C LEU B 372 29.32 -33.67 -13.01
N ASP B 373 29.90 -34.69 -12.40
CA ASP B 373 30.74 -35.60 -13.17
C ASP B 373 29.93 -36.63 -13.99
N ASP B 374 30.63 -37.45 -14.74
CA ASP B 374 30.04 -38.54 -15.56
C ASP B 374 28.93 -39.35 -14.86
N ASP B 375 29.04 -39.59 -13.56
CA ASP B 375 28.05 -40.40 -12.84
C ASP B 375 27.09 -39.51 -12.09
N GLY B 376 26.98 -38.28 -12.55
CA GLY B 376 26.14 -37.28 -11.89
C GLY B 376 26.51 -36.99 -10.46
N VAL B 377 27.78 -37.09 -10.08
CA VAL B 377 28.22 -36.78 -8.70
C VAL B 377 28.77 -35.36 -8.74
N PRO B 378 28.39 -34.51 -7.79
CA PRO B 378 28.83 -33.10 -7.88
C PRO B 378 30.34 -32.89 -7.91
N VAL B 379 30.77 -31.87 -8.65
CA VAL B 379 32.15 -31.44 -8.65
C VAL B 379 32.31 -30.26 -7.71
N THR B 380 33.08 -30.45 -6.64
CA THR B 380 33.35 -29.42 -5.64
C THR B 380 34.75 -28.80 -5.75
N GLU B 381 35.66 -29.47 -6.47
CA GLU B 381 37.02 -28.98 -6.79
C GLU B 381 37.06 -27.80 -7.76
N PRO B 382 37.73 -26.71 -7.40
CA PRO B 382 37.84 -25.69 -8.46
C PRO B 382 38.72 -26.14 -9.62
N GLY B 383 38.48 -25.54 -10.79
CA GLY B 383 39.27 -25.83 -11.97
C GLY B 383 38.94 -27.15 -12.64
N VAL B 384 38.09 -27.96 -12.03
CA VAL B 384 37.74 -29.24 -12.61
C VAL B 384 36.51 -29.09 -13.50
N THR B 385 36.59 -29.62 -14.72
CA THR B 385 35.47 -29.64 -15.65
C THR B 385 34.38 -30.65 -15.25
N GLY B 386 33.13 -30.23 -15.44
CA GLY B 386 31.92 -30.98 -15.05
C GLY B 386 30.85 -30.68 -16.08
N HIS B 387 29.72 -31.41 -16.01
N HIS B 387 29.72 -31.38 -15.99
CA HIS B 387 28.60 -31.27 -16.96
CA HIS B 387 28.62 -31.21 -16.93
C HIS B 387 27.54 -30.37 -16.34
C HIS B 387 27.54 -30.36 -16.34
N ILE B 388 27.19 -29.25 -17.00
CA ILE B 388 26.27 -28.27 -16.41
C ILE B 388 24.87 -28.84 -16.36
N HIS B 389 24.30 -28.85 -15.16
CA HIS B 389 22.89 -29.19 -14.97
C HIS B 389 22.25 -27.98 -14.34
N LEU B 390 21.28 -27.40 -15.07
CA LEU B 390 20.62 -26.16 -14.76
C LEU B 390 19.34 -26.35 -13.97
N ARG B 391 19.18 -25.57 -12.89
CA ARG B 391 17.96 -25.58 -12.10
C ARG B 391 17.53 -24.17 -11.93
N SER B 392 16.27 -23.93 -12.31
CA SER B 392 15.76 -22.55 -12.44
C SER B 392 14.27 -22.58 -12.40
N GLY B 393 13.68 -21.42 -12.53
CA GLY B 393 12.23 -21.29 -12.70
C GLY B 393 11.91 -21.14 -14.15
N SER B 394 12.91 -21.31 -14.99
CA SER B 394 12.92 -20.93 -16.42
C SER B 394 12.83 -22.14 -17.45
N LEU B 395 12.89 -23.37 -16.96
CA LEU B 395 13.05 -24.54 -17.85
C LEU B 395 11.90 -24.80 -18.84
N PHE B 396 12.26 -25.09 -20.09
CA PHE B 396 11.28 -25.58 -21.10
C PHE B 396 10.43 -26.68 -20.53
N THR B 397 9.17 -26.71 -20.93
CA THR B 397 8.25 -27.73 -20.40
C THR B 397 8.67 -29.16 -20.92
N GLY B 398 9.12 -29.21 -22.18
CA GLY B 398 9.49 -30.47 -22.86
C GLY B 398 9.66 -30.15 -24.35
N TYR B 399 10.08 -31.16 -25.10
CA TYR B 399 10.15 -31.03 -26.55
C TYR B 399 8.84 -31.58 -27.14
N TRP B 400 8.32 -30.88 -28.12
CA TRP B 400 7.01 -31.16 -28.70
C TRP B 400 6.88 -32.58 -29.31
N GLY B 401 6.04 -33.37 -28.70
CA GLY B 401 5.69 -34.68 -29.21
C GLY B 401 6.83 -35.64 -29.16
N ASP B 402 7.77 -35.40 -28.24
CA ASP B 402 8.99 -36.16 -28.18
C ASP B 402 9.39 -36.35 -26.73
N PRO B 403 8.67 -37.21 -26.02
CA PRO B 403 8.94 -37.43 -24.61
C PRO B 403 10.29 -38.03 -24.33
N GLU B 404 10.84 -38.80 -25.25
CA GLU B 404 12.06 -39.53 -25.00
C GLU B 404 13.20 -38.57 -24.91
N ALA B 405 13.24 -37.65 -25.86
CA ALA B 405 14.16 -36.49 -25.83
C ALA B 405 13.93 -35.60 -24.61
N THR B 406 12.69 -35.34 -24.31
CA THR B 406 12.37 -34.62 -23.13
C THR B 406 12.99 -35.29 -21.88
N ALA B 407 12.97 -36.63 -21.82
CA ALA B 407 13.34 -37.37 -20.59
C ALA B 407 14.83 -37.51 -20.44
N ARG B 408 15.54 -37.38 -21.57
CA ARG B 408 17.00 -37.34 -21.61
C ARG B 408 17.54 -35.99 -21.24
N ALA B 409 16.82 -34.95 -21.61
CA ALA B 409 17.20 -33.59 -21.30
C ALA B 409 16.80 -33.17 -19.89
N LEU B 410 15.56 -33.43 -19.45
CA LEU B 410 15.15 -32.99 -18.11
C LEU B 410 15.18 -34.21 -17.22
N VAL B 411 16.33 -34.46 -16.63
CA VAL B 411 16.54 -35.65 -15.82
C VAL B 411 16.17 -35.43 -14.38
N PRO B 412 15.87 -36.51 -13.68
CA PRO B 412 15.66 -36.33 -12.24
C PRO B 412 16.88 -35.66 -11.63
N ASP B 413 16.74 -34.90 -10.55
CA ASP B 413 17.84 -34.10 -10.08
C ASP B 413 18.76 -34.98 -9.28
N PRO B 414 19.97 -35.21 -9.78
CA PRO B 414 20.94 -36.12 -9.18
C PRO B 414 21.39 -35.73 -7.79
N THR B 415 21.35 -34.46 -7.46
CA THR B 415 21.75 -34.02 -6.12
C THR B 415 20.67 -34.33 -5.09
N ASN B 416 19.44 -34.56 -5.53
CA ASN B 416 18.32 -34.78 -4.62
C ASN B 416 17.13 -35.36 -5.40
N PRO B 417 17.22 -36.62 -5.88
CA PRO B 417 16.26 -37.20 -6.83
C PRO B 417 14.91 -37.56 -6.27
N MET B 418 14.83 -37.74 -4.97
CA MET B 418 13.55 -38.03 -4.31
C MET B 418 12.55 -36.90 -4.27
N THR B 419 12.95 -35.67 -4.60
CA THR B 419 11.98 -34.53 -4.60
C THR B 419 11.02 -34.60 -5.76
N GLY B 420 11.42 -35.23 -6.85
CA GLY B 420 10.56 -35.28 -8.03
C GLY B 420 11.01 -34.22 -8.99
N GLN B 421 11.92 -33.37 -8.53
CA GLN B 421 12.28 -32.17 -9.27
C GLN B 421 13.13 -32.54 -10.38
N THR B 422 12.93 -31.83 -11.46
CA THR B 422 13.68 -32.11 -12.64
C THR B 422 14.69 -30.98 -12.97
N VAL B 423 15.69 -31.32 -13.75
CA VAL B 423 16.86 -30.47 -13.91
C VAL B 423 17.34 -30.69 -15.32
N PHE B 424 17.90 -29.68 -15.91
CA PHE B 424 18.21 -29.69 -17.36
C PHE B 424 19.66 -30.05 -17.67
N ARG B 425 19.85 -31.17 -18.35
CA ARG B 425 21.14 -31.72 -18.70
C ARG B 425 21.64 -31.03 -19.97
N THR B 426 22.42 -29.98 -19.81
CA THR B 426 22.66 -29.07 -20.92
C THR B 426 23.50 -29.63 -22.04
N GLY B 427 24.36 -30.60 -21.76
CA GLY B 427 25.41 -31.01 -22.71
C GLY B 427 26.60 -30.04 -22.83
N ASP B 428 26.72 -29.14 -21.87
CA ASP B 428 27.81 -28.17 -21.85
C ASP B 428 28.72 -28.46 -20.69
N LEU B 429 30.03 -28.35 -20.93
CA LEU B 429 31.05 -28.59 -19.92
C LEU B 429 31.54 -27.24 -19.44
N ALA B 430 31.96 -27.20 -18.17
CA ALA B 430 32.60 -26.03 -17.60
C ALA B 430 33.34 -26.35 -16.34
N HIS B 431 34.28 -25.49 -15.99
CA HIS B 431 34.90 -25.57 -14.68
C HIS B 431 34.70 -24.23 -13.95
N ARG B 432 34.92 -24.24 -12.66
CA ARG B 432 34.68 -23.06 -11.87
C ARG B 432 35.99 -22.65 -11.26
N ASP B 433 36.25 -21.34 -11.23
CA ASP B 433 37.44 -20.88 -10.59
C ASP B 433 37.17 -20.69 -9.10
N ALA B 434 38.22 -20.31 -8.39
CA ALA B 434 38.19 -20.19 -6.92
C ALA B 434 37.30 -19.08 -6.45
N THR B 435 36.97 -18.14 -7.34
CA THR B 435 36.04 -17.05 -7.00
C THR B 435 34.58 -17.41 -7.32
N GLY B 436 34.39 -18.63 -7.86
CA GLY B 436 33.06 -19.20 -8.20
C GLY B 436 32.54 -18.95 -9.61
N GLU B 437 33.40 -18.46 -10.50
CA GLU B 437 33.03 -18.15 -11.88
C GLU B 437 33.29 -19.33 -12.90
N LEU B 438 32.45 -19.42 -13.90
CA LEU B 438 32.48 -20.54 -14.80
C LEU B 438 33.18 -20.17 -16.10
N TYR B 439 33.84 -21.18 -16.68
CA TYR B 439 34.52 -21.07 -17.95
C TYR B 439 34.01 -22.25 -18.76
N PHE B 440 33.49 -21.89 -19.94
CA PHE B 440 32.95 -22.84 -20.89
C PHE B 440 34.03 -23.73 -21.49
N ASP B 441 33.92 -25.02 -21.22
CA ASP B 441 34.88 -25.96 -21.76
C ASP B 441 34.40 -26.66 -23.01
N GLY B 442 33.27 -26.28 -23.59
CA GLY B 442 32.77 -26.92 -24.83
C GLY B 442 31.70 -27.97 -24.55
N ARG B 443 31.42 -28.81 -25.55
CA ARG B 443 30.30 -29.77 -25.47
C ARG B 443 30.74 -31.17 -25.09
N ALA B 444 29.83 -31.93 -24.53
CA ALA B 444 30.04 -33.37 -24.21
C ALA B 444 29.67 -34.29 -25.34
N ASP B 445 28.91 -33.77 -26.30
CA ASP B 445 28.63 -34.45 -27.55
C ASP B 445 29.41 -33.75 -28.66
N ASN B 446 28.84 -33.68 -29.87
CA ASN B 446 29.54 -33.05 -30.98
C ASN B 446 28.70 -31.97 -31.54
N GLN B 447 27.90 -31.38 -30.67
CA GLN B 447 27.02 -30.32 -31.10
C GLN B 447 27.88 -29.14 -31.44
N VAL B 448 27.47 -28.44 -32.48
CA VAL B 448 28.24 -27.36 -33.05
C VAL B 448 27.25 -26.25 -33.36
N LYS B 449 27.71 -25.05 -33.65
CA LYS B 449 26.80 -23.99 -34.06
C LYS B 449 27.19 -23.48 -35.45
N ILE B 450 26.21 -23.35 -36.33
CA ILE B 450 26.45 -22.90 -37.71
C ILE B 450 25.34 -21.92 -38.05
N ARG B 451 25.73 -20.66 -38.30
CA ARG B 451 24.77 -19.57 -38.45
C ARG B 451 23.88 -19.44 -37.21
N GLY B 452 24.41 -19.83 -36.05
CA GLY B 452 23.63 -19.89 -34.82
C GLY B 452 22.68 -21.07 -34.67
N ASN B 453 22.62 -21.98 -35.65
CA ASN B 453 21.73 -23.15 -35.53
C ASN B 453 22.47 -24.36 -34.99
N ARG B 454 21.85 -25.03 -34.04
CA ARG B 454 22.47 -26.19 -33.41
C ARG B 454 22.59 -27.34 -34.41
N VAL B 455 23.82 -27.76 -34.67
CA VAL B 455 24.09 -28.90 -35.56
C VAL B 455 24.88 -29.99 -34.84
N GLU B 456 24.37 -31.21 -34.89
CA GLU B 456 25.05 -32.32 -34.23
C GLU B 456 25.92 -32.92 -35.29
N LEU B 457 27.23 -32.93 -35.07
CA LEU B 457 28.12 -33.40 -36.10
C LEU B 457 28.02 -34.88 -36.30
N THR B 458 27.57 -35.62 -35.31
CA THR B 458 27.40 -37.05 -35.48
C THR B 458 26.27 -37.38 -36.46
N GLU B 459 25.31 -36.48 -36.63
CA GLU B 459 24.22 -36.70 -37.57
C GLU B 459 24.61 -36.38 -39.00
N VAL B 460 25.56 -35.48 -39.18
CA VAL B 460 26.14 -35.28 -40.49
C VAL B 460 26.92 -36.54 -40.88
N GLU B 461 27.71 -37.05 -39.94
CA GLU B 461 28.52 -38.24 -40.15
C GLU B 461 27.68 -39.46 -40.52
N ARG B 462 26.64 -39.73 -39.74
CA ARG B 462 25.77 -40.90 -40.00
C ARG B 462 25.13 -40.85 -41.38
N ARG B 463 24.61 -39.69 -41.75
CA ARG B 463 23.99 -39.49 -43.05
C ARG B 463 25.03 -39.70 -44.14
N VAL B 464 26.19 -39.08 -44.03
CA VAL B 464 27.19 -39.26 -45.07
C VAL B 464 27.55 -40.76 -45.18
N ALA B 465 27.56 -41.45 -44.05
CA ALA B 465 27.96 -42.85 -44.03
C ALA B 465 26.93 -43.77 -44.64
N GLU B 466 25.70 -43.31 -44.77
CA GLU B 466 24.71 -44.13 -45.42
C GLU B 466 24.64 -43.89 -46.93
N PHE B 467 25.49 -43.00 -47.45
CA PHE B 467 25.75 -42.94 -48.89
C PHE B 467 26.46 -44.26 -49.19
N THR B 468 26.15 -44.90 -50.32
CA THR B 468 26.73 -46.19 -50.63
C THR B 468 28.14 -45.94 -51.19
N GLY B 469 29.06 -46.79 -50.76
CA GLY B 469 30.48 -46.63 -51.07
C GLY B 469 31.26 -45.87 -50.01
N VAL B 470 30.56 -45.31 -49.03
CA VAL B 470 31.22 -44.76 -47.87
C VAL B 470 31.10 -45.75 -46.74
N ALA B 471 32.23 -46.00 -46.08
CA ALA B 471 32.29 -46.87 -44.90
C ALA B 471 32.20 -46.03 -43.62
N ALA B 472 32.97 -44.95 -43.56
CA ALA B 472 32.95 -44.08 -42.39
C ALA B 472 33.19 -42.63 -42.78
N ALA B 473 32.67 -41.71 -41.97
CA ALA B 473 32.90 -40.28 -42.18
C ALA B 473 33.25 -39.55 -40.87
N SER B 474 33.91 -38.41 -41.00
CA SER B 474 34.17 -37.57 -39.85
C SER B 474 34.00 -36.11 -40.17
N ALA B 475 33.06 -35.49 -39.47
CA ALA B 475 32.76 -34.09 -39.69
C ALA B 475 33.53 -33.24 -38.71
N VAL B 476 33.86 -32.04 -39.11
CA VAL B 476 34.49 -31.12 -38.20
C VAL B 476 34.35 -29.69 -38.70
N LEU B 477 34.31 -28.75 -37.76
CA LEU B 477 34.19 -27.34 -38.09
C LEU B 477 35.56 -26.66 -37.98
N LEU B 478 35.86 -25.70 -38.84
CA LEU B 478 37.11 -24.90 -38.77
C LEU B 478 36.81 -23.40 -38.75
N PRO B 479 37.35 -22.68 -37.75
CA PRO B 479 37.18 -21.22 -37.72
C PRO B 479 37.96 -20.45 -38.80
N ASP B 484 34.10 -16.33 -40.53
CA ASP B 484 33.21 -17.13 -41.39
C ASP B 484 33.63 -18.65 -41.40
N PRO B 485 33.16 -19.43 -40.41
CA PRO B 485 33.73 -20.77 -40.18
C PRO B 485 33.18 -21.87 -41.13
N VAL B 486 33.93 -22.96 -41.37
CA VAL B 486 33.58 -23.93 -42.45
C VAL B 486 33.42 -25.38 -42.02
N LEU B 487 32.42 -26.04 -42.55
CA LEU B 487 32.18 -27.44 -42.19
C LEU B 487 32.81 -28.41 -43.20
N ALA B 488 33.77 -29.20 -42.75
CA ALA B 488 34.36 -30.22 -43.60
C ALA B 488 33.99 -31.57 -43.10
N VAL B 489 33.87 -32.51 -44.03
CA VAL B 489 33.70 -33.90 -43.69
C VAL B 489 34.76 -34.71 -44.41
N PHE B 490 35.37 -35.63 -43.67
CA PHE B 490 36.40 -36.50 -44.18
C PHE B 490 35.79 -37.88 -44.25
N VAL B 491 36.05 -38.56 -45.35
CA VAL B 491 35.33 -39.76 -45.63
C VAL B 491 36.29 -40.87 -46.00
N GLU B 492 35.92 -42.08 -45.62
CA GLU B 492 36.68 -43.29 -45.92
C GLU B 492 35.80 -44.14 -46.84
N LEU B 493 36.25 -44.36 -48.08
CA LEU B 493 35.44 -45.12 -49.05
C LEU B 493 35.44 -46.56 -48.66
N SER B 494 34.31 -47.22 -48.82
CA SER B 494 34.24 -48.69 -48.68
C SER B 494 35.22 -49.34 -49.68
N PRO B 495 35.60 -50.61 -49.45
CA PRO B 495 36.65 -51.17 -50.28
C PRO B 495 36.05 -51.51 -51.64
N GLY B 496 36.67 -51.01 -52.71
CA GLY B 496 36.19 -51.23 -54.07
C GLY B 496 35.44 -50.07 -54.70
N ALA B 497 34.73 -49.31 -53.88
CA ALA B 497 33.89 -48.23 -54.36
C ALA B 497 34.70 -47.09 -54.91
N GLU B 498 34.17 -46.44 -55.92
CA GLU B 498 34.64 -45.13 -56.21
C GLU B 498 33.58 -44.09 -55.92
N PHE B 499 33.96 -42.83 -56.06
CA PHE B 499 33.31 -41.82 -55.27
C PHE B 499 33.05 -40.55 -56.03
N ASP B 500 31.80 -40.10 -55.96
CA ASP B 500 31.32 -38.94 -56.67
C ASP B 500 31.05 -37.75 -55.72
N GLU B 501 31.93 -36.76 -55.80
CA GLU B 501 31.89 -35.56 -54.94
C GLU B 501 30.47 -34.96 -54.82
N MET B 502 29.95 -34.49 -55.96
CA MET B 502 28.69 -33.75 -56.01
C MET B 502 27.47 -34.61 -55.66
N GLU B 503 27.57 -35.91 -55.93
CA GLU B 503 26.48 -36.85 -55.69
C GLU B 503 26.22 -36.97 -54.18
N LEU B 504 27.27 -36.78 -53.40
CA LEU B 504 27.11 -36.70 -51.95
C LEU B 504 26.53 -35.35 -51.49
N GLY B 505 27.11 -34.24 -51.93
CA GLY B 505 26.57 -32.92 -51.65
C GLY B 505 25.05 -32.87 -51.78
N ALA B 506 24.57 -33.41 -52.91
CA ALA B 506 23.11 -33.41 -53.20
C ALA B 506 22.35 -34.41 -52.32
N PHE B 507 22.98 -35.56 -52.07
CA PHE B 507 22.39 -36.63 -51.27
C PHE B 507 22.19 -36.22 -49.79
N CYS B 508 23.12 -35.43 -49.28
CA CYS B 508 23.00 -34.85 -47.93
C CYS B 508 21.80 -33.88 -47.82
N LEU B 509 21.66 -32.99 -48.80
CA LEU B 509 20.56 -32.01 -48.84
C LEU B 509 19.18 -32.67 -48.92
N GLU B 510 19.11 -33.89 -49.45
CA GLU B 510 17.86 -34.65 -49.47
C GLU B 510 17.16 -34.68 -48.10
N GLU B 511 17.95 -34.73 -47.03
CA GLU B 511 17.39 -34.78 -45.66
C GLU B 511 18.11 -33.92 -44.59
N LEU B 512 19.23 -33.30 -44.95
CA LEU B 512 19.90 -32.34 -44.08
C LEU B 512 19.63 -30.92 -44.59
N PRO B 513 19.30 -30.00 -43.67
CA PRO B 513 19.07 -28.61 -44.09
C PRO B 513 20.32 -27.98 -44.71
N ASP B 514 20.15 -26.76 -45.20
CA ASP B 514 21.21 -26.06 -45.91
C ASP B 514 22.41 -25.73 -44.99
N TYR B 515 22.16 -25.34 -43.74
CA TYR B 515 23.26 -25.05 -42.80
C TYR B 515 24.04 -26.30 -42.34
N MET B 516 23.49 -27.49 -42.60
CA MET B 516 24.14 -28.79 -42.29
C MET B 516 24.82 -29.50 -43.47
N ALA B 517 24.88 -28.83 -44.62
CA ALA B 517 25.53 -29.35 -45.80
C ALA B 517 27.04 -29.08 -45.73
N PRO B 518 27.87 -30.13 -45.99
CA PRO B 518 29.30 -29.88 -46.02
C PRO B 518 29.66 -28.87 -47.08
N GLN B 519 30.62 -28.01 -46.77
CA GLN B 519 31.20 -27.12 -47.77
C GLN B 519 32.50 -27.68 -48.36
N ARG B 520 33.07 -28.69 -47.70
CA ARG B 520 34.32 -29.28 -48.11
C ARG B 520 34.26 -30.76 -47.79
N ILE B 521 34.46 -31.59 -48.82
CA ILE B 521 34.55 -33.04 -48.66
C ILE B 521 35.95 -33.49 -49.10
N HIS B 522 36.63 -34.23 -48.25
CA HIS B 522 37.96 -34.73 -48.56
C HIS B 522 37.95 -36.25 -48.39
N VAL B 523 38.30 -36.97 -49.45
CA VAL B 523 38.46 -38.42 -49.36
C VAL B 523 39.82 -38.79 -48.71
N LEU B 524 39.82 -39.85 -47.90
CA LEU B 524 41.05 -40.42 -47.35
C LEU B 524 41.07 -41.95 -47.52
N ASP B 525 42.22 -42.55 -47.19
CA ASP B 525 42.36 -44.00 -47.27
C ASP B 525 41.92 -44.62 -45.97
N ALA B 526 42.30 -43.99 -44.86
CA ALA B 526 41.81 -44.40 -43.55
C ALA B 526 41.60 -43.20 -42.60
N LEU B 527 41.11 -43.50 -41.40
CA LEU B 527 40.83 -42.48 -40.40
C LEU B 527 41.65 -42.71 -39.11
N PRO B 528 42.57 -41.77 -38.80
CA PRO B 528 43.35 -41.85 -37.56
C PRO B 528 42.57 -42.28 -36.31
N ALA C 29 -12.48 2.32 11.46
CA ALA C 29 -11.67 2.43 10.21
C ALA C 29 -12.45 3.10 9.08
N GLN C 30 -13.72 2.77 8.93
CA GLN C 30 -14.64 3.58 8.09
C GLN C 30 -14.68 5.09 8.51
N ASN C 31 -14.49 5.34 9.81
CA ASN C 31 -14.53 6.70 10.39
C ASN C 31 -13.22 7.52 10.35
N PRO C 32 -13.28 8.70 9.76
CA PRO C 32 -12.10 9.58 9.80
C PRO C 32 -11.71 10.04 11.20
N VAL C 33 -10.40 10.08 11.50
CA VAL C 33 -9.84 10.31 12.84
C VAL C 33 -9.48 11.80 13.03
N GLU C 34 -10.46 12.57 13.55
CA GLU C 34 -10.33 14.03 13.74
C GLU C 34 -10.42 14.52 15.19
N ARG C 35 -10.56 13.59 16.15
CA ARG C 35 -10.60 13.89 17.59
C ARG C 35 -9.70 13.05 18.51
N LEU C 36 -9.40 13.63 19.64
CA LEU C 36 -8.28 13.23 20.42
C LEU C 36 -8.39 11.78 20.80
N HIS C 37 -9.56 11.39 21.32
CA HIS C 37 -9.78 10.07 21.84
C HIS C 37 -9.83 9.01 20.72
N GLU C 38 -10.30 9.42 19.53
CA GLU C 38 -10.32 8.52 18.35
C GLU C 38 -8.91 8.18 17.93
N PHE C 39 -7.96 9.05 18.28
CA PHE C 39 -6.55 8.90 17.86
C PHE C 39 -5.80 7.97 18.79
N LEU C 40 -6.01 8.17 20.08
CA LEU C 40 -5.24 7.50 21.09
C LEU C 40 -5.76 6.10 21.27
N LEU C 41 -6.94 5.81 20.74
CA LEU C 41 -7.50 4.49 20.89
C LEU C 41 -7.49 3.67 19.61
N THR C 42 -6.74 4.09 18.58
CA THR C 42 -6.58 3.24 17.37
C THR C 42 -5.92 1.85 17.70
N GLY C 43 -5.00 1.83 18.66
CA GLY C 43 -4.47 0.57 19.13
C GLY C 43 -5.54 -0.38 19.64
N ALA C 44 -6.72 0.12 19.99
CA ALA C 44 -7.76 -0.76 20.53
C ALA C 44 -8.39 -1.55 19.42
N ARG C 45 -8.29 -1.08 18.17
CA ARG C 45 -8.78 -1.90 17.02
C ARG C 45 -7.67 -2.76 16.50
N LEU C 46 -6.44 -2.24 16.42
CA LEU C 46 -5.36 -2.94 15.75
C LEU C 46 -4.66 -3.94 16.63
N THR C 47 -4.51 -3.66 17.92
CA THR C 47 -3.78 -4.53 18.84
C THR C 47 -4.43 -4.54 20.22
N PRO C 48 -5.63 -5.12 20.30
CA PRO C 48 -6.51 -4.94 21.50
C PRO C 48 -5.97 -5.54 22.75
N GLU C 49 -5.17 -6.58 22.60
CA GLU C 49 -4.70 -7.34 23.76
C GLU C 49 -3.32 -6.85 24.20
N LYS C 50 -2.69 -6.01 23.39
CA LYS C 50 -1.40 -5.41 23.74
C LYS C 50 -1.56 -4.57 25.00
N PRO C 51 -0.54 -4.55 25.85
CA PRO C 51 -0.65 -3.72 27.03
C PRO C 51 -0.49 -2.21 26.67
N ALA C 52 -1.40 -1.38 27.16
CA ALA C 52 -1.45 0.05 26.78
C ALA C 52 -0.89 0.92 27.88
N VAL C 53 -1.29 0.65 29.12
CA VAL C 53 -0.81 1.41 30.24
C VAL C 53 -0.47 0.52 31.41
N LEU C 54 0.74 0.62 31.93
CA LEU C 54 1.12 -0.08 33.12
C LEU C 54 0.27 0.39 34.31
N GLU C 55 -0.07 -0.52 35.22
CA GLU C 55 -0.91 -0.16 36.36
C GLU C 55 -0.81 -1.11 37.57
N LEU C 56 -0.68 -0.51 38.76
CA LEU C 56 -0.73 -1.20 40.07
C LEU C 56 -2.14 -1.68 40.48
N SER C 57 -2.33 -3.00 40.64
CA SER C 57 -3.62 -3.62 40.98
C SER C 57 -3.63 -4.16 42.43
N GLY C 58 -3.73 -3.23 43.37
CA GLY C 58 -3.55 -3.52 44.80
C GLY C 58 -2.12 -3.22 45.18
N THR C 59 -1.32 -4.26 45.32
CA THR C 59 0.16 -4.13 45.38
C THR C 59 0.83 -4.92 44.20
N GLU C 60 0.00 -5.67 43.47
CA GLU C 60 0.40 -6.52 42.35
C GLU C 60 0.42 -5.78 40.97
N PRO C 61 1.62 -5.55 40.43
CA PRO C 61 1.75 -4.89 39.12
C PRO C 61 0.99 -5.58 37.97
N GLY C 62 0.28 -4.81 37.16
CA GLY C 62 -0.49 -5.31 36.03
C GLY C 62 -0.44 -4.30 34.88
N TYR C 63 -1.26 -4.52 33.87
CA TYR C 63 -1.29 -3.68 32.69
C TYR C 63 -2.74 -3.55 32.28
N VAL C 64 -3.07 -2.40 31.75
CA VAL C 64 -4.34 -2.19 31.10
C VAL C 64 -4.08 -2.30 29.61
N SER C 65 -4.91 -3.04 28.91
CA SER C 65 -4.65 -3.33 27.49
C SER C 65 -5.47 -2.35 26.69
N TYR C 66 -5.05 -2.10 25.45
CA TYR C 66 -5.74 -1.18 24.59
C TYR C 66 -7.23 -1.38 24.65
N ARG C 67 -7.70 -2.63 24.68
CA ARG C 67 -9.15 -2.89 24.71
C ARG C 67 -9.74 -2.49 26.04
N GLN C 68 -9.04 -2.82 27.12
CA GLN C 68 -9.49 -2.52 28.46
C GLN C 68 -9.50 -1.02 28.71
N LEU C 69 -8.47 -0.34 28.22
CA LEU C 69 -8.42 1.10 28.26
C LEU C 69 -9.62 1.67 27.58
N ALA C 70 -9.97 1.16 26.42
CA ALA C 70 -11.16 1.66 25.72
C ALA C 70 -12.44 1.39 26.52
N ASN C 71 -12.51 0.28 27.24
CA ASN C 71 -13.70 -0.02 28.04
C ASN C 71 -13.84 0.91 29.24
N ARG C 72 -12.75 1.14 29.94
CA ARG C 72 -12.77 2.03 31.05
C ARG C 72 -13.17 3.44 30.53
N ALA C 73 -12.63 3.79 29.39
CA ALA C 73 -12.90 5.06 28.82
C ALA C 73 -14.38 5.24 28.63
N GLU C 74 -15.05 4.18 28.16
CA GLU C 74 -16.49 4.28 27.83
C GLU C 74 -17.39 4.03 29.04
N SER C 75 -16.86 3.25 29.98
CA SER C 75 -17.49 3.08 31.26
C SER C 75 -17.56 4.47 31.94
N TYR C 76 -16.47 5.21 31.92
CA TYR C 76 -16.46 6.59 32.40
C TYR C 76 -17.41 7.49 31.61
N ALA C 77 -17.47 7.34 30.29
CA ALA C 77 -18.30 8.25 29.46
C ALA C 77 -19.76 8.03 29.72
N ALA C 78 -20.15 6.81 30.00
CA ALA C 78 -21.53 6.55 30.35
C ALA C 78 -21.88 7.29 31.63
N ALA C 79 -21.02 7.23 32.64
CA ALA C 79 -21.27 7.95 33.91
C ALA C 79 -21.34 9.50 33.73
N LEU C 80 -20.59 10.01 32.76
CA LEU C 80 -20.50 11.41 32.57
C LEU C 80 -21.61 11.92 31.70
N GLY C 81 -21.98 11.14 30.71
CA GLY C 81 -22.79 11.65 29.62
C GLY C 81 -24.23 11.81 29.95
N GLY C 82 -24.63 11.35 31.13
CA GLY C 82 -26.02 11.49 31.58
C GLY C 82 -26.22 12.64 32.55
N LEU C 83 -25.25 13.56 32.62
CA LEU C 83 -25.24 14.58 33.63
C LEU C 83 -25.70 15.95 33.15
N GLY C 84 -26.12 16.04 31.90
CA GLY C 84 -26.64 17.30 31.34
C GLY C 84 -25.58 18.23 30.83
N LEU C 85 -24.33 17.75 30.79
CA LEU C 85 -23.19 18.54 30.35
C LEU C 85 -23.13 18.75 28.83
N ASP C 86 -22.87 20.01 28.43
CA ASP C 86 -22.75 20.38 27.03
C ASP C 86 -21.32 20.24 26.54
N ILE C 87 -21.17 20.05 25.24
CA ILE C 87 -19.86 20.14 24.59
C ILE C 87 -19.30 21.56 24.80
N GLY C 88 -18.06 21.63 25.27
CA GLY C 88 -17.43 22.90 25.67
C GLY C 88 -17.36 23.15 27.18
N ASP C 89 -18.26 22.53 27.95
CA ASP C 89 -18.16 22.56 29.41
C ASP C 89 -16.86 21.91 29.83
N ARG C 90 -16.21 22.52 30.82
CA ARG C 90 -14.86 22.13 31.20
C ARG C 90 -14.91 21.22 32.42
N VAL C 91 -13.90 20.39 32.55
CA VAL C 91 -13.85 19.40 33.62
C VAL C 91 -12.45 19.45 34.15
N VAL C 92 -12.29 19.43 35.44
CA VAL C 92 -10.94 19.48 35.97
C VAL C 92 -10.57 18.07 36.28
N LEU C 93 -9.31 17.70 36.01
CA LEU C 93 -8.83 16.36 36.26
C LEU C 93 -7.61 16.36 37.11
N GLU C 94 -7.78 15.99 38.38
CA GLU C 94 -6.68 16.03 39.33
C GLU C 94 -6.13 14.60 39.52
N SER C 95 -4.94 14.35 38.98
CA SER C 95 -4.31 13.09 39.14
C SER C 95 -2.89 13.21 38.77
N ASP C 96 -2.11 12.23 39.22
CA ASP C 96 -0.83 11.96 38.57
C ASP C 96 -1.17 11.16 37.32
N THR C 97 -0.25 11.13 36.37
CA THR C 97 -0.44 10.30 35.21
C THR C 97 -0.62 8.81 35.54
N SER C 98 -1.67 8.22 34.97
CA SER C 98 -2.09 6.86 35.26
C SER C 98 -3.13 6.44 34.26
N ALA C 99 -3.37 5.13 34.18
CA ALA C 99 -4.29 4.57 33.18
C ALA C 99 -5.70 5.10 33.36
N SER C 100 -6.14 5.27 34.61
CA SER C 100 -7.44 5.88 34.90
C SER C 100 -7.49 7.40 34.52
N ALA C 101 -6.40 8.14 34.70
CA ALA C 101 -6.38 9.51 34.25
C ALA C 101 -6.54 9.54 32.71
N ILE C 102 -5.92 8.58 32.01
CA ILE C 102 -5.97 8.56 30.55
C ILE C 102 -7.39 8.19 30.15
N ALA C 103 -7.93 7.22 30.85
CA ALA C 103 -9.35 6.89 30.63
C ALA C 103 -10.25 8.13 30.78
N ALA C 104 -10.07 8.89 31.88
CA ALA C 104 -10.89 10.09 32.14
C ALA C 104 -10.76 11.15 31.02
N LEU C 105 -9.54 11.45 30.58
CA LEU C 105 -9.39 12.39 29.51
C LEU C 105 -9.98 11.91 28.18
N LEU C 106 -9.87 10.61 27.93
CA LEU C 106 -10.47 9.94 26.77
C LEU C 106 -11.97 10.07 26.78
N ALA C 107 -12.57 9.77 27.93
CA ALA C 107 -14.01 10.04 28.13
C ALA C 107 -14.37 11.53 27.92
N CYS C 108 -13.69 12.44 28.65
CA CYS C 108 -13.95 13.84 28.45
C CYS C 108 -13.91 14.20 26.96
N SER C 109 -12.82 13.77 26.32
CA SER C 109 -12.71 14.03 24.90
C SER C 109 -13.89 13.43 24.14
N SER C 110 -14.36 12.24 24.55
CA SER C 110 -15.45 11.57 23.79
C SER C 110 -16.72 12.43 23.88
N LEU C 111 -16.83 13.27 24.90
CA LEU C 111 -18.03 14.07 25.11
C LEU C 111 -17.80 15.56 24.76
N GLY C 112 -16.61 15.91 24.31
CA GLY C 112 -16.37 17.27 23.85
C GLY C 112 -16.24 18.19 25.03
N LEU C 113 -15.90 17.60 26.16
CA LEU C 113 -15.71 18.29 27.37
C LEU C 113 -14.25 18.50 27.42
N PRO C 114 -13.79 19.74 27.24
CA PRO C 114 -12.37 19.96 27.32
C PRO C 114 -11.97 19.77 28.72
N PHE C 115 -10.75 19.32 28.97
CA PHE C 115 -10.35 18.94 30.32
C PHE C 115 -9.14 19.76 30.71
N VAL C 116 -9.01 19.94 32.01
CA VAL C 116 -7.98 20.75 32.60
C VAL C 116 -7.22 19.88 33.58
N PRO C 117 -6.02 19.46 33.20
CA PRO C 117 -5.30 18.62 34.10
C PRO C 117 -4.70 19.45 35.21
N VAL C 118 -4.67 18.86 36.39
CA VAL C 118 -4.09 19.46 37.56
C VAL C 118 -3.46 18.37 38.44
N THR C 119 -2.35 18.68 39.07
CA THR C 119 -1.57 17.69 39.76
C THR C 119 -1.85 17.83 41.24
N PRO C 120 -1.98 16.70 41.97
CA PRO C 120 -2.41 16.73 43.37
C PRO C 120 -1.56 17.57 44.32
N GLU C 121 -0.28 17.70 44.01
CA GLU C 121 0.64 18.63 44.69
C GLU C 121 0.33 20.13 44.53
N THR C 122 -0.79 20.46 43.87
CA THR C 122 -1.14 21.82 43.53
C THR C 122 -1.73 22.55 44.74
N PRO C 123 -1.15 23.71 45.13
CA PRO C 123 -1.69 24.55 46.20
C PRO C 123 -3.17 24.91 46.08
N ALA C 124 -3.90 24.74 47.17
CA ALA C 124 -5.30 25.09 47.22
C ALA C 124 -5.52 26.37 46.47
N LYS C 125 -4.77 27.40 46.84
CA LYS C 125 -4.93 28.75 46.28
C LYS C 125 -4.91 28.73 44.74
N ARG C 126 -3.92 28.04 44.17
CA ARG C 126 -3.76 27.92 42.72
C ARG C 126 -4.91 27.15 42.03
N LEU C 127 -5.37 26.06 42.64
CA LEU C 127 -6.45 25.26 42.05
C LEU C 127 -7.74 26.04 41.94
N LEU C 128 -8.10 26.74 43.01
CA LEU C 128 -9.40 27.42 43.03
C LEU C 128 -9.36 28.69 42.18
N ALA C 129 -8.15 29.20 41.93
CA ALA C 129 -7.95 30.26 40.93
C ALA C 129 -8.21 29.77 39.52
N VAL C 130 -7.81 28.53 39.24
CA VAL C 130 -8.08 27.86 37.97
C VAL C 130 -9.57 27.59 37.83
N VAL C 131 -10.16 27.00 38.87
CA VAL C 131 -11.59 26.68 38.88
C VAL C 131 -12.37 27.97 38.71
N ASP C 132 -11.97 29.00 39.46
CA ASP C 132 -12.64 30.27 39.42
C ASP C 132 -12.67 30.87 38.01
N THR C 133 -11.50 31.00 37.34
CA THR C 133 -11.43 31.61 35.99
C THR C 133 -12.02 30.75 34.88
N VAL C 134 -11.77 29.44 34.91
CA VAL C 134 -12.22 28.54 33.84
C VAL C 134 -13.69 28.12 34.02
N SER C 135 -14.23 28.44 35.20
CA SER C 135 -15.56 28.03 35.68
C SER C 135 -16.09 26.66 35.17
N PRO C 136 -15.44 25.59 35.59
CA PRO C 136 -15.78 24.26 35.06
C PRO C 136 -17.08 23.76 35.64
N ALA C 137 -17.77 22.94 34.86
CA ALA C 137 -18.96 22.25 35.34
C ALA C 137 -18.60 21.23 36.37
N LEU C 138 -17.43 20.63 36.30
CA LEU C 138 -17.19 19.38 37.03
C LEU C 138 -15.73 19.21 37.43
N TYR C 139 -15.50 18.80 38.67
CA TYR C 139 -14.16 18.44 39.16
C TYR C 139 -14.05 16.91 39.45
N LEU C 140 -12.93 16.30 39.08
CA LEU C 140 -12.76 14.87 39.32
C LEU C 140 -11.37 14.66 39.79
N GLN C 141 -11.19 13.85 40.83
CA GLN C 141 -9.86 13.44 41.25
C GLN C 141 -9.70 11.92 41.33
N ALA C 142 -8.48 11.48 41.56
CA ALA C 142 -8.18 10.05 41.72
C ALA C 142 -8.91 9.41 42.89
N GLU C 143 -9.04 8.07 42.89
CA GLU C 143 -9.72 7.34 43.97
C GLU C 143 -9.17 7.78 45.32
N GLY C 144 -7.84 7.88 45.40
CA GLY C 144 -7.19 8.18 46.67
C GLY C 144 -7.19 9.64 47.06
N GLY C 145 -7.74 10.50 46.20
CA GLY C 145 -7.59 11.95 46.31
C GLY C 145 -8.20 12.59 47.54
N ARG C 146 -7.37 13.31 48.28
CA ARG C 146 -7.76 13.85 49.57
C ARG C 146 -7.95 15.35 49.38
N ARG C 147 -8.76 15.72 48.40
CA ARG C 147 -8.99 17.12 48.08
C ARG C 147 -10.41 17.43 48.43
N GLU C 148 -10.60 18.64 48.96
CA GLU C 148 -11.93 19.18 49.25
C GLU C 148 -11.83 20.69 49.09
N GLY C 149 -12.97 21.36 49.16
CA GLY C 149 -13.00 22.83 49.22
C GLY C 149 -13.56 23.49 47.98
N LEU C 150 -14.19 22.69 47.12
CA LEU C 150 -14.65 23.21 45.84
C LEU C 150 -16.00 23.87 46.00
N PRO C 151 -16.23 24.96 45.26
CA PRO C 151 -17.57 25.54 45.27
C PRO C 151 -18.68 24.51 45.06
N GLU C 152 -19.80 24.68 45.76
CA GLU C 152 -20.99 23.86 45.51
C GLU C 152 -21.47 23.98 44.07
N SER C 153 -21.17 25.09 43.41
CA SER C 153 -21.53 25.28 41.98
C SER C 153 -20.83 24.24 41.08
N VAL C 154 -19.74 23.68 41.56
CA VAL C 154 -18.99 22.76 40.77
C VAL C 154 -19.25 21.29 41.12
N GLY C 155 -19.70 20.53 40.13
CA GLY C 155 -19.80 19.09 40.22
C GLY C 155 -18.54 18.45 40.76
N THR C 156 -18.71 17.40 41.55
CA THR C 156 -17.61 16.72 42.22
C THR C 156 -17.72 15.21 41.96
N GLY C 157 -16.60 14.55 41.70
CA GLY C 157 -16.62 13.09 41.44
C GLY C 157 -15.24 12.45 41.62
N ARG C 158 -15.16 11.15 41.40
CA ARG C 158 -13.93 10.41 41.57
C ARG C 158 -13.77 9.29 40.54
N PHE C 159 -12.53 8.95 40.27
CA PHE C 159 -12.26 7.85 39.35
C PHE C 159 -11.04 7.09 39.72
N GLY C 160 -11.14 5.81 39.34
CA GLY C 160 -10.08 4.83 39.48
C GLY C 160 -10.49 3.56 38.73
N PRO C 161 -9.69 2.49 38.90
CA PRO C 161 -9.91 1.19 38.19
C PRO C 161 -11.33 0.67 38.34
N GLY C 162 -11.90 0.82 39.53
CA GLY C 162 -13.25 0.37 39.83
C GLY C 162 -14.39 1.16 39.21
N GLY C 163 -14.12 2.33 38.62
CA GLY C 163 -15.16 3.08 37.88
C GLY C 163 -15.09 4.55 38.17
N LEU C 164 -16.03 5.29 37.61
CA LEU C 164 -16.14 6.73 37.86
C LEU C 164 -17.41 6.96 38.65
N VAL C 165 -17.30 7.50 39.87
CA VAL C 165 -18.49 7.86 40.64
C VAL C 165 -18.60 9.37 40.90
N ILE C 166 -19.76 9.93 40.58
CA ILE C 166 -20.11 11.33 40.93
C ILE C 166 -20.52 11.41 42.40
N GLU C 167 -20.10 12.47 43.09
CA GLU C 167 -20.57 12.77 44.44
C GLU C 167 -21.58 13.94 44.41
N ARG C 168 -21.15 15.13 43.99
CA ARG C 168 -22.06 16.25 43.84
C ARG C 168 -22.39 16.45 42.35
N ALA C 169 -23.64 16.27 41.96
CA ALA C 169 -23.99 16.43 40.55
C ALA C 169 -23.66 17.84 40.02
N PRO C 170 -23.14 17.92 38.78
CA PRO C 170 -22.88 19.23 38.20
C PRO C 170 -24.16 19.86 37.78
N ARG C 171 -24.23 21.19 37.79
CA ARG C 171 -25.36 21.88 37.16
C ARG C 171 -25.39 21.49 35.68
N PRO C 172 -26.56 21.12 35.17
CA PRO C 172 -26.61 20.85 33.72
C PRO C 172 -26.28 22.04 32.80
N GLY C 173 -25.74 21.73 31.63
CA GLY C 173 -25.47 22.75 30.66
C GLY C 173 -26.71 23.13 29.90
N ARG C 174 -26.47 23.89 28.83
CA ARG C 174 -27.53 24.45 27.98
C ARG C 174 -28.42 23.41 27.23
N GLY C 175 -27.91 22.19 27.05
CA GLY C 175 -28.52 21.23 26.14
C GLY C 175 -28.65 21.76 24.72
N PHE C 176 -27.64 22.47 24.22
CA PHE C 176 -27.70 23.15 22.92
C PHE C 176 -26.72 22.63 21.86
N ARG C 177 -25.50 22.42 22.30
CA ARG C 177 -24.44 21.94 21.45
C ARG C 177 -24.75 20.49 21.05
N ARG C 178 -24.30 20.10 19.87
CA ARG C 178 -24.66 18.80 19.30
C ARG C 178 -23.52 17.97 18.73
N GLU C 179 -22.51 18.60 18.12
CA GLU C 179 -21.37 17.88 17.51
C GLU C 179 -20.01 18.51 17.83
N VAL C 180 -18.97 17.70 17.97
CA VAL C 180 -17.61 18.20 18.24
C VAL C 180 -16.79 18.42 16.99
N ALA C 181 -16.31 19.64 16.80
CA ALA C 181 -15.61 19.98 15.59
C ALA C 181 -14.17 20.00 15.90
N PRO C 182 -13.36 19.64 14.91
CA PRO C 182 -11.93 19.70 15.11
C PRO C 182 -11.43 21.02 15.77
N ALA C 183 -11.97 22.19 15.40
CA ALA C 183 -11.55 23.50 16.04
C ALA C 183 -11.95 23.70 17.53
N ASP C 184 -12.97 22.98 17.99
CA ASP C 184 -13.42 22.92 19.40
C ASP C 184 -12.33 22.57 20.41
N PRO C 185 -12.43 23.08 21.66
CA PRO C 185 -11.37 22.76 22.61
C PRO C 185 -11.27 21.30 22.94
N ALA C 186 -10.06 20.85 23.23
CA ALA C 186 -9.81 19.49 23.62
C ALA C 186 -9.29 19.47 25.05
N TYR C 187 -8.38 20.37 25.38
CA TYR C 187 -7.92 20.51 26.76
C TYR C 187 -7.42 21.92 26.95
N MET C 188 -7.19 22.32 28.20
CA MET C 188 -6.50 23.56 28.54
C MET C 188 -5.44 23.36 29.64
N VAL C 189 -4.22 23.80 29.35
CA VAL C 189 -3.13 23.80 30.32
C VAL C 189 -2.88 25.22 30.95
N PHE C 190 -2.72 25.26 32.27
CA PHE C 190 -2.65 26.54 32.99
C PHE C 190 -1.27 26.95 33.53
N ARG C 197 -4.21 36.08 37.58
CA ARG C 197 -5.12 35.91 36.44
C ARG C 197 -4.62 34.77 35.50
N PRO C 198 -4.36 33.57 36.07
CA PRO C 198 -3.68 32.36 35.55
C PRO C 198 -3.98 32.07 34.07
N LYS C 199 -2.93 31.85 33.28
CA LYS C 199 -3.02 31.72 31.82
C LYS C 199 -3.33 30.26 31.34
N GLY C 200 -4.42 30.10 30.65
CA GLY C 200 -4.77 28.79 30.13
C GLY C 200 -4.53 28.83 28.66
N VAL C 201 -3.78 27.85 28.18
CA VAL C 201 -3.60 27.67 26.77
C VAL C 201 -4.65 26.71 26.33
N VAL C 202 -5.53 27.17 25.44
CA VAL C 202 -6.65 26.39 24.90
C VAL C 202 -6.21 25.73 23.63
N MET C 203 -6.25 24.39 23.59
CA MET C 203 -5.72 23.57 22.44
C MET C 203 -6.84 22.82 21.76
N SER C 204 -7.11 23.06 20.47
CA SER C 204 -8.14 22.30 19.78
C SER C 204 -7.81 20.81 19.52
N HIS C 205 -8.80 20.04 19.10
CA HIS C 205 -8.55 18.68 18.64
C HIS C 205 -7.54 18.62 17.51
N ARG C 206 -7.58 19.56 16.58
CA ARG C 206 -6.62 19.52 15.51
C ARG C 206 -5.26 19.91 15.99
N ALA C 207 -5.12 21.00 16.70
CA ALA C 207 -3.80 21.32 17.17
C ALA C 207 -3.13 20.03 17.73
N ILE C 208 -3.78 19.30 18.63
CA ILE C 208 -3.08 18.19 19.35
C ILE C 208 -2.84 16.98 18.41
N LEU C 209 -3.72 16.74 17.45
CA LEU C 209 -3.43 15.76 16.44
C LEU C 209 -2.30 16.15 15.46
N SER C 210 -2.10 17.41 15.13
CA SER C 210 -1.03 17.75 14.19
C SER C 210 0.25 17.59 14.88
N PHE C 211 0.31 18.05 16.12
CA PHE C 211 1.52 17.81 16.88
C PHE C 211 1.76 16.27 16.92
N TYR C 212 0.80 15.48 17.37
CA TYR C 212 0.98 14.00 17.41
C TYR C 212 1.47 13.48 16.07
N ARG C 213 0.84 13.90 14.98
CA ARG C 213 1.29 13.46 13.67
C ARG C 213 2.71 13.91 13.31
N GLY C 214 3.07 15.17 13.63
CA GLY C 214 4.49 15.61 13.51
C GLY C 214 5.49 14.73 14.29
N MET C 215 5.17 14.43 15.55
CA MET C 215 6.09 13.81 16.41
C MET C 215 6.31 12.39 15.91
N LEU C 216 5.26 11.70 15.48
CA LEU C 216 5.37 10.26 15.16
C LEU C 216 6.14 10.06 13.88
N SER C 217 6.19 11.11 13.05
CA SER C 217 6.92 11.09 11.79
C SER C 217 8.37 10.97 12.03
N GLN C 218 8.79 11.05 13.28
CA GLN C 218 10.20 10.94 13.67
C GLN C 218 10.62 9.55 14.16
N GLY C 219 9.70 8.61 14.29
CA GLY C 219 10.13 7.23 14.63
C GLY C 219 10.96 7.18 15.89
N ILE C 220 10.56 7.91 16.90
CA ILE C 220 11.28 7.93 18.19
C ILE C 220 11.06 6.64 18.94
N VAL C 221 10.02 5.89 18.56
CA VAL C 221 9.53 4.77 19.36
C VAL C 221 8.90 3.71 18.45
N GLY C 222 8.75 2.49 18.94
CA GLY C 222 8.05 1.44 18.19
C GLY C 222 6.94 0.82 19.00
N PRO C 223 6.23 -0.18 18.41
CA PRO C 223 5.15 -0.86 19.15
C PRO C 223 5.67 -1.74 20.30
N GLU C 224 6.95 -2.07 20.26
CA GLU C 224 7.59 -2.85 21.30
C GLU C 224 8.03 -1.98 22.51
N SER C 225 7.95 -0.65 22.35
CA SER C 225 8.47 0.29 23.36
C SER C 225 7.63 0.37 24.63
N ARG C 226 8.33 0.66 25.71
CA ARG C 226 7.73 0.88 27.02
C ARG C 226 8.16 2.27 27.52
N VAL C 227 7.30 3.25 27.28
CA VAL C 227 7.63 4.68 27.43
C VAL C 227 7.46 5.17 28.86
N ALA C 228 8.55 5.38 29.58
CA ALA C 228 8.43 5.83 30.96
C ALA C 228 8.13 7.38 30.96
N SER C 229 6.98 7.76 31.48
CA SER C 229 6.52 9.16 31.51
C SER C 229 6.79 9.73 32.90
N THR C 230 7.59 10.80 32.97
CA THR C 230 7.95 11.43 34.27
C THR C 230 7.23 12.72 34.62
N ALA C 231 6.79 13.48 33.63
CA ALA C 231 6.31 14.85 33.88
C ALA C 231 5.12 14.79 34.80
N PRO C 232 4.75 15.94 35.36
CA PRO C 232 3.52 16.01 36.11
C PRO C 232 2.33 16.11 35.18
N PHE C 233 1.22 15.51 35.59
CA PHE C 233 0.08 15.41 34.73
C PHE C 233 -0.37 16.80 34.30
N GLN C 234 -0.04 17.84 35.06
CA GLN C 234 -0.51 19.20 34.66
C GLN C 234 0.26 19.85 33.52
N PHE C 235 1.46 19.37 33.23
CA PHE C 235 2.19 19.73 32.01
C PHE C 235 1.83 18.85 30.80
N ASP C 236 1.31 19.51 29.79
CA ASP C 236 1.61 19.27 28.40
C ASP C 236 2.49 18.07 28.01
N PHE C 237 3.54 17.87 28.78
CA PHE C 237 4.56 16.87 28.51
C PHE C 237 3.96 15.45 28.75
N SER C 238 3.14 15.33 29.79
CA SER C 238 2.45 14.10 30.04
C SER C 238 1.66 13.69 28.82
N LEU C 239 1.05 14.65 28.14
CA LEU C 239 0.19 14.35 26.99
C LEU C 239 1.01 13.99 25.78
N LEU C 240 2.21 14.57 25.73
CA LEU C 240 3.16 14.29 24.68
C LEU C 240 3.56 12.83 24.85
N ASP C 241 3.94 12.45 26.07
CA ASP C 241 4.29 11.06 26.39
C ASP C 241 3.18 10.09 25.96
N ILE C 242 1.96 10.39 26.36
CA ILE C 242 0.84 9.49 26.11
C ILE C 242 0.59 9.35 24.61
N GLY C 243 0.73 10.42 23.84
CA GLY C 243 0.50 10.34 22.40
C GLY C 243 1.60 9.56 21.73
N LEU C 244 2.82 9.82 22.17
CA LEU C 244 3.98 9.11 21.65
C LEU C 244 3.78 7.57 21.72
N ALA C 245 3.47 7.09 22.93
CA ALA C 245 3.32 5.67 23.21
C ALA C 245 2.06 5.17 22.57
N LEU C 246 0.90 5.63 23.02
CA LEU C 246 -0.34 5.10 22.47
C LEU C 246 -0.46 5.25 20.92
N GLY C 247 0.06 6.33 20.38
CA GLY C 247 -0.06 6.58 18.95
C GLY C 247 0.88 5.72 18.15
N SER C 248 1.81 5.09 18.85
CA SER C 248 2.77 4.19 18.24
C SER C 248 2.47 2.72 18.58
N GLY C 249 1.37 2.46 19.29
CA GLY C 249 1.01 1.10 19.73
C GLY C 249 1.86 0.63 20.89
N ALA C 250 2.48 1.58 21.60
CA ALA C 250 3.43 1.19 22.62
C ALA C 250 2.74 1.15 23.95
N THR C 251 3.53 1.11 25.01
CA THR C 251 2.96 1.03 26.35
C THR C 251 3.36 2.28 27.16
N VAL C 252 2.41 2.89 27.85
CA VAL C 252 2.77 3.97 28.74
C VAL C 252 3.22 3.36 30.03
N VAL C 253 4.41 3.70 30.49
CA VAL C 253 4.80 3.40 31.87
C VAL C 253 4.78 4.70 32.74
N PRO C 254 3.76 4.87 33.57
CA PRO C 254 3.71 6.00 34.49
C PRO C 254 4.75 5.88 35.58
N VAL C 255 5.66 6.84 35.66
CA VAL C 255 6.68 6.80 36.68
C VAL C 255 6.16 7.57 37.88
N PRO C 256 5.95 6.88 39.02
CA PRO C 256 5.46 7.57 40.23
C PRO C 256 6.44 8.61 40.61
N ARG C 257 5.99 9.84 40.77
CA ARG C 257 6.88 11.00 40.89
C ARG C 257 7.68 10.98 42.17
N ALA C 258 7.05 10.57 43.26
CA ALA C 258 7.76 10.21 44.52
C ALA C 258 9.22 9.82 44.30
N LEU C 259 9.39 8.82 43.41
CA LEU C 259 10.67 8.24 43.06
C LEU C 259 11.76 9.20 42.60
N LEU C 260 11.42 10.42 42.18
CA LEU C 260 12.48 11.34 41.72
C LEU C 260 13.46 11.80 42.83
N ARG C 261 13.07 11.74 44.08
CA ARG C 261 14.04 11.99 45.15
C ARG C 261 14.39 10.70 45.88
N TRP C 262 14.97 9.79 45.10
CA TRP C 262 15.45 8.48 45.50
C TRP C 262 16.05 7.81 44.26
N PRO C 263 17.13 8.38 43.70
CA PRO C 263 17.59 7.95 42.39
C PRO C 263 17.69 6.44 42.22
N ARG C 264 18.00 5.73 43.29
CA ARG C 264 18.15 4.28 43.22
C ARG C 264 16.77 3.64 43.03
N ARG C 265 15.81 3.96 43.88
CA ARG C 265 14.44 3.47 43.76
C ARG C 265 13.85 3.77 42.35
N PHE C 266 14.26 4.91 41.78
CA PHE C 266 13.83 5.35 40.45
C PHE C 266 14.49 4.55 39.34
N VAL C 267 15.74 4.17 39.53
CA VAL C 267 16.40 3.29 38.58
C VAL C 267 15.84 1.85 38.65
N ARG C 268 15.65 1.30 39.85
CA ARG C 268 15.01 -0.02 40.00
C ARG C 268 13.63 -0.05 39.38
N PHE C 269 12.95 1.10 39.42
CA PHE C 269 11.63 1.17 38.79
C PHE C 269 11.76 1.01 37.29
N LEU C 270 12.72 1.72 36.72
CA LEU C 270 12.95 1.63 35.28
C LEU C 270 13.39 0.25 34.89
N ARG C 271 14.09 -0.43 35.81
CA ARG C 271 14.62 -1.78 35.61
C ARG C 271 13.43 -2.71 35.51
N ASP C 272 12.61 -2.72 36.57
CA ASP C 272 11.53 -3.70 36.74
C ASP C 272 10.37 -3.49 35.79
N SER C 273 10.11 -2.24 35.45
CA SER C 273 9.09 -1.90 34.47
C SER C 273 9.60 -2.24 33.05
N GLU C 274 10.92 -2.39 32.93
CA GLU C 274 11.54 -2.71 31.65
C GLU C 274 11.27 -1.62 30.61
N ALA C 275 11.41 -0.37 31.05
CA ALA C 275 11.25 0.79 30.18
C ALA C 275 12.32 0.78 29.10
N THR C 276 11.93 1.15 27.87
CA THR C 276 12.86 1.28 26.75
C THR C 276 13.07 2.73 26.32
N GLN C 277 12.09 3.57 26.60
CA GLN C 277 12.14 4.99 26.27
C GLN C 277 11.91 5.67 27.58
N VAL C 278 12.67 6.70 27.87
CA VAL C 278 12.46 7.42 29.11
C VAL C 278 12.37 8.88 28.82
N ASN C 279 11.27 9.49 29.25
CA ASN C 279 11.01 10.90 28.90
C ASN C 279 10.97 11.77 30.13
N GLY C 280 11.54 12.96 30.04
CA GLY C 280 11.47 13.88 31.17
C GLY C 280 12.30 15.12 31.02
N ALA C 281 12.23 16.02 31.99
CA ALA C 281 13.12 17.15 31.99
C ALA C 281 14.52 16.58 32.20
N PRO C 282 15.54 17.25 31.68
CA PRO C 282 16.89 16.77 31.93
C PRO C 282 17.12 16.38 33.40
N SER C 283 16.58 17.18 34.31
CA SER C 283 16.89 17.07 35.72
C SER C 283 16.49 15.76 36.33
N ILE C 284 15.60 15.01 35.69
CA ILE C 284 15.24 13.68 36.22
C ILE C 284 16.40 12.71 36.33
N TRP C 285 17.47 13.00 35.58
CA TRP C 285 18.66 12.18 35.51
C TRP C 285 19.74 12.56 36.50
N ARG C 286 19.64 13.76 37.08
CA ARG C 286 20.70 14.36 37.91
C ARG C 286 21.20 13.42 39.00
N GLY C 287 20.29 12.95 39.83
CA GLY C 287 20.64 12.07 40.93
C GLY C 287 21.33 10.81 40.50
N ALA C 288 20.76 10.09 39.53
CA ALA C 288 21.34 8.83 39.09
C ALA C 288 22.76 9.01 38.50
N LEU C 289 22.95 10.01 37.64
CA LEU C 289 24.30 10.32 37.10
C LEU C 289 25.33 10.80 38.15
N ARG C 290 24.84 11.40 39.21
CA ARG C 290 25.68 11.96 40.24
C ARG C 290 26.01 10.88 41.29
N HIS C 291 25.02 10.09 41.71
CA HIS C 291 25.20 9.19 42.85
C HIS C 291 25.00 7.72 42.55
N GLU C 292 24.57 7.35 41.35
CA GLU C 292 24.13 5.96 41.11
C GLU C 292 24.36 5.49 39.68
N ALA C 293 25.51 5.87 39.13
CA ALA C 293 25.82 5.67 37.73
C ALA C 293 26.05 4.20 37.40
N ASP C 294 26.36 3.41 38.41
CA ASP C 294 26.68 2.00 38.20
C ASP C 294 25.41 1.22 37.98
N GLU C 295 24.45 1.42 38.90
CA GLU C 295 23.13 0.84 38.78
C GLU C 295 22.44 1.23 37.46
N LEU C 296 22.54 2.53 37.11
CA LEU C 296 21.89 3.10 35.93
C LEU C 296 22.38 2.45 34.67
N ALA C 297 23.71 2.29 34.57
CA ALA C 297 24.36 1.63 33.43
C ALA C 297 24.00 0.15 33.32
N ALA C 298 23.51 -0.45 34.42
CA ALA C 298 22.92 -1.81 34.37
C ALA C 298 21.64 -1.88 33.48
N LEU C 299 21.05 -0.72 33.18
CA LEU C 299 19.93 -0.62 32.24
C LEU C 299 20.36 -0.33 30.80
N GLY C 300 21.66 -0.15 30.59
CA GLY C 300 22.23 0.28 29.30
C GLY C 300 21.81 -0.52 28.09
N GLY C 301 21.52 -1.81 28.30
CA GLY C 301 21.15 -2.72 27.23
C GLY C 301 19.67 -2.67 26.89
N ARG C 302 18.85 -2.27 27.85
CA ARG C 302 17.39 -2.22 27.68
C ARG C 302 16.84 -0.85 27.16
N ILE C 303 17.47 0.28 27.51
CA ILE C 303 16.98 1.61 27.16
C ILE C 303 17.53 2.11 25.82
N ARG C 304 16.63 2.32 24.87
CA ARG C 304 17.04 2.64 23.52
C ARG C 304 16.75 4.10 23.17
N GLY C 305 16.07 4.78 24.07
CA GLY C 305 15.78 6.18 23.83
C GLY C 305 15.51 6.98 25.06
N VAL C 306 15.89 8.25 24.99
CA VAL C 306 15.63 9.19 26.07
C VAL C 306 15.26 10.54 25.47
N LEU C 307 14.20 11.14 25.94
CA LEU C 307 13.74 12.41 25.38
C LEU C 307 13.69 13.46 26.48
N PHE C 308 14.05 14.69 26.15
CA PHE C 308 14.00 15.81 27.09
C PHE C 308 13.48 17.03 26.42
N SER C 309 12.76 17.84 27.18
CA SER C 309 12.41 19.20 26.74
C SER C 309 12.34 20.11 27.92
N GLY C 310 12.09 21.37 27.68
CA GLY C 310 11.85 22.29 28.77
C GLY C 310 13.02 23.21 29.05
N GLU C 311 14.12 22.61 29.53
CA GLU C 311 15.39 23.29 29.80
C GLU C 311 16.44 22.71 28.84
N PRO C 312 17.54 23.43 28.61
CA PRO C 312 18.69 22.76 27.96
C PRO C 312 19.30 21.67 28.83
N PHE C 313 19.90 20.67 28.21
CA PHE C 313 20.62 19.60 28.90
C PHE C 313 22.09 20.04 29.06
N PRO C 314 22.57 20.13 30.32
CA PRO C 314 23.99 20.52 30.44
C PRO C 314 24.87 19.41 29.91
N LEU C 315 25.90 19.79 29.15
CA LEU C 315 26.68 18.80 28.38
C LEU C 315 27.46 17.76 29.22
N PRO C 316 28.17 18.19 30.27
CA PRO C 316 28.67 17.21 31.23
C PRO C 316 27.71 16.06 31.49
N GLU C 317 26.48 16.37 31.90
CA GLU C 317 25.47 15.35 32.21
C GLU C 317 24.99 14.56 30.98
N VAL C 318 24.88 15.23 29.82
CA VAL C 318 24.46 14.55 28.61
C VAL C 318 25.51 13.47 28.27
N ARG C 319 26.78 13.82 28.37
CA ARG C 319 27.86 12.88 28.11
C ARG C 319 27.83 11.73 29.10
N ALA C 320 27.72 12.07 30.37
CA ALA C 320 27.58 11.04 31.38
C ALA C 320 26.46 10.02 31.03
N LEU C 321 25.33 10.54 30.54
CA LEU C 321 24.19 9.69 30.30
C LEU C 321 24.39 8.84 29.07
N GLN C 322 24.98 9.43 28.03
CA GLN C 322 25.39 8.69 26.85
C GLN C 322 26.23 7.48 27.21
N GLN C 323 27.23 7.69 28.08
CA GLN C 323 28.13 6.62 28.49
C GLN C 323 27.46 5.58 29.37
N ALA C 324 26.58 6.00 30.28
CA ALA C 324 25.84 5.05 31.10
C ALA C 324 24.85 4.24 30.26
N LEU C 325 24.27 4.85 29.22
CA LEU C 325 23.29 4.18 28.35
C LEU C 325 23.79 4.25 26.91
N PRO C 326 24.59 3.27 26.49
CA PRO C 326 25.28 3.40 25.21
C PRO C 326 24.41 3.09 24.00
N LEU C 327 23.29 2.41 24.20
CA LEU C 327 22.32 2.20 23.12
C LEU C 327 21.31 3.31 22.90
N ALA C 328 21.20 4.22 23.88
CA ALA C 328 20.16 5.26 23.89
C ALA C 328 20.29 6.34 22.83
N ARG C 329 19.24 6.52 22.05
CA ARG C 329 19.10 7.66 21.18
C ARG C 329 18.54 8.79 22.05
N ILE C 330 19.27 9.86 22.21
CA ILE C 330 18.81 10.97 23.04
C ILE C 330 18.27 12.05 22.12
N VAL C 331 17.01 12.42 22.31
CA VAL C 331 16.43 13.43 21.45
C VAL C 331 15.97 14.63 22.25
N ASN C 332 16.39 15.78 21.75
CA ASN C 332 16.04 17.11 22.30
C ASN C 332 14.74 17.60 21.71
N CYS C 333 13.71 17.60 22.51
CA CYS C 333 12.42 18.14 22.09
C CYS C 333 12.37 19.65 22.45
N PHE C 334 12.31 20.52 21.44
CA PHE C 334 12.17 21.96 21.64
C PHE C 334 10.85 22.47 21.13
N GLY C 335 10.18 23.26 21.97
CA GLY C 335 9.04 24.11 21.55
C GLY C 335 8.24 24.53 22.74
N SER C 336 6.93 24.69 22.56
CA SER C 336 6.11 25.31 23.59
C SER C 336 4.70 24.79 23.68
N THR C 337 4.20 24.75 24.90
CA THR C 337 2.80 24.41 25.19
C THR C 337 1.89 24.94 24.11
N GLU C 338 2.02 26.20 23.77
CA GLU C 338 1.22 26.77 22.68
C GLU C 338 1.21 25.93 21.37
N SER C 339 2.12 24.95 21.24
CA SER C 339 2.00 23.93 20.18
C SER C 339 2.45 22.50 20.62
N VAL C 340 2.42 22.31 21.95
CA VAL C 340 3.12 21.23 22.64
C VAL C 340 4.63 21.43 22.48
N ALA C 341 5.03 21.35 21.21
CA ALA C 341 6.41 21.50 20.80
C ALA C 341 6.51 21.58 19.27
N ALA C 342 7.75 21.71 18.82
CA ALA C 342 8.07 22.09 17.43
C ALA C 342 9.15 21.25 16.75
N SER C 343 10.21 20.93 17.48
CA SER C 343 11.33 20.24 16.91
C SER C 343 11.82 19.07 17.79
N PHE C 344 12.25 18.01 17.10
CA PHE C 344 12.91 16.86 17.71
C PHE C 344 14.30 16.67 17.04
N THR C 345 15.35 16.52 17.84
CA THR C 345 16.71 16.71 17.33
C THR C 345 17.66 15.77 18.04
N ASP C 346 18.34 14.98 17.25
CA ASP C 346 19.12 13.93 17.82
C ASP C 346 20.36 14.58 18.40
N VAL C 347 20.64 14.24 19.67
CA VAL C 347 21.92 14.58 20.28
C VAL C 347 23.03 13.71 19.67
N PRO C 348 24.09 14.33 19.14
CA PRO C 348 25.05 13.52 18.41
C PRO C 348 25.81 12.60 19.36
N ARG C 349 26.18 11.39 18.90
CA ARG C 349 26.97 10.45 19.75
C ARG C 349 28.39 10.11 19.23
N PRO C 350 29.42 10.38 20.06
CA PRO C 350 29.36 11.17 21.28
C PRO C 350 29.32 12.65 20.92
N VAL C 351 29.12 13.48 21.93
CA VAL C 351 29.03 14.92 21.74
C VAL C 351 30.40 15.48 21.52
N PRO C 352 30.63 16.08 20.35
CA PRO C 352 31.99 16.60 20.08
C PRO C 352 32.48 17.48 21.24
N ASP C 353 33.80 17.48 21.52
CA ASP C 353 34.31 18.03 22.79
C ASP C 353 34.16 19.55 22.91
N GLY C 354 34.17 20.24 21.78
CA GLY C 354 34.07 21.69 21.77
C GLY C 354 32.71 22.16 21.34
N LEU C 355 31.68 21.37 21.67
CA LEU C 355 30.27 21.73 21.41
C LEU C 355 29.76 22.26 22.73
N THR C 356 29.39 23.55 22.76
CA THR C 356 28.79 24.17 23.97
C THR C 356 27.25 24.14 24.01
N LYS C 357 26.61 23.88 22.88
CA LYS C 357 25.15 23.85 22.81
C LYS C 357 24.66 22.74 21.88
N LEU C 358 23.60 22.05 22.24
CA LEU C 358 23.00 21.06 21.37
C LEU C 358 22.07 21.79 20.40
N SER C 359 21.91 21.28 19.18
CA SER C 359 21.00 21.90 18.21
C SER C 359 19.53 21.56 18.55
N ILE C 360 18.62 22.40 18.06
CA ILE C 360 17.20 22.21 18.22
C ILE C 360 16.60 22.03 16.86
N GLY C 361 17.46 21.77 15.87
CA GLY C 361 17.04 21.21 14.60
C GLY C 361 16.19 22.10 13.73
N HIS C 362 15.17 21.52 13.15
CA HIS C 362 14.21 22.26 12.36
C HIS C 362 12.83 21.67 12.70
N ALA C 363 11.78 22.44 12.42
CA ALA C 363 10.44 21.97 12.75
C ALA C 363 10.14 20.52 12.16
N HIS C 364 9.25 19.80 12.81
CA HIS C 364 8.84 18.52 12.31
C HIS C 364 8.14 18.75 11.05
N PRO C 365 7.97 17.69 10.26
CA PRO C 365 7.30 17.82 8.99
C PRO C 365 6.01 18.60 9.19
N GLY C 366 5.69 19.48 8.26
CA GLY C 366 4.43 20.21 8.37
C GLY C 366 4.53 21.36 9.36
N ALA C 367 5.73 21.63 9.84
CA ALA C 367 5.92 22.83 10.62
C ALA C 367 7.17 23.62 10.19
N GLU C 368 7.17 24.93 10.47
CA GLU C 368 8.27 25.83 10.15
C GLU C 368 8.45 26.93 11.20
N MET C 369 9.63 26.99 11.79
CA MET C 369 9.98 28.02 12.77
C MET C 369 10.70 29.10 12.01
N MET C 370 10.02 30.18 11.69
CA MET C 370 10.64 31.24 10.90
C MET C 370 11.41 32.14 11.83
N LEU C 371 12.56 32.57 11.35
CA LEU C 371 13.34 33.56 12.05
C LEU C 371 13.05 34.92 11.45
N LEU C 372 12.54 35.83 12.26
CA LEU C 372 12.24 37.21 11.81
C LEU C 372 13.00 38.23 12.61
N ASP C 373 13.39 39.32 11.99
CA ASP C 373 14.02 40.41 12.75
C ASP C 373 13.01 41.27 13.53
N ASP C 374 13.53 42.24 14.26
CA ASP C 374 12.73 43.22 15.03
C ASP C 374 11.52 43.79 14.28
N ASP C 375 11.61 44.01 12.97
CA ASP C 375 10.48 44.58 12.21
C ASP C 375 9.73 43.49 11.45
N GLY C 376 9.83 42.27 11.94
CA GLY C 376 9.22 41.12 11.28
C GLY C 376 9.66 40.87 9.85
N VAL C 377 10.91 41.21 9.49
CA VAL C 377 11.45 40.96 8.13
C VAL C 377 12.28 39.67 8.22
N PRO C 378 12.16 38.77 7.25
CA PRO C 378 12.78 37.44 7.44
C PRO C 378 14.30 37.49 7.49
N VAL C 379 14.90 36.62 8.27
CA VAL C 379 16.33 36.49 8.33
C VAL C 379 16.73 35.33 7.44
N THR C 380 17.47 35.63 6.37
CA THR C 380 17.92 34.60 5.41
C THR C 380 19.39 34.22 5.63
N GLU C 381 20.15 35.09 6.29
CA GLU C 381 21.56 34.88 6.65
C GLU C 381 21.82 33.78 7.68
N PRO C 382 22.70 32.83 7.38
CA PRO C 382 23.05 31.92 8.46
C PRO C 382 23.83 32.58 9.61
N GLY C 383 23.68 32.02 10.80
CA GLY C 383 24.35 32.52 11.97
C GLY C 383 23.80 33.83 12.56
N VAL C 384 22.81 34.43 11.92
CA VAL C 384 22.14 35.60 12.48
C VAL C 384 20.94 35.25 13.36
N THR C 385 20.89 35.82 14.56
CA THR C 385 19.79 35.61 15.50
C THR C 385 18.50 36.36 15.10
N GLY C 386 17.36 35.69 15.25
CA GLY C 386 16.04 36.16 14.80
C GLY C 386 15.01 35.68 15.80
N HIS C 387 13.76 36.15 15.69
N HIS C 387 13.78 36.12 15.68
CA HIS C 387 12.67 35.81 16.63
CA HIS C 387 12.74 35.76 16.62
C HIS C 387 11.83 34.71 15.97
C HIS C 387 11.82 34.71 15.98
N ILE C 388 11.71 33.55 16.63
CA ILE C 388 11.04 32.41 16.02
C ILE C 388 9.56 32.70 15.91
N HIS C 389 9.02 32.59 14.68
CA HIS C 389 7.57 32.60 14.46
C HIS C 389 7.18 31.28 13.83
N LEU C 390 6.33 30.52 14.55
CA LEU C 390 5.98 29.12 14.26
C LEU C 390 4.70 29.03 13.46
N ARG C 391 4.71 28.22 12.41
CA ARG C 391 3.53 28.00 11.62
C ARG C 391 3.37 26.52 11.44
N SER C 392 2.18 26.04 11.78
CA SER C 392 1.94 24.62 11.96
C SER C 392 0.46 24.34 11.89
N GLY C 393 0.13 23.07 12.01
CA GLY C 393 -1.25 22.66 12.19
C GLY C 393 -1.57 22.49 13.66
N SER C 394 -0.66 22.88 14.54
CA SER C 394 -0.63 22.52 15.95
C SER C 394 -0.97 23.66 16.93
N LEU C 395 -1.13 24.88 16.43
CA LEU C 395 -1.20 26.07 17.31
C LEU C 395 -2.40 26.12 18.27
N PHE C 396 -2.12 26.53 19.51
CA PHE C 396 -3.19 26.82 20.49
C PHE C 396 -4.25 27.70 19.86
N THR C 397 -5.49 27.53 20.27
CA THR C 397 -6.57 28.36 19.75
C THR C 397 -6.46 29.88 20.27
N GLY C 398 -6.04 30.04 21.52
CA GLY C 398 -5.91 31.35 22.20
C GLY C 398 -5.65 31.11 23.68
N TYR C 399 -5.45 32.18 24.42
CA TYR C 399 -5.38 32.09 25.87
C TYR C 399 -6.76 32.37 26.44
N TRP C 400 -7.15 31.58 27.42
CA TRP C 400 -8.48 31.63 27.98
C TRP C 400 -8.87 33.03 28.58
N GLY C 401 -9.85 33.64 27.95
CA GLY C 401 -10.45 34.83 28.46
C GLY C 401 -9.50 35.99 28.44
N ASP C 402 -8.54 35.95 27.53
CA ASP C 402 -7.47 36.91 27.46
C ASP C 402 -7.11 37.15 26.02
N PRO C 403 -7.98 37.84 25.30
CA PRO C 403 -7.73 38.08 23.88
C PRO C 403 -6.53 38.92 23.56
N GLU C 404 -6.17 39.83 24.47
CA GLU C 404 -5.11 40.78 24.19
C GLU C 404 -3.80 40.03 24.13
N ALA C 405 -3.57 39.16 25.11
CA ALA C 405 -2.45 38.22 25.11
C ALA C 405 -2.52 37.30 23.88
N THR C 406 -3.71 36.81 23.56
CA THR C 406 -3.88 35.95 22.42
C THR C 406 -3.41 36.71 21.15
N ALA C 407 -3.67 38.02 21.09
CA ALA C 407 -3.42 38.78 19.85
C ALA C 407 -1.96 39.23 19.69
N ARG C 408 -1.26 39.26 20.82
CA ARG C 408 0.18 39.53 20.88
C ARG C 408 0.96 38.29 20.52
N ALA C 409 0.42 37.13 20.89
CA ALA C 409 1.05 35.84 20.59
C ALA C 409 0.75 35.32 19.24
N LEU C 410 -0.50 35.33 18.80
CA LEU C 410 -0.79 34.84 17.44
C LEU C 410 -0.98 36.03 16.53
N VAL C 411 0.10 36.48 15.93
CA VAL C 411 0.11 37.70 15.11
C VAL C 411 -0.17 37.39 13.64
N PRO C 412 -0.61 38.39 12.89
CA PRO C 412 -0.85 38.12 11.47
C PRO C 412 0.48 37.69 10.93
N ASP C 413 0.50 36.91 9.86
CA ASP C 413 1.75 36.34 9.39
C ASP C 413 2.48 37.40 8.60
N PRO C 414 3.60 37.88 9.14
CA PRO C 414 4.39 38.90 8.51
C PRO C 414 4.91 38.57 7.10
N THR C 415 5.11 37.30 6.80
CA THR C 415 5.62 36.92 5.49
C THR C 415 4.53 37.01 4.42
N ASN C 416 3.25 37.02 4.84
CA ASN C 416 2.12 37.00 3.91
C ASN C 416 0.82 37.37 4.65
N PRO C 417 0.68 38.64 5.10
CA PRO C 417 -0.36 39.01 6.05
C PRO C 417 -1.75 39.08 5.48
N MET C 418 -1.84 39.22 4.16
CA MET C 418 -3.14 39.26 3.51
C MET C 418 -3.92 37.95 3.51
N THR C 419 -3.30 36.81 3.86
CA THR C 419 -4.04 35.54 3.88
C THR C 419 -5.00 35.45 5.05
N GLY C 420 -4.71 36.11 6.15
CA GLY C 420 -5.57 36.03 7.31
C GLY C 420 -4.93 35.10 8.28
N GLN C 421 -3.91 34.38 7.81
CA GLN C 421 -3.31 33.28 8.57
C GLN C 421 -2.51 33.81 9.69
N THR C 422 -2.55 33.07 10.77
CA THR C 422 -1.94 33.56 11.96
C THR C 422 -0.76 32.67 12.34
N VAL C 423 0.13 33.21 13.13
CA VAL C 423 1.43 32.64 13.31
C VAL C 423 1.84 32.97 14.72
N PHE C 424 2.59 32.09 15.34
CA PHE C 424 2.88 32.16 16.79
C PHE C 424 4.22 32.81 17.11
N ARG C 425 4.17 33.97 17.75
CA ARG C 425 5.32 34.75 18.11
C ARG C 425 5.90 34.20 19.42
N THR C 426 6.87 33.31 19.30
CA THR C 426 7.27 32.49 20.44
C THR C 426 7.93 33.19 21.60
N GLY C 427 8.59 34.31 21.34
CA GLY C 427 9.47 34.90 22.35
C GLY C 427 10.82 34.22 22.49
N ASP C 428 11.16 33.38 21.52
CA ASP C 428 12.42 32.66 21.55
C ASP C 428 13.26 33.15 20.41
N LEU C 429 14.55 33.32 20.70
CA LEU C 429 15.54 33.69 19.71
C LEU C 429 16.30 32.45 19.25
N ALA C 430 16.75 32.49 18.00
CA ALA C 430 17.62 31.44 17.46
C ALA C 430 18.32 31.90 16.22
N HIS C 431 19.40 31.21 15.87
CA HIS C 431 20.04 31.42 14.58
C HIS C 431 20.16 30.03 13.89
N ARG C 432 20.39 30.06 12.60
CA ARG C 432 20.39 28.86 11.83
C ARG C 432 21.76 28.72 11.25
N ASP C 433 22.24 27.48 11.15
CA ASP C 433 23.48 27.27 10.44
C ASP C 433 23.22 27.01 8.96
N ALA C 434 24.28 26.88 8.20
CA ALA C 434 24.23 26.73 6.75
C ALA C 434 23.58 25.44 6.33
N THR C 435 23.48 24.46 7.24
CA THR C 435 22.82 23.15 6.92
C THR C 435 21.34 23.23 7.24
N GLY C 436 20.95 24.40 7.78
CA GLY C 436 19.56 24.66 8.13
C GLY C 436 19.12 24.31 9.55
N GLU C 437 20.06 24.07 10.47
CA GLU C 437 19.77 23.70 11.87
C GLU C 437 19.80 24.89 12.89
N LEU C 438 18.92 24.83 13.87
CA LEU C 438 18.70 25.95 14.72
C LEU C 438 19.45 25.76 16.03
N TYR C 439 19.85 26.89 16.61
CA TYR C 439 20.50 26.92 17.89
C TYR C 439 19.73 27.95 18.66
N PHE C 440 19.26 27.51 19.83
CA PHE C 440 18.55 28.37 20.75
C PHE C 440 19.43 29.47 21.37
N ASP C 441 19.07 30.71 21.10
CA ASP C 441 19.79 31.84 21.66
C ASP C 441 19.12 32.47 22.87
N GLY C 442 18.07 31.88 23.43
CA GLY C 442 17.44 32.40 24.66
C GLY C 442 16.19 33.19 24.37
N ARG C 443 15.70 33.91 25.38
CA ARG C 443 14.43 34.66 25.27
C ARG C 443 14.58 36.14 24.89
N ALA C 444 13.55 36.71 24.30
CA ALA C 444 13.52 38.14 23.96
C ALA C 444 12.98 38.96 25.10
N ASP C 445 12.30 38.32 26.05
CA ASP C 445 11.82 38.93 27.27
C ASP C 445 12.65 38.42 28.45
N ASN C 446 12.05 38.27 29.62
CA ASN C 446 12.78 37.81 30.79
C ASN C 446 12.17 36.55 31.33
N GLN C 447 11.58 35.78 30.43
CA GLN C 447 10.94 34.60 30.85
C GLN C 447 12.04 33.65 31.26
N VAL C 448 11.76 32.91 32.33
CA VAL C 448 12.72 32.02 32.93
C VAL C 448 11.98 30.71 33.17
N LYS C 449 12.69 29.64 33.50
CA LYS C 449 12.00 28.39 33.90
C LYS C 449 12.43 28.01 35.32
N ILE C 450 11.46 27.70 36.16
CA ILE C 450 11.73 27.30 37.54
C ILE C 450 10.84 26.09 37.84
N ARG C 451 11.47 24.96 38.11
CA ARG C 451 10.76 23.68 38.22
C ARG C 451 9.98 23.35 36.96
N GLY C 452 10.47 23.83 35.82
CA GLY C 452 9.74 23.73 34.56
C GLY C 452 8.56 24.69 34.39
N ASN C 453 8.27 25.53 35.36
CA ASN C 453 7.16 26.49 35.18
C ASN C 453 7.64 27.83 34.64
N ARG C 454 6.94 28.34 33.65
CA ARG C 454 7.31 29.60 33.04
C ARG C 454 7.14 30.75 34.05
N VAL C 455 8.23 31.43 34.36
CA VAL C 455 8.20 32.59 35.24
C VAL C 455 8.77 33.80 34.52
N GLU C 456 8.01 34.89 34.55
CA GLU C 456 8.45 36.09 33.91
C GLU C 456 9.13 36.89 34.99
N LEU C 457 10.41 37.18 34.82
CA LEU C 457 11.15 37.87 35.88
C LEU C 457 10.75 39.32 36.07
N THR C 458 10.17 39.94 35.07
CA THR C 458 9.69 41.30 35.23
C THR C 458 8.47 41.37 36.15
N GLU C 459 7.71 40.28 36.28
CA GLU C 459 6.54 40.25 37.17
C GLU C 459 6.91 40.00 38.63
N VAL C 460 8.02 39.32 38.86
CA VAL C 460 8.60 39.29 40.19
C VAL C 460 9.07 40.69 40.62
N GLU C 461 9.77 41.36 39.72
CA GLU C 461 10.30 42.69 39.96
C GLU C 461 9.18 43.69 40.29
N ARG C 462 8.14 43.73 39.46
CA ARG C 462 7.05 44.69 39.65
C ARG C 462 6.35 44.51 41.00
N ARG C 463 6.07 43.26 41.34
CA ARG C 463 5.49 42.93 42.63
C ARG C 463 6.40 43.37 43.77
N VAL C 464 7.67 43.01 43.72
CA VAL C 464 8.55 43.40 44.81
C VAL C 464 8.56 44.93 44.93
N ALA C 465 8.48 45.61 43.80
CA ALA C 465 8.59 47.08 43.78
C ALA C 465 7.36 47.73 44.35
N GLU C 466 6.24 47.00 44.43
CA GLU C 466 5.07 47.59 45.02
C GLU C 466 4.98 47.33 46.54
N PHE C 467 5.97 46.64 47.12
CA PHE C 467 6.17 46.64 48.57
C PHE C 467 6.58 48.07 48.90
N THR C 468 6.10 48.59 50.03
CA THR C 468 6.38 49.97 50.37
C THR C 468 7.79 50.02 50.96
N GLY C 469 8.51 51.06 50.58
CA GLY C 469 9.90 51.23 50.96
C GLY C 469 10.88 50.69 49.93
N VAL C 470 10.35 50.00 48.92
CA VAL C 470 11.16 49.59 47.78
C VAL C 470 10.88 50.52 46.61
N ALA C 471 11.95 51.02 46.00
CA ALA C 471 11.87 51.91 44.85
C ALA C 471 12.02 51.11 43.60
N ALA C 472 13.02 50.22 43.57
CA ALA C 472 13.22 49.35 42.41
C ALA C 472 13.76 47.98 42.81
N ALA C 473 13.50 46.98 41.96
CA ALA C 473 14.03 45.64 42.17
C ALA C 473 14.60 45.01 40.90
N SER C 474 15.47 44.03 41.07
CA SER C 474 15.95 43.28 39.93
C SER C 474 16.09 41.81 40.24
N ALA C 475 15.36 40.99 39.50
CA ALA C 475 15.35 39.56 39.71
C ALA C 475 16.32 38.93 38.78
N VAL C 476 16.88 37.81 39.20
CA VAL C 476 17.73 37.06 38.33
C VAL C 476 17.89 35.62 38.83
N LEU C 477 18.09 34.70 37.89
CA LEU C 477 18.28 33.31 38.24
C LEU C 477 19.76 32.94 38.20
N LEU C 478 20.20 32.01 39.04
CA LEU C 478 21.49 31.33 38.85
C LEU C 478 21.28 30.16 37.89
N ASP C 484 20.39 22.52 40.76
CA ASP C 484 19.36 23.13 41.62
C ASP C 484 19.48 24.68 41.61
N PRO C 485 18.92 25.37 40.60
CA PRO C 485 19.21 26.79 40.38
C PRO C 485 18.39 27.73 41.28
N VAL C 486 18.86 28.96 41.53
CA VAL C 486 18.26 29.83 42.57
C VAL C 486 17.79 31.21 42.12
N LEU C 487 16.63 31.62 42.58
CA LEU C 487 16.11 32.94 42.22
C LEU C 487 16.44 34.04 43.25
N ALA C 488 17.22 35.02 42.84
CA ALA C 488 17.54 36.14 43.73
C ALA C 488 16.91 37.36 43.20
N VAL C 489 16.58 38.25 44.12
CA VAL C 489 16.13 39.57 43.76
C VAL C 489 16.95 40.58 44.51
N PHE C 490 17.39 41.61 43.80
CA PHE C 490 18.16 42.69 44.35
C PHE C 490 17.25 43.89 44.40
N VAL C 491 17.31 44.60 45.50
CA VAL C 491 16.33 45.63 45.77
C VAL C 491 17.01 46.93 46.20
N GLU C 492 16.40 48.03 45.80
CA GLU C 492 16.90 49.37 46.11
C GLU C 492 15.82 50.02 46.98
N LEU C 493 16.17 50.30 48.24
CA LEU C 493 15.18 50.85 49.18
C LEU C 493 14.88 52.27 48.77
N SER C 494 13.61 52.66 48.92
CA SER C 494 13.22 54.04 48.76
C SER C 494 13.99 54.85 49.79
N PRO C 495 14.12 56.18 49.58
CA PRO C 495 15.00 56.91 50.46
C PRO C 495 14.31 57.08 51.81
N GLY C 496 15.01 56.69 52.89
CA GLY C 496 14.45 56.79 54.27
C GLY C 496 13.93 55.48 54.87
N ALA C 497 13.41 54.59 54.03
CA ALA C 497 12.69 53.41 54.48
C ALA C 497 13.60 52.42 55.15
N GLU C 498 13.10 51.76 56.20
CA GLU C 498 13.79 50.60 56.79
C GLU C 498 13.23 49.40 56.06
N PHE C 499 13.89 48.24 56.14
CA PHE C 499 13.50 47.13 55.30
C PHE C 499 13.46 45.83 56.06
N ASP C 500 12.31 45.14 55.94
CA ASP C 500 12.08 43.84 56.64
C ASP C 500 12.14 42.67 55.66
N GLU C 501 13.22 41.89 55.77
CA GLU C 501 13.49 40.73 54.91
C GLU C 501 12.25 39.83 54.73
N MET C 502 11.78 39.24 55.84
CA MET C 502 10.70 38.25 55.84
C MET C 502 9.33 38.82 55.44
N GLU C 503 9.13 40.11 55.72
CA GLU C 503 7.88 40.79 55.40
C GLU C 503 7.67 40.87 53.90
N LEU C 504 8.78 40.94 53.15
CA LEU C 504 8.71 40.84 51.69
C LEU C 504 8.44 39.41 51.22
N GLY C 505 9.22 38.44 51.70
CA GLY C 505 8.99 37.03 51.39
C GLY C 505 7.52 36.66 51.46
N ALA C 506 6.87 37.04 52.55
CA ALA C 506 5.46 36.75 52.77
C ALA C 506 4.53 37.57 51.86
N PHE C 507 4.90 38.82 51.63
CA PHE C 507 4.13 39.74 50.80
C PHE C 507 4.09 39.32 49.33
N CYS C 508 5.19 38.74 48.86
CA CYS C 508 5.26 38.18 47.51
C CYS C 508 4.30 36.98 47.34
N LEU C 509 4.31 36.08 48.32
CA LEU C 509 3.45 34.88 48.32
C LEU C 509 1.96 35.22 48.32
N GLU C 510 1.61 36.39 48.84
CA GLU C 510 0.23 36.87 48.80
C GLU C 510 -0.37 36.77 47.41
N GLU C 511 0.43 36.99 46.37
CA GLU C 511 -0.06 36.93 44.98
C GLU C 511 0.86 36.25 43.95
N LEU C 512 2.08 35.87 44.37
CA LEU C 512 2.97 35.08 43.53
C LEU C 512 2.98 33.64 44.03
N PRO C 513 2.90 32.67 43.10
CA PRO C 513 2.98 31.28 43.54
C PRO C 513 4.32 30.92 44.24
N ASP C 514 4.40 29.70 44.75
CA ASP C 514 5.57 29.22 45.50
C ASP C 514 6.84 29.17 44.64
N TYR C 515 6.74 28.73 43.37
CA TYR C 515 7.92 28.70 42.50
C TYR C 515 8.45 30.09 42.05
N MET C 516 7.64 31.13 42.27
CA MET C 516 7.99 32.53 41.96
C MET C 516 8.46 33.37 43.16
N ALA C 517 8.59 32.72 44.32
CA ALA C 517 9.05 33.38 45.52
C ALA C 517 10.58 33.44 45.50
N PRO C 518 11.14 34.63 45.76
CA PRO C 518 12.60 34.69 45.88
C PRO C 518 13.15 33.79 46.99
N GLN C 519 14.28 33.17 46.73
CA GLN C 519 14.98 32.38 47.75
C GLN C 519 16.09 33.22 48.41
N ARG C 520 16.45 34.33 47.78
CA ARG C 520 17.53 35.17 48.24
C ARG C 520 17.17 36.61 47.90
N ILE C 521 17.15 37.45 48.93
CA ILE C 521 16.93 38.90 48.78
C ILE C 521 18.17 39.63 49.26
N HIS C 522 18.70 40.52 48.44
CA HIS C 522 19.89 41.29 48.80
C HIS C 522 19.57 42.76 48.62
N VAL C 523 19.72 43.53 49.70
CA VAL C 523 19.57 44.99 49.61
C VAL C 523 20.83 45.66 49.04
N LEU C 524 20.63 46.70 48.22
CA LEU C 524 21.73 47.53 47.69
C LEU C 524 21.42 49.02 47.86
N ASP C 525 22.41 49.86 47.58
CA ASP C 525 22.24 51.31 47.66
C ASP C 525 21.70 51.83 46.34
N ALA C 526 22.24 51.29 45.25
CA ALA C 526 21.72 51.58 43.91
C ALA C 526 21.82 50.37 42.96
N LEU C 527 21.31 50.55 41.74
CA LEU C 527 21.31 49.50 40.73
C LEU C 527 22.08 49.90 39.44
N PRO C 528 23.17 49.17 39.14
CA PRO C 528 23.85 49.28 37.85
C PRO C 528 22.89 49.32 36.66
N SER D 22 -13.37 -1.10 0.93
CA SER D 22 -12.66 0.01 0.18
C SER D 22 -12.73 1.44 0.77
N ARG D 23 -13.89 1.84 1.28
CA ARG D 23 -13.98 3.07 2.10
C ARG D 23 -12.87 3.03 3.14
N GLU D 24 -12.80 1.93 3.88
CA GLU D 24 -11.80 1.81 4.94
C GLU D 24 -10.39 2.12 4.45
N VAL D 25 -9.99 1.49 3.35
CA VAL D 25 -8.59 1.53 2.94
C VAL D 25 -8.22 2.98 2.55
N PHE D 26 -9.13 3.66 1.87
CA PHE D 26 -8.93 5.14 1.56
C PHE D 26 -9.00 6.01 2.81
N THR D 27 -10.10 5.97 3.56
CA THR D 27 -10.11 6.58 4.89
C THR D 27 -8.85 6.36 5.77
N LEU D 28 -8.40 5.10 5.92
CA LEU D 28 -7.14 4.77 6.69
C LEU D 28 -5.86 5.38 6.16
N ALA D 29 -5.78 5.54 4.86
CA ALA D 29 -4.67 6.26 4.23
C ALA D 29 -4.83 7.78 4.42
N GLN D 30 -6.08 8.25 4.30
CA GLN D 30 -6.39 9.69 4.34
C GLN D 30 -6.19 10.32 5.69
N ASN D 31 -6.36 9.55 6.76
CA ASN D 31 -6.30 10.12 8.14
C ASN D 31 -5.09 10.98 8.52
N PRO D 32 -3.88 10.49 8.23
CA PRO D 32 -2.65 11.20 8.62
C PRO D 32 -2.22 12.32 7.66
N VAL D 33 -2.56 12.14 6.39
CA VAL D 33 -2.05 13.06 5.35
C VAL D 33 -2.56 14.42 5.72
N GLU D 34 -1.75 15.47 5.57
CA GLU D 34 -2.14 16.82 6.00
C GLU D 34 -2.18 17.87 4.89
N ARG D 35 -1.90 17.47 3.63
CA ARG D 35 -1.99 18.38 2.46
C ARG D 35 -2.79 17.92 1.28
N LEU D 36 -3.22 18.91 0.52
CA LEU D 36 -4.30 18.72 -0.45
C LEU D 36 -3.95 17.65 -1.46
N HIS D 37 -2.77 17.77 -2.04
CA HIS D 37 -2.32 16.87 -3.09
C HIS D 37 -2.03 15.44 -2.56
N GLU D 38 -1.56 15.33 -1.32
CA GLU D 38 -1.32 14.03 -0.67
C GLU D 38 -2.62 13.30 -0.48
N PHE D 39 -3.72 14.04 -0.41
CA PHE D 39 -5.05 13.46 -0.14
C PHE D 39 -5.69 12.93 -1.42
N LEU D 40 -5.63 13.74 -2.46
CA LEU D 40 -6.31 13.44 -3.68
C LEU D 40 -5.59 12.40 -4.45
N LEU D 41 -4.33 12.15 -4.10
CA LEU D 41 -3.55 11.18 -4.84
C LEU D 41 -3.38 9.87 -4.09
N THR D 42 -4.14 9.64 -3.01
CA THR D 42 -4.07 8.42 -2.29
C THR D 42 -4.44 7.24 -3.19
N GLY D 43 -5.38 7.46 -4.10
CA GLY D 43 -5.70 6.44 -5.06
C GLY D 43 -4.51 6.06 -5.93
N ALA D 44 -3.46 6.87 -5.98
CA ALA D 44 -2.30 6.53 -6.81
C ALA D 44 -1.43 5.51 -6.12
N ARG D 45 -1.50 5.42 -4.80
CA ARG D 45 -0.74 4.43 -4.04
C ARG D 45 -1.63 3.13 -3.90
N LEU D 46 -2.94 3.25 -3.67
CA LEU D 46 -3.81 2.10 -3.43
C LEU D 46 -4.41 1.47 -4.66
N THR D 47 -4.77 2.24 -5.68
CA THR D 47 -5.36 1.70 -6.89
C THR D 47 -4.83 2.43 -8.12
N PRO D 48 -3.54 2.24 -8.43
CA PRO D 48 -2.85 3.01 -9.45
C PRO D 48 -3.40 2.92 -10.86
N GLU D 49 -4.00 1.78 -11.19
CA GLU D 49 -4.41 1.52 -12.56
C GLU D 49 -5.88 1.84 -12.77
N LYS D 50 -6.58 2.17 -11.70
CA LYS D 50 -7.98 2.62 -11.80
C LYS D 50 -8.07 3.93 -12.57
N PRO D 51 -9.13 4.12 -13.36
CA PRO D 51 -9.23 5.40 -14.11
C PRO D 51 -9.63 6.57 -13.20
N ALA D 52 -8.87 7.66 -13.26
CA ALA D 52 -9.05 8.77 -12.30
C ALA D 52 -9.81 9.93 -12.91
N VAL D 53 -9.45 10.29 -14.12
CA VAL D 53 -10.13 11.37 -14.79
C VAL D 53 -10.35 11.03 -16.26
N LEU D 54 -11.60 11.15 -16.73
CA LEU D 54 -11.89 11.03 -18.16
C LEU D 54 -11.21 12.09 -18.96
N GLU D 55 -10.71 11.73 -20.13
CA GLU D 55 -10.00 12.64 -20.98
C GLU D 55 -10.05 12.16 -22.45
N LEU D 56 -10.71 12.98 -23.28
CA LEU D 56 -10.94 12.79 -24.75
C LEU D 56 -9.86 11.96 -25.49
N GLY D 62 -10.36 8.64 -23.81
CA GLY D 62 -9.58 7.78 -22.90
C GLY D 62 -9.73 8.21 -21.44
N TYR D 63 -8.86 7.70 -20.59
CA TYR D 63 -8.89 7.98 -19.17
C TYR D 63 -7.46 8.17 -18.67
N VAL D 64 -7.30 9.06 -17.72
CA VAL D 64 -6.06 9.20 -17.01
C VAL D 64 -6.21 8.38 -15.74
N SER D 65 -5.23 7.57 -15.39
CA SER D 65 -5.36 6.65 -14.25
C SER D 65 -4.68 7.30 -13.09
N TYR D 66 -5.05 6.90 -11.89
CA TYR D 66 -4.48 7.47 -10.69
C TYR D 66 -2.99 7.60 -10.79
N ARG D 67 -2.32 6.61 -11.36
CA ARG D 67 -0.85 6.67 -11.46
C ARG D 67 -0.40 7.72 -12.45
N GLN D 68 -1.10 7.75 -13.59
CA GLN D 68 -0.78 8.68 -14.64
C GLN D 68 -1.04 10.13 -14.19
N LEU D 69 -2.13 10.32 -13.48
CA LEU D 69 -2.44 11.61 -12.89
C LEU D 69 -1.32 12.04 -11.97
N ALA D 70 -0.83 11.15 -11.15
CA ALA D 70 0.31 11.49 -10.28
C ALA D 70 1.58 11.83 -11.07
N ASN D 71 1.80 11.18 -12.22
CA ASN D 71 3.00 11.47 -13.02
C ASN D 71 2.90 12.85 -13.68
N ARG D 72 1.74 13.17 -14.25
CA ARG D 72 1.56 14.48 -14.82
C ARG D 72 1.73 15.51 -13.70
N ALA D 73 1.19 15.22 -12.53
CA ALA D 73 1.24 16.16 -11.45
C ALA D 73 2.66 16.50 -11.10
N GLU D 74 3.54 15.50 -11.13
CA GLU D 74 4.94 15.74 -10.72
C GLU D 74 5.79 16.23 -11.89
N SER D 75 5.38 15.84 -13.10
CA SER D 75 5.97 16.39 -14.31
C SER D 75 5.76 17.91 -14.28
N TYR D 76 4.55 18.35 -13.96
CA TYR D 76 4.27 19.78 -13.77
C TYR D 76 5.07 20.41 -12.62
N ALA D 77 5.22 19.70 -11.50
CA ALA D 77 5.94 20.26 -10.34
C ALA D 77 7.41 20.45 -10.64
N ALA D 78 7.99 19.55 -11.42
CA ALA D 78 9.39 19.74 -11.80
C ALA D 78 9.54 21.02 -12.60
N ALA D 79 8.64 21.28 -13.54
CA ALA D 79 8.68 22.51 -14.35
C ALA D 79 8.49 23.77 -13.51
N LEU D 80 7.71 23.64 -12.43
CA LEU D 80 7.39 24.79 -11.61
C LEU D 80 8.44 25.03 -10.57
N GLY D 81 8.98 23.96 -10.02
CA GLY D 81 9.80 24.05 -8.82
C GLY D 81 11.19 24.57 -9.00
N GLY D 82 11.60 24.80 -10.25
CA GLY D 82 12.91 25.39 -10.54
C GLY D 82 12.83 26.87 -10.87
N LEU D 83 11.72 27.52 -10.54
CA LEU D 83 11.45 28.89 -10.97
C LEU D 83 11.70 29.96 -9.91
N GLY D 84 12.12 29.55 -8.72
CA GLY D 84 12.43 30.51 -7.64
C GLY D 84 11.25 30.92 -6.80
N LEU D 85 10.13 30.27 -7.00
CA LEU D 85 8.90 30.56 -6.29
C LEU D 85 8.88 30.05 -4.83
N ASP D 86 8.43 30.93 -3.91
CA ASP D 86 8.30 30.64 -2.49
C ASP D 86 6.93 30.08 -2.17
N ILE D 87 6.87 29.30 -1.12
CA ILE D 87 5.61 28.79 -0.59
C ILE D 87 4.79 30.01 -0.17
N GLY D 88 3.53 30.04 -0.61
CA GLY D 88 2.67 31.19 -0.41
C GLY D 88 2.47 32.08 -1.66
N ASP D 89 3.41 32.08 -2.58
CA ASP D 89 3.25 32.74 -3.86
C ASP D 89 2.06 32.11 -4.57
N ARG D 90 1.28 32.96 -5.21
CA ARG D 90 0.02 32.55 -5.80
C ARG D 90 0.17 32.31 -7.27
N VAL D 91 -0.66 31.42 -7.79
CA VAL D 91 -0.59 31.02 -9.19
C VAL D 91 -2.00 31.04 -9.71
N VAL D 92 -2.21 31.60 -10.86
CA VAL D 92 -3.58 31.65 -11.36
C VAL D 92 -3.73 30.48 -12.29
N LEU D 93 -4.88 29.82 -12.25
CA LEU D 93 -5.12 28.65 -13.11
C LEU D 93 -6.38 28.82 -13.93
N GLU D 94 -6.22 29.05 -15.22
CA GLU D 94 -7.36 29.33 -16.10
C GLU D 94 -7.64 28.07 -16.92
N SER D 95 -8.76 27.43 -16.62
CA SER D 95 -9.14 26.24 -17.34
C SER D 95 -10.53 25.91 -17.00
N ASP D 96 -11.16 25.13 -17.88
CA ASP D 96 -12.35 24.39 -17.47
C ASP D 96 -11.80 23.19 -16.75
N THR D 97 -12.65 22.56 -15.95
CA THR D 97 -12.26 21.33 -15.28
C THR D 97 -11.82 20.23 -16.26
N SER D 98 -10.65 19.68 -15.99
CA SER D 98 -10.04 18.69 -16.83
C SER D 98 -8.88 18.03 -16.06
N ALA D 99 -8.42 16.89 -16.55
CA ALA D 99 -7.38 16.12 -15.87
C ALA D 99 -6.10 16.94 -15.72
N SER D 100 -5.78 17.73 -16.74
CA SER D 100 -4.60 18.62 -16.67
C SER D 100 -4.80 19.78 -15.66
N ALA D 101 -6.01 20.30 -15.56
CA ALA D 101 -6.25 21.31 -14.52
C ALA D 101 -6.01 20.67 -13.13
N ILE D 102 -6.40 19.41 -12.97
CA ILE D 102 -6.28 18.75 -11.66
C ILE D 102 -4.81 18.49 -11.42
N ALA D 103 -4.14 18.04 -12.45
CA ALA D 103 -2.69 17.92 -12.36
C ALA D 103 -2.04 19.24 -11.88
N ALA D 104 -2.39 20.37 -12.54
CA ALA D 104 -1.80 21.68 -12.20
C ALA D 104 -2.04 22.03 -10.74
N LEU D 105 -3.27 21.89 -10.27
CA LEU D 105 -3.54 22.25 -8.88
C LEU D 105 -2.82 21.34 -7.90
N LEU D 106 -2.69 20.06 -8.28
CA LEU D 106 -1.92 19.09 -7.51
C LEU D 106 -0.46 19.51 -7.41
N ALA D 107 0.14 19.86 -8.54
CA ALA D 107 1.49 20.44 -8.54
C ALA D 107 1.61 21.73 -7.68
N CYS D 108 0.75 22.70 -7.93
CA CYS D 108 0.75 23.89 -7.10
C CYS D 108 0.72 23.52 -5.63
N SER D 109 -0.21 22.65 -5.31
CA SER D 109 -0.31 22.21 -3.91
C SER D 109 1.01 21.58 -3.45
N SER D 110 1.66 20.82 -4.33
CA SER D 110 2.90 20.12 -3.92
C SER D 110 4.00 21.12 -3.57
N LEU D 111 3.90 22.34 -4.07
CA LEU D 111 4.91 23.34 -3.83
C LEU D 111 4.43 24.41 -2.88
N GLY D 112 3.22 24.28 -2.36
CA GLY D 112 2.75 25.25 -1.36
C GLY D 112 2.42 26.59 -2.00
N LEU D 113 2.15 26.54 -3.29
CA LEU D 113 1.75 27.66 -4.08
C LEU D 113 0.25 27.60 -4.12
N PRO D 114 -0.43 28.51 -3.44
CA PRO D 114 -1.88 28.44 -3.40
C PRO D 114 -2.30 28.85 -4.74
N PHE D 115 -3.41 28.30 -5.23
CA PHE D 115 -3.82 28.48 -6.63
C PHE D 115 -5.17 29.13 -6.67
N VAL D 116 -5.40 29.90 -7.71
CA VAL D 116 -6.57 30.69 -7.90
C VAL D 116 -7.22 30.24 -9.20
N PRO D 117 -8.29 29.49 -9.10
CA PRO D 117 -8.90 29.01 -10.31
C PRO D 117 -9.70 30.11 -10.93
N VAL D 118 -9.68 30.11 -12.26
CA VAL D 118 -10.41 31.09 -13.07
C VAL D 118 -10.89 30.43 -14.37
N THR D 119 -12.08 30.79 -14.83
CA THR D 119 -12.71 30.08 -15.92
C THR D 119 -12.52 30.92 -17.16
N PRO D 120 -12.21 30.28 -18.31
CA PRO D 120 -11.86 31.01 -19.56
C PRO D 120 -12.90 32.01 -20.07
N GLU D 121 -14.17 31.76 -19.76
CA GLU D 121 -15.28 32.72 -19.96
C GLU D 121 -15.20 34.02 -19.13
N THR D 122 -14.13 34.21 -18.36
CA THR D 122 -14.00 35.33 -17.42
C THR D 122 -13.59 36.61 -18.14
N PRO D 123 -14.38 37.68 -17.99
CA PRO D 123 -14.06 38.99 -18.57
C PRO D 123 -12.68 39.50 -18.23
N ALA D 124 -11.97 39.97 -19.25
CA ALA D 124 -10.66 40.56 -19.07
C ALA D 124 -10.65 41.38 -17.80
N LYS D 125 -11.59 42.33 -17.70
CA LYS D 125 -11.64 43.28 -16.60
C LYS D 125 -11.56 42.55 -15.24
N ARG D 126 -12.38 41.51 -15.10
CA ARG D 126 -12.47 40.73 -13.84
C ARG D 126 -11.17 39.94 -13.52
N LEU D 127 -10.54 39.38 -14.54
CA LEU D 127 -9.34 38.63 -14.34
C LEU D 127 -8.21 39.49 -13.83
N LEU D 128 -8.02 40.64 -14.46
CA LEU D 128 -6.87 41.49 -14.14
C LEU D 128 -7.10 42.21 -12.80
N ALA D 129 -8.35 42.31 -12.39
CA ALA D 129 -8.68 42.74 -11.02
C ALA D 129 -8.28 41.72 -9.96
N VAL D 130 -8.45 40.42 -10.28
CA VAL D 130 -8.03 39.33 -9.41
C VAL D 130 -6.50 39.26 -9.40
N VAL D 131 -5.86 39.32 -10.58
CA VAL D 131 -4.38 39.36 -10.68
C VAL D 131 -3.83 40.55 -9.91
N ASP D 132 -4.45 41.71 -10.12
CA ASP D 132 -4.02 42.93 -9.46
C ASP D 132 -4.03 42.81 -7.95
N THR D 133 -5.17 42.41 -7.35
CA THR D 133 -5.29 42.34 -5.88
C THR D 133 -4.51 41.21 -5.23
N VAL D 134 -4.52 40.04 -5.87
CA VAL D 134 -3.87 38.85 -5.31
C VAL D 134 -2.36 38.83 -5.60
N SER D 135 -1.93 39.74 -6.51
CA SER D 135 -0.55 39.83 -7.07
C SER D 135 0.22 38.52 -7.20
N PRO D 136 -0.26 37.62 -8.06
CA PRO D 136 0.37 36.30 -8.20
C PRO D 136 1.73 36.39 -8.88
N ALA D 137 2.60 35.47 -8.54
CA ALA D 137 3.84 35.26 -9.25
C ALA D 137 3.63 34.74 -10.65
N LEU D 138 2.58 33.98 -10.89
CA LEU D 138 2.53 33.18 -12.10
C LEU D 138 1.10 32.96 -12.60
N TYR D 139 0.87 33.12 -13.91
CA TYR D 139 -0.40 32.76 -14.55
C TYR D 139 -0.24 31.52 -15.51
N LEU D 140 -1.21 30.63 -15.50
CA LEU D 140 -1.14 29.46 -16.36
C LEU D 140 -2.51 29.20 -16.92
N GLN D 141 -2.61 28.92 -18.23
CA GLN D 141 -3.89 28.54 -18.86
C GLN D 141 -3.77 27.26 -19.65
N ALA D 142 -4.91 26.73 -20.09
CA ALA D 142 -4.96 25.48 -20.87
C ALA D 142 -4.18 25.55 -22.18
N GLU D 143 -3.83 24.41 -22.77
CA GLU D 143 -3.08 24.38 -24.03
C GLU D 143 -3.76 25.28 -25.04
N GLY D 144 -5.07 25.16 -25.13
CA GLY D 144 -5.84 25.90 -26.15
C GLY D 144 -6.10 27.37 -25.85
N GLY D 145 -5.67 27.83 -24.68
CA GLY D 145 -6.12 29.10 -24.12
C GLY D 145 -5.69 30.32 -24.91
N ARG D 146 -6.67 31.14 -25.24
CA ARG D 146 -6.48 32.27 -26.11
C ARG D 146 -6.57 33.52 -25.25
N ARG D 147 -5.76 33.56 -24.20
CA ARG D 147 -5.72 34.67 -23.29
C ARG D 147 -4.41 35.34 -23.45
N GLU D 148 -4.42 36.67 -23.38
CA GLU D 148 -3.21 37.49 -23.33
C GLU D 148 -3.58 38.74 -22.57
N GLY D 149 -2.59 39.58 -22.26
CA GLY D 149 -2.82 40.87 -21.61
C GLY D 149 -2.34 40.97 -20.18
N LEU D 150 -1.54 40.01 -19.73
CA LEU D 150 -1.08 39.99 -18.34
C LEU D 150 0.15 40.88 -18.14
N PRO D 151 0.20 41.59 -16.99
CA PRO D 151 1.41 42.35 -16.67
C PRO D 151 2.69 41.54 -16.92
N GLU D 152 3.73 42.21 -17.44
CA GLU D 152 5.05 41.59 -17.51
C GLU D 152 5.56 41.11 -16.16
N SER D 153 5.10 41.75 -15.07
CA SER D 153 5.49 41.34 -13.69
C SER D 153 5.05 39.91 -13.39
N VAL D 154 4.05 39.44 -14.12
CA VAL D 154 3.51 38.13 -13.85
C VAL D 154 3.98 37.03 -14.84
N GLY D 155 4.61 36.02 -14.28
CA GLY D 155 4.97 34.83 -15.02
C GLY D 155 3.83 34.27 -15.81
N THR D 156 4.14 33.73 -16.97
CA THR D 156 3.14 33.23 -17.93
C THR D 156 3.52 31.83 -18.37
N GLY D 157 2.54 30.93 -18.48
CA GLY D 157 2.83 29.54 -18.91
C GLY D 157 1.58 28.82 -19.41
N ARG D 158 1.75 27.58 -19.82
CA ARG D 158 0.66 26.76 -20.35
C ARG D 158 0.77 25.29 -19.93
N PHE D 159 -0.39 24.64 -19.89
CA PHE D 159 -0.41 23.23 -19.58
C PHE D 159 -1.48 22.50 -20.34
N GLY D 160 -1.15 21.23 -20.56
CA GLY D 160 -2.03 20.23 -21.16
C GLY D 160 -1.37 18.87 -21.04
N PRO D 161 -1.97 17.84 -21.69
CA PRO D 161 -1.49 16.45 -21.63
C PRO D 161 -0.01 16.32 -21.95
N GLY D 162 0.45 17.06 -22.94
CA GLY D 162 1.85 17.05 -23.34
C GLY D 162 2.86 17.62 -22.35
N GLY D 163 2.42 18.32 -21.31
CA GLY D 163 3.34 18.89 -20.30
C GLY D 163 3.01 20.32 -19.91
N LEU D 164 3.84 20.89 -19.05
CA LEU D 164 3.66 22.26 -18.60
C LEU D 164 4.83 23.08 -19.13
N VAL D 165 4.55 24.09 -19.97
CA VAL D 165 5.62 24.94 -20.48
C VAL D 165 5.47 26.41 -20.06
N ILE D 166 6.52 26.97 -19.46
CA ILE D 166 6.60 28.40 -19.15
C ILE D 166 6.91 29.20 -20.40
N GLU D 167 6.28 30.37 -20.54
CA GLU D 167 6.62 31.33 -21.59
C GLU D 167 7.41 32.51 -20.99
N ARG D 168 6.80 33.27 -20.09
CA ARG D 168 7.50 34.38 -19.42
C ARG D 168 7.87 33.95 -17.99
N ALA D 169 9.15 33.84 -17.68
CA ALA D 169 9.54 33.39 -16.36
C ALA D 169 8.98 34.32 -15.26
N PRO D 170 8.49 33.74 -14.14
CA PRO D 170 8.07 34.58 -13.04
C PRO D 170 9.28 35.18 -12.34
N ARG D 171 9.13 36.38 -11.75
CA ARG D 171 10.13 36.90 -10.82
C ARG D 171 10.29 35.91 -9.67
N PRO D 172 11.53 35.57 -9.28
CA PRO D 172 11.71 34.68 -8.12
C PRO D 172 11.24 35.26 -6.78
N GLY D 173 10.83 34.38 -5.89
CA GLY D 173 10.39 34.81 -4.59
C GLY D 173 11.57 35.03 -3.68
N ARG D 174 11.26 35.19 -2.39
CA ARG D 174 12.24 35.48 -1.33
C ARG D 174 13.32 34.41 -1.09
N GLY D 175 13.04 33.15 -1.49
CA GLY D 175 13.84 32.01 -1.09
C GLY D 175 13.93 31.83 0.42
N PHE D 176 12.83 32.06 1.14
CA PHE D 176 12.84 32.11 2.63
C PHE D 176 12.02 31.04 3.32
N ARG D 177 10.83 30.84 2.78
CA ARG D 177 9.95 29.83 3.28
C ARG D 177 10.57 28.47 3.04
N ARG D 178 10.28 27.52 3.92
CA ARG D 178 10.90 26.22 3.83
C ARG D 178 9.98 24.99 3.97
N GLU D 179 8.85 25.07 4.67
CA GLU D 179 7.89 23.94 4.77
C GLU D 179 6.42 24.36 4.68
N VAL D 180 5.56 23.50 4.14
CA VAL D 180 4.12 23.79 4.08
C VAL D 180 3.36 23.29 5.28
N ALA D 181 2.65 24.20 5.98
CA ALA D 181 1.95 23.82 7.18
C ALA D 181 0.48 23.72 6.85
N PRO D 182 -0.20 22.80 7.53
CA PRO D 182 -1.63 22.66 7.32
C PRO D 182 -2.39 24.01 7.30
N ALA D 183 -2.08 24.95 8.18
CA ALA D 183 -2.74 26.29 8.20
C ALA D 183 -2.47 27.21 6.98
N ASP D 184 -1.33 26.99 6.31
CA ASP D 184 -0.96 27.66 5.05
C ASP D 184 -2.05 27.62 3.97
N PRO D 185 -2.11 28.64 3.07
CA PRO D 185 -3.13 28.58 2.02
C PRO D 185 -2.96 27.43 1.07
N ALA D 186 -4.08 26.93 0.56
CA ALA D 186 -4.07 25.87 -0.41
C ALA D 186 -4.65 26.41 -1.71
N TYR D 187 -5.71 27.20 -1.63
CA TYR D 187 -6.27 27.85 -2.82
C TYR D 187 -7.04 29.05 -2.36
N MET D 188 -7.40 29.92 -3.31
CA MET D 188 -8.33 31.04 -3.09
C MET D 188 -9.38 31.18 -4.20
N VAL D 189 -10.65 31.20 -3.81
CA VAL D 189 -11.77 31.42 -4.70
C VAL D 189 -12.28 32.88 -4.62
N PHE D 190 -12.51 33.49 -5.79
CA PHE D 190 -12.87 34.92 -5.83
C PHE D 190 -14.32 35.17 -6.27
N THR D 191 -15.09 35.90 -5.44
CA THR D 191 -16.45 36.35 -5.84
C THR D 191 -16.39 37.78 -6.48
N PRO D 198 -12.64 42.77 -5.27
CA PRO D 198 -13.07 41.36 -5.43
C PRO D 198 -12.64 40.51 -4.24
N LYS D 199 -13.58 39.77 -3.67
CA LYS D 199 -13.40 39.04 -2.43
C LYS D 199 -12.79 37.58 -2.65
N GLY D 200 -11.64 37.32 -2.07
CA GLY D 200 -11.05 36.03 -2.18
C GLY D 200 -11.23 35.35 -0.86
N VAL D 201 -11.78 34.14 -0.90
CA VAL D 201 -11.86 33.30 0.27
C VAL D 201 -10.64 32.44 0.26
N VAL D 202 -9.82 32.59 1.30
CA VAL D 202 -8.52 31.89 1.43
C VAL D 202 -8.77 30.63 2.26
N MET D 203 -8.47 29.46 1.68
CA MET D 203 -8.80 28.11 2.30
C MET D 203 -7.53 27.37 2.62
N SER D 204 -7.27 27.05 3.88
CA SER D 204 -6.06 26.29 4.18
C SER D 204 -6.09 24.82 3.74
N HIS D 205 -4.96 24.17 3.79
CA HIS D 205 -4.93 22.71 3.60
C HIS D 205 -5.88 21.97 4.56
N ARG D 206 -5.96 22.39 5.80
CA ARG D 206 -6.85 21.71 6.72
C ARG D 206 -8.27 22.00 6.41
N ALA D 207 -8.64 23.24 6.24
CA ALA D 207 -10.02 23.47 5.90
C ALA D 207 -10.47 22.49 4.81
N ILE D 208 -9.75 22.36 3.72
CA ILE D 208 -10.27 21.60 2.56
C ILE D 208 -10.26 20.06 2.85
N LEU D 209 -9.32 19.59 3.64
CA LEU D 209 -9.32 18.22 4.05
C LEU D 209 -10.42 17.91 5.05
N SER D 210 -10.81 18.84 5.90
CA SER D 210 -11.90 18.51 6.85
C SER D 210 -13.20 18.42 6.09
N PHE D 211 -13.41 19.37 5.17
CA PHE D 211 -14.60 19.26 4.37
C PHE D 211 -14.58 17.90 3.66
N TYR D 212 -13.49 17.58 2.95
CA TYR D 212 -13.40 16.29 2.23
C TYR D 212 -13.70 15.17 3.20
N ARG D 213 -13.11 15.20 4.37
CA ARG D 213 -13.37 14.12 5.32
C ARG D 213 -14.85 14.05 5.71
N GLY D 214 -15.46 15.20 5.96
CA GLY D 214 -16.91 15.22 6.25
C GLY D 214 -17.74 14.57 5.13
N MET D 215 -17.44 14.95 3.89
CA MET D 215 -18.30 14.62 2.80
C MET D 215 -18.21 13.14 2.55
N LEU D 216 -17.02 12.57 2.69
CA LEU D 216 -16.81 11.15 2.36
C LEU D 216 -17.38 10.19 3.42
N SER D 217 -17.58 10.72 4.62
CA SER D 217 -18.25 9.99 5.69
C SER D 217 -19.68 9.69 5.34
N GLN D 218 -20.19 10.27 4.24
CA GLN D 218 -21.59 10.09 3.80
C GLN D 218 -21.80 8.99 2.73
N GLY D 219 -20.73 8.40 2.21
CA GLY D 219 -20.89 7.30 1.27
C GLY D 219 -21.80 7.67 0.12
N ILE D 220 -21.66 8.86 -0.41
CA ILE D 220 -22.44 9.30 -1.57
C ILE D 220 -22.04 8.53 -2.84
N VAL D 221 -20.84 7.94 -2.81
CA VAL D 221 -20.19 7.47 -4.02
C VAL D 221 -19.29 6.27 -3.67
N GLY D 222 -18.98 5.46 -4.67
CA GLY D 222 -18.09 4.33 -4.48
C GLY D 222 -16.93 4.36 -5.46
N PRO D 223 -16.02 3.34 -5.40
CA PRO D 223 -14.88 3.32 -6.28
C PRO D 223 -15.28 3.00 -7.71
N GLU D 224 -16.46 2.46 -7.88
CA GLU D 224 -16.96 2.15 -9.21
C GLU D 224 -17.69 3.34 -9.87
N SER D 225 -17.86 4.44 -9.12
CA SER D 225 -18.63 5.59 -9.58
C SER D 225 -17.90 6.39 -10.64
N ARG D 226 -18.72 6.98 -11.51
CA ARG D 226 -18.25 7.88 -12.55
C ARG D 226 -18.94 9.24 -12.36
N VAL D 227 -18.24 10.16 -11.67
CA VAL D 227 -18.84 11.43 -11.17
C VAL D 227 -18.84 12.53 -12.20
N ALA D 228 -19.99 12.82 -12.77
CA ALA D 228 -20.06 13.90 -13.80
C ALA D 228 -20.04 15.29 -13.12
N SER D 229 -19.00 16.07 -13.37
CA SER D 229 -18.79 17.37 -12.71
C SER D 229 -19.25 18.46 -13.69
N THR D 230 -20.23 19.26 -13.30
CA THR D 230 -20.77 20.35 -14.17
C THR D 230 -20.32 21.79 -13.87
N ALA D 231 -19.96 22.09 -12.63
CA ALA D 231 -19.67 23.48 -12.23
C ALA D 231 -18.52 24.04 -13.04
N PRO D 232 -18.39 25.36 -13.03
CA PRO D 232 -17.21 25.99 -13.62
C PRO D 232 -16.03 25.84 -12.69
N PHE D 233 -14.85 25.75 -13.27
CA PHE D 233 -13.66 25.51 -12.51
C PHE D 233 -13.42 26.60 -11.52
N GLN D 234 -13.94 27.81 -11.73
CA GLN D 234 -13.74 28.88 -10.75
C GLN D 234 -14.56 28.78 -9.45
N PHE D 235 -15.65 28.03 -9.44
CA PHE D 235 -16.37 27.66 -8.20
C PHE D 235 -15.81 26.40 -7.52
N ASP D 236 -15.34 26.60 -6.33
CA ASP D 236 -15.54 25.72 -5.22
C ASP D 236 -16.19 24.34 -5.44
N PHE D 237 -17.20 24.31 -6.27
CA PHE D 237 -18.01 23.13 -6.50
C PHE D 237 -17.20 22.13 -7.33
N SER D 238 -16.43 22.65 -8.29
CA SER D 238 -15.53 21.81 -9.06
C SER D 238 -14.60 21.03 -8.11
N LEU D 239 -14.14 21.67 -7.05
CA LEU D 239 -13.19 21.04 -6.14
C LEU D 239 -13.88 20.04 -5.26
N LEU D 240 -15.16 20.30 -5.03
CA LEU D 240 -15.99 19.40 -4.24
C LEU D 240 -16.15 18.14 -5.03
N ASP D 241 -16.54 18.28 -6.30
CA ASP D 241 -16.64 17.15 -7.23
C ASP D 241 -15.34 16.34 -7.22
N ILE D 242 -14.21 17.01 -7.36
CA ILE D 242 -12.94 16.33 -7.51
C ILE D 242 -12.61 15.55 -6.25
N GLY D 243 -12.88 16.11 -5.10
CA GLY D 243 -12.55 15.41 -3.85
C GLY D 243 -13.47 14.21 -3.66
N LEU D 244 -14.74 14.39 -3.99
CA LEU D 244 -15.71 13.33 -3.88
C LEU D 244 -15.27 12.09 -4.66
N ALA D 245 -14.95 12.29 -5.93
CA ALA D 245 -14.52 11.23 -6.80
C ALA D 245 -13.14 10.74 -6.40
N LEU D 246 -12.11 11.55 -6.57
CA LEU D 246 -10.79 11.05 -6.27
C LEU D 246 -10.63 10.49 -4.85
N GLY D 247 -11.32 11.09 -3.88
CA GLY D 247 -11.12 10.71 -2.48
C GLY D 247 -11.85 9.41 -2.20
N SER D 248 -12.67 9.01 -3.14
CA SER D 248 -13.40 7.76 -3.03
C SER D 248 -12.85 6.68 -3.97
N GLY D 249 -11.77 7.00 -4.68
CA GLY D 249 -11.21 6.09 -5.67
C GLY D 249 -11.99 6.06 -6.99
N ALA D 250 -12.81 7.07 -7.23
CA ALA D 250 -13.76 7.00 -8.33
C ALA D 250 -13.17 7.69 -9.51
N THR D 251 -14.01 7.97 -10.49
CA THR D 251 -13.53 8.67 -11.70
C THR D 251 -14.20 10.04 -11.86
N VAL D 252 -13.42 11.05 -12.13
CA VAL D 252 -14.02 12.34 -12.43
C VAL D 252 -14.42 12.31 -13.89
N VAL D 253 -15.68 12.60 -14.21
CA VAL D 253 -16.09 12.87 -15.60
C VAL D 253 -16.35 14.38 -15.80
N PRO D 254 -15.40 15.10 -16.45
CA PRO D 254 -15.59 16.51 -16.72
C PRO D 254 -16.67 16.71 -17.78
N VAL D 255 -17.76 17.37 -17.43
CA VAL D 255 -18.82 17.61 -18.41
C VAL D 255 -18.51 18.93 -19.11
N PRO D 256 -18.24 18.87 -20.41
CA PRO D 256 -17.97 20.10 -21.16
C PRO D 256 -19.15 21.02 -21.05
N ARG D 257 -18.92 22.25 -20.63
CA ARG D 257 -20.00 23.14 -20.21
C ARG D 257 -20.87 23.55 -21.39
N ALA D 258 -20.23 23.81 -22.52
CA ALA D 258 -20.93 23.99 -23.79
C ALA D 258 -22.28 23.28 -23.81
N LEU D 259 -22.24 21.99 -23.51
CA LEU D 259 -23.39 21.09 -23.50
C LEU D 259 -24.63 21.52 -22.68
N LEU D 260 -24.47 22.43 -21.73
CA LEU D 260 -25.65 22.83 -20.93
C LEU D 260 -26.73 23.56 -21.73
N ARG D 261 -26.41 24.17 -22.86
CA ARG D 261 -27.47 24.72 -23.69
C ARG D 261 -27.66 23.87 -24.93
N TRP D 262 -28.01 22.62 -24.67
CA TRP D 262 -28.28 21.57 -25.66
C TRP D 262 -28.67 20.32 -24.87
N PRO D 263 -29.78 20.37 -24.12
CA PRO D 263 -30.10 19.30 -23.18
C PRO D 263 -29.95 17.91 -23.73
N ARG D 264 -30.22 17.73 -25.02
CA ARG D 264 -30.09 16.42 -25.62
C ARG D 264 -28.62 16.03 -25.69
N ARG D 265 -27.77 16.88 -26.28
CA ARG D 265 -26.33 16.60 -26.39
C ARG D 265 -25.70 16.33 -24.99
N PHE D 266 -26.27 16.99 -23.98
CA PHE D 266 -25.86 16.83 -22.58
C PHE D 266 -26.30 15.49 -22.00
N VAL D 267 -27.48 15.03 -22.38
CA VAL D 267 -27.91 13.72 -21.95
C VAL D 267 -27.11 12.62 -22.67
N ARG D 268 -26.90 12.73 -23.97
CA ARG D 268 -26.06 11.76 -24.71
C ARG D 268 -24.64 11.69 -24.15
N PHE D 269 -24.17 12.82 -23.64
CA PHE D 269 -22.86 12.82 -23.03
C PHE D 269 -22.87 11.98 -21.77
N LEU D 270 -23.90 12.18 -20.94
CA LEU D 270 -24.02 11.39 -19.72
C LEU D 270 -24.20 9.91 -20.02
N ARG D 271 -24.83 9.62 -21.16
CA ARG D 271 -25.10 8.26 -21.61
C ARG D 271 -23.76 7.63 -21.91
N ASP D 272 -23.01 8.25 -22.82
CA ASP D 272 -21.78 7.68 -23.39
C ASP D 272 -20.61 7.66 -22.42
N SER D 273 -20.57 8.62 -21.53
CA SER D 273 -19.57 8.66 -20.47
C SER D 273 -19.93 7.66 -19.36
N GLU D 274 -21.18 7.22 -19.35
CA GLU D 274 -21.65 6.23 -18.40
C GLU D 274 -21.53 6.74 -16.99
N ALA D 275 -21.92 8.00 -16.81
CA ALA D 275 -21.89 8.61 -15.52
C ALA D 275 -22.87 7.90 -14.59
N THR D 276 -22.49 7.76 -13.31
CA THR D 276 -23.35 7.16 -12.27
C THR D 276 -23.77 8.16 -11.23
N GLN D 277 -22.96 9.19 -11.06
CA GLN D 277 -23.25 10.28 -10.13
C GLN D 277 -23.24 11.53 -11.01
N VAL D 278 -24.20 12.41 -10.84
CA VAL D 278 -24.20 13.66 -11.60
C VAL D 278 -24.36 14.84 -10.65
N ASN D 279 -23.40 15.76 -10.69
CA ASN D 279 -23.38 16.86 -9.75
C ASN D 279 -23.57 18.18 -10.46
N GLY D 280 -24.33 19.08 -9.86
CA GLY D 280 -24.48 20.42 -10.41
C GLY D 280 -25.54 21.26 -9.72
N ALA D 281 -25.69 22.50 -10.18
CA ALA D 281 -26.79 23.31 -9.68
C ALA D 281 -28.06 22.64 -10.18
N PRO D 282 -29.17 22.79 -9.44
CA PRO D 282 -30.43 22.22 -9.89
C PRO D 282 -30.68 22.52 -11.35
N SER D 283 -30.34 23.75 -11.78
CA SER D 283 -30.69 24.26 -13.11
C SER D 283 -30.08 23.49 -14.26
N ILE D 284 -29.05 22.69 -14.01
CA ILE D 284 -28.48 21.84 -15.08
C ILE D 284 -29.47 20.83 -15.63
N TRP D 285 -30.52 20.55 -14.87
CA TRP D 285 -31.56 19.57 -15.21
C TRP D 285 -32.77 20.17 -15.93
N ARG D 286 -32.90 21.51 -15.88
CA ARG D 286 -34.09 22.24 -16.37
C ARG D 286 -34.48 21.85 -17.79
N GLY D 287 -33.54 21.99 -18.72
CA GLY D 287 -33.79 21.68 -20.13
C GLY D 287 -34.24 20.25 -20.35
N ALA D 288 -33.52 19.29 -19.77
CA ALA D 288 -33.83 17.87 -19.99
C ALA D 288 -35.22 17.48 -19.43
N LEU D 289 -35.54 17.90 -18.21
CA LEU D 289 -36.89 17.70 -17.63
C LEU D 289 -38.04 18.40 -18.37
N ARG D 290 -37.72 19.51 -19.03
CA ARG D 290 -38.70 20.34 -19.71
C ARG D 290 -38.89 19.83 -21.16
N HIS D 291 -37.80 19.52 -21.86
CA HIS D 291 -37.87 19.25 -23.30
C HIS D 291 -37.39 17.87 -23.70
N GLU D 292 -36.83 17.09 -22.79
CA GLU D 292 -36.17 15.83 -23.21
C GLU D 292 -36.22 14.70 -22.18
N ALA D 293 -37.39 14.57 -21.55
CA ALA D 293 -37.57 13.70 -20.40
C ALA D 293 -37.52 12.23 -20.79
N ASP D 294 -37.74 11.96 -22.08
CA ASP D 294 -37.78 10.58 -22.55
C ASP D 294 -36.37 10.06 -22.66
N GLU D 295 -35.52 10.83 -23.34
CA GLU D 295 -34.10 10.52 -23.46
C GLU D 295 -33.40 10.38 -22.10
N LEU D 296 -33.72 11.32 -21.21
CA LEU D 296 -33.14 11.36 -19.88
C LEU D 296 -33.44 10.12 -19.05
N ALA D 297 -34.72 9.71 -19.06
CA ALA D 297 -35.17 8.48 -18.40
C ALA D 297 -34.51 7.23 -18.98
N ALA D 298 -34.01 7.30 -20.21
CA ALA D 298 -33.18 6.23 -20.78
C ALA D 298 -31.87 5.97 -20.00
N LEU D 299 -31.48 6.93 -19.18
CA LEU D 299 -30.34 6.78 -18.27
C LEU D 299 -30.73 6.28 -16.89
N GLY D 300 -32.03 6.11 -16.66
CA GLY D 300 -32.58 5.77 -15.34
C GLY D 300 -31.94 4.58 -14.63
N GLY D 301 -31.45 3.60 -15.42
CA GLY D 301 -30.84 2.39 -14.88
C GLY D 301 -29.38 2.53 -14.52
N ARG D 302 -28.71 3.49 -15.14
CA ARG D 302 -27.27 3.71 -14.91
C ARG D 302 -26.94 4.75 -13.79
N ILE D 303 -27.79 5.77 -13.59
CA ILE D 303 -27.52 6.87 -12.64
C ILE D 303 -28.06 6.56 -11.26
N ARG D 304 -27.17 6.43 -10.30
CA ARG D 304 -27.54 6.04 -8.96
C ARG D 304 -27.46 7.21 -7.97
N GLY D 305 -26.96 8.36 -8.42
CA GLY D 305 -26.91 9.53 -7.54
C GLY D 305 -26.87 10.86 -8.26
N VAL D 306 -27.47 11.86 -7.63
CA VAL D 306 -27.45 13.20 -8.14
C VAL D 306 -27.28 14.15 -6.96
N LEU D 307 -26.36 15.10 -7.09
CA LEU D 307 -26.10 16.05 -5.99
C LEU D 307 -26.28 17.49 -6.49
N PHE D 308 -26.86 18.34 -5.66
CA PHE D 308 -27.09 19.73 -6.00
C PHE D 308 -26.76 20.61 -4.82
N SER D 309 -26.24 21.79 -5.12
CA SER D 309 -26.12 22.82 -4.08
C SER D 309 -26.29 24.14 -4.72
N GLY D 310 -26.29 25.18 -3.92
CA GLY D 310 -26.27 26.51 -4.49
C GLY D 310 -27.56 27.25 -4.37
N GLU D 311 -28.58 26.76 -5.09
CA GLU D 311 -29.98 27.23 -5.02
C GLU D 311 -30.85 26.06 -4.44
N PRO D 312 -32.05 26.37 -3.94
CA PRO D 312 -33.01 25.28 -3.67
C PRO D 312 -33.49 24.60 -4.95
N PHE D 313 -33.84 23.32 -4.88
CA PHE D 313 -34.42 22.58 -6.01
C PHE D 313 -35.97 22.74 -5.98
N PRO D 314 -36.56 23.30 -7.06
CA PRO D 314 -38.00 23.45 -7.00
C PRO D 314 -38.63 22.08 -7.06
N LEU D 315 -39.64 21.86 -6.22
CA LEU D 315 -40.19 20.52 -6.03
C LEU D 315 -40.85 19.85 -7.27
N PRO D 316 -41.72 20.57 -8.00
CA PRO D 316 -42.09 20.08 -9.32
C PRO D 316 -40.95 19.40 -10.08
N GLU D 317 -39.83 20.10 -10.27
CA GLU D 317 -38.67 19.55 -10.99
C GLU D 317 -37.99 18.38 -10.24
N VAL D 318 -37.95 18.45 -8.91
CA VAL D 318 -37.31 17.37 -8.16
C VAL D 318 -38.11 16.08 -8.39
N ARG D 319 -39.43 16.19 -8.34
CA ARG D 319 -40.31 15.05 -8.58
C ARG D 319 -40.15 14.52 -9.99
N ALA D 320 -40.18 15.41 -10.96
CA ALA D 320 -39.91 15.03 -12.33
C ALA D 320 -38.63 14.20 -12.43
N LEU D 321 -37.58 14.63 -11.73
CA LEU D 321 -36.26 14.01 -11.87
C LEU D 321 -36.24 12.66 -11.19
N GLN D 322 -36.88 12.58 -10.02
CA GLN D 322 -37.07 11.31 -9.32
C GLN D 322 -37.71 10.27 -10.23
N GLN D 323 -38.77 10.66 -10.92
CA GLN D 323 -39.47 9.76 -11.84
C GLN D 323 -38.66 9.41 -13.07
N ALA D 324 -37.93 10.35 -13.65
CA ALA D 324 -37.10 10.04 -14.78
C ALA D 324 -35.93 9.14 -14.41
N LEU D 325 -35.40 9.30 -13.19
CA LEU D 325 -34.26 8.50 -12.70
C LEU D 325 -34.66 7.81 -11.42
N PRO D 326 -35.26 6.63 -11.55
CA PRO D 326 -35.88 6.02 -10.37
C PRO D 326 -34.89 5.36 -9.41
N LEU D 327 -33.68 5.06 -9.87
CA LEU D 327 -32.64 4.54 -8.98
C LEU D 327 -31.84 5.61 -8.22
N ALA D 328 -31.95 6.87 -8.66
CA ALA D 328 -31.11 7.95 -8.17
C ALA D 328 -31.34 8.36 -6.73
N ARG D 329 -30.28 8.35 -5.93
CA ARG D 329 -30.26 8.98 -4.60
C ARG D 329 -29.98 10.47 -4.82
N ILE D 330 -30.91 11.33 -4.48
CA ILE D 330 -30.71 12.78 -4.73
C ILE D 330 -30.32 13.41 -3.44
N VAL D 331 -29.14 14.00 -3.41
CA VAL D 331 -28.67 14.61 -2.16
C VAL D 331 -28.49 16.12 -2.29
N ASN D 332 -29.08 16.82 -1.33
CA ASN D 332 -29.03 18.26 -1.21
C ASN D 332 -27.77 18.64 -0.43
N CYS D 333 -26.80 19.21 -1.14
CA CYS D 333 -25.61 19.77 -0.49
C CYS D 333 -25.86 21.28 -0.11
N PHE D 334 -25.89 21.60 1.17
CA PHE D 334 -26.05 22.97 1.63
C PHE D 334 -24.82 23.44 2.37
N GLY D 335 -24.36 24.64 2.01
CA GLY D 335 -23.37 25.39 2.79
C GLY D 335 -22.71 26.43 1.93
N SER D 336 -21.46 26.78 2.24
CA SER D 336 -20.83 27.98 1.63
C SER D 336 -19.34 27.85 1.37
N THR D 337 -18.90 28.45 0.28
CA THR D 337 -17.49 28.54 -0.08
C THR D 337 -16.63 28.69 1.16
N GLU D 338 -16.98 29.63 2.05
CA GLU D 338 -16.25 29.75 3.30
C GLU D 338 -16.02 28.43 4.07
N SER D 339 -16.71 27.34 3.71
CA SER D 339 -16.34 26.00 4.19
C SER D 339 -16.53 24.86 3.14
N VAL D 340 -16.54 25.29 1.88
CA VAL D 340 -17.07 24.53 0.73
C VAL D 340 -18.58 24.33 0.91
N ALA D 341 -18.88 23.57 1.98
CA ALA D 341 -20.24 23.29 2.38
C ALA D 341 -20.28 22.65 3.76
N ALA D 342 -21.52 22.30 4.18
CA ALA D 342 -21.83 21.94 5.57
C ALA D 342 -22.68 20.72 5.75
N SER D 343 -23.72 20.56 4.91
CA SER D 343 -24.64 19.46 5.09
C SER D 343 -24.95 18.74 3.80
N PHE D 344 -25.14 17.43 3.93
CA PHE D 344 -25.63 16.56 2.84
C PHE D 344 -26.89 15.83 3.29
N THR D 345 -27.94 15.89 2.49
CA THR D 345 -29.26 15.53 2.99
C THR D 345 -30.06 14.84 1.91
N ASP D 346 -30.52 13.65 2.22
CA ASP D 346 -31.18 12.86 1.21
C ASP D 346 -32.56 13.44 0.98
N VAL D 347 -32.87 13.67 -0.29
CA VAL D 347 -34.23 14.01 -0.71
C VAL D 347 -35.13 12.76 -0.62
N PRO D 348 -36.25 12.86 0.12
CA PRO D 348 -37.02 11.65 0.39
C PRO D 348 -37.70 11.15 -0.87
N ARG D 349 -37.82 9.83 -1.03
CA ARG D 349 -38.45 9.25 -2.23
C ARG D 349 -39.74 8.47 -1.92
N PRO D 350 -40.89 8.88 -2.50
CA PRO D 350 -41.07 10.13 -3.25
C PRO D 350 -41.28 11.26 -2.27
N VAL D 351 -41.30 12.48 -2.80
CA VAL D 351 -41.42 13.66 -1.97
C VAL D 351 -42.86 13.80 -1.49
N PRO D 352 -43.09 13.78 -0.17
CA PRO D 352 -44.47 13.94 0.36
C PRO D 352 -45.18 15.23 -0.10
N THR D 356 -43.19 21.26 1.79
CA THR D 356 -43.04 22.72 1.45
C THR D 356 -41.67 23.11 0.87
N LYS D 357 -40.66 22.35 1.27
CA LYS D 357 -39.21 22.61 1.12
C LYS D 357 -38.43 21.33 1.49
N LEU D 358 -37.30 21.10 0.82
CA LEU D 358 -36.46 19.98 1.16
C LEU D 358 -35.55 20.38 2.35
N SER D 359 -35.20 19.40 3.18
CA SER D 359 -34.42 19.68 4.35
C SER D 359 -32.96 19.87 3.92
N ILE D 360 -32.21 20.56 4.76
CA ILE D 360 -30.80 20.71 4.61
C ILE D 360 -30.12 20.03 5.80
N GLY D 361 -30.84 19.16 6.52
CA GLY D 361 -30.27 18.15 7.43
C GLY D 361 -29.60 18.66 8.68
N HIS D 362 -28.43 18.08 8.95
CA HIS D 362 -27.57 18.58 9.99
C HIS D 362 -26.13 18.51 9.46
N ALA D 363 -25.23 19.27 10.08
CA ALA D 363 -23.87 19.28 9.61
C ALA D 363 -23.28 17.83 9.46
N HIS D 364 -22.32 17.66 8.56
CA HIS D 364 -21.62 16.41 8.47
C HIS D 364 -20.89 16.15 9.72
N PRO D 365 -20.51 14.88 9.95
CA PRO D 365 -19.78 14.57 11.15
C PRO D 365 -18.66 15.59 11.39
N GLY D 366 -18.47 16.00 12.63
CA GLY D 366 -17.39 16.93 12.92
C GLY D 366 -17.75 18.36 12.55
N ALA D 367 -19.01 18.58 12.17
CA ALA D 367 -19.48 19.94 12.02
C ALA D 367 -20.81 20.19 12.71
N GLU D 368 -21.07 21.46 13.03
CA GLU D 368 -22.31 21.89 13.69
C GLU D 368 -22.71 23.26 13.19
N MET D 369 -23.93 23.34 12.66
CA MET D 369 -24.54 24.62 12.33
C MET D 369 -25.40 25.07 13.50
N MET D 370 -24.90 26.00 14.30
CA MET D 370 -25.65 26.46 15.43
C MET D 370 -26.65 27.55 15.01
N LEU D 371 -27.83 27.49 15.62
CA LEU D 371 -28.84 28.46 15.39
C LEU D 371 -28.79 29.42 16.55
N LEU D 372 -28.50 30.68 16.27
CA LEU D 372 -28.44 31.73 17.31
C LEU D 372 -29.44 32.82 17.04
N ASP D 373 -29.98 33.42 18.08
CA ASP D 373 -30.83 34.58 17.87
C ASP D 373 -30.04 35.88 17.60
N ASP D 374 -30.78 36.96 17.34
CA ASP D 374 -30.21 38.32 17.13
C ASP D 374 -29.07 38.72 18.09
N ASP D 375 -29.13 38.30 19.36
CA ASP D 375 -28.08 38.69 20.31
C ASP D 375 -27.09 37.56 20.52
N GLY D 376 -27.01 36.69 19.52
CA GLY D 376 -26.17 35.49 19.59
C GLY D 376 -26.46 34.57 20.77
N VAL D 377 -27.72 34.46 21.20
CA VAL D 377 -28.11 33.54 22.27
C VAL D 377 -28.69 32.30 21.58
N PRO D 378 -28.28 31.11 22.02
CA PRO D 378 -28.74 29.90 21.28
C PRO D 378 -30.24 29.71 21.21
N VAL D 379 -30.72 29.17 20.10
CA VAL D 379 -32.12 28.78 19.96
C VAL D 379 -32.27 27.27 20.25
N THR D 380 -33.01 26.94 21.31
CA THR D 380 -33.23 25.56 21.74
C THR D 380 -34.64 25.05 21.38
N GLU D 381 -35.56 25.98 21.10
CA GLU D 381 -36.94 25.67 20.62
C GLU D 381 -37.03 25.09 19.20
N PRO D 382 -37.71 23.96 19.03
CA PRO D 382 -37.86 23.55 17.62
C PRO D 382 -38.78 24.49 16.84
N GLY D 383 -38.58 24.54 15.53
CA GLY D 383 -39.42 25.33 14.64
C GLY D 383 -39.13 26.81 14.69
N VAL D 384 -38.27 27.26 15.59
CA VAL D 384 -37.87 28.65 15.68
C VAL D 384 -36.66 28.96 14.77
N THR D 385 -36.80 30.00 13.94
CA THR D 385 -35.74 30.45 13.07
C THR D 385 -34.62 31.15 13.84
N GLY D 386 -33.39 30.88 13.44
CA GLY D 386 -32.14 31.39 14.07
C GLY D 386 -31.11 31.62 12.99
N HIS D 387 -29.98 32.24 13.33
N HIS D 387 -29.96 32.17 13.32
CA HIS D 387 -28.90 32.57 12.37
CA HIS D 387 -28.98 32.50 12.29
C HIS D 387 -27.83 31.51 12.46
C HIS D 387 -27.76 31.61 12.39
N ILE D 388 -27.53 30.83 11.35
CA ILE D 388 -26.59 29.71 11.38
C ILE D 388 -25.18 30.18 11.65
N HIS D 389 -24.57 29.64 12.70
CA HIS D 389 -23.15 29.84 12.97
C HIS D 389 -22.47 28.49 12.95
N LEU D 390 -21.54 28.33 11.99
CA LEU D 390 -20.90 27.07 11.65
C LEU D 390 -19.59 26.89 12.40
N ARG D 391 -19.40 25.71 13.01
CA ARG D 391 -18.12 25.34 13.64
C ARG D 391 -17.73 24.07 13.01
N SER D 392 -16.49 24.03 12.55
CA SER D 392 -16.00 22.88 11.77
C SER D 392 -14.49 22.92 11.76
N GLY D 393 -13.90 21.94 11.11
CA GLY D 393 -12.48 21.93 10.86
C GLY D 393 -12.23 22.53 9.52
N SER D 394 -13.25 23.08 8.88
CA SER D 394 -13.31 23.39 7.43
C SER D 394 -13.26 24.89 7.04
N LEU D 395 -13.29 25.76 8.05
CA LEU D 395 -13.46 27.18 7.82
C LEU D 395 -12.36 27.87 7.05
N PHE D 396 -12.77 28.76 6.13
CA PHE D 396 -11.82 29.69 5.43
C PHE D 396 -10.97 30.43 6.40
N THR D 397 -9.74 30.69 5.99
CA THR D 397 -8.79 31.30 6.92
C THR D 397 -9.21 32.77 7.16
N GLY D 398 -9.69 33.40 6.09
CA GLY D 398 -10.07 34.84 6.07
C GLY D 398 -10.29 35.25 4.63
N TYR D 399 -10.72 36.52 4.46
CA TYR D 399 -10.86 37.09 3.10
C TYR D 399 -9.61 37.89 2.77
N TRP D 400 -9.13 37.72 1.56
CA TRP D 400 -7.86 38.24 1.16
C TRP D 400 -7.74 39.79 1.25
N GLY D 401 -6.86 40.23 2.12
CA GLY D 401 -6.51 41.60 2.26
C GLY D 401 -7.64 42.42 2.81
N ASP D 402 -8.52 41.77 3.57
CA ASP D 402 -9.76 42.40 4.02
C ASP D 402 -10.09 41.88 5.39
N PRO D 403 -9.29 42.28 6.37
CA PRO D 403 -9.53 41.80 7.73
C PRO D 403 -10.86 42.17 8.33
N GLU D 404 -11.43 43.30 7.91
CA GLU D 404 -12.63 43.82 8.55
C GLU D 404 -13.78 42.90 8.22
N ALA D 405 -13.88 42.53 6.94
CA ALA D 405 -14.82 41.49 6.47
C ALA D 405 -14.55 40.15 7.14
N THR D 406 -13.29 39.81 7.24
CA THR D 406 -12.93 38.59 7.91
C THR D 406 -13.47 38.58 9.35
N ALA D 407 -13.45 39.76 10.00
CA ALA D 407 -13.77 39.83 11.46
C ALA D 407 -15.26 39.86 11.73
N ARG D 408 -16.01 40.25 10.71
CA ARG D 408 -17.45 40.25 10.73
C ARG D 408 -17.98 38.85 10.44
N ALA D 409 -17.27 38.11 9.59
CA ALA D 409 -17.66 36.76 9.22
C ALA D 409 -17.21 35.73 10.22
N LEU D 410 -15.96 35.77 10.66
CA LEU D 410 -15.52 34.78 11.65
C LEU D 410 -15.51 35.48 13.00
N VAL D 411 -16.63 35.41 13.70
CA VAL D 411 -16.78 36.04 14.99
C VAL D 411 -16.36 35.16 16.17
N PRO D 412 -15.97 35.76 17.29
CA PRO D 412 -15.73 34.93 18.44
C PRO D 412 -16.94 34.03 18.68
N ASP D 413 -16.75 32.86 19.28
CA ASP D 413 -17.84 31.91 19.39
C ASP D 413 -18.73 32.30 20.55
N PRO D 414 -19.96 32.74 20.25
CA PRO D 414 -20.87 33.24 21.24
C PRO D 414 -21.23 32.25 22.31
N THR D 415 -21.17 30.97 21.99
CA THR D 415 -21.57 29.95 22.95
C THR D 415 -20.49 29.75 23.98
N ASN D 416 -19.26 30.20 23.67
CA ASN D 416 -18.11 29.96 24.55
C ASN D 416 -16.94 30.84 24.11
N PRO D 417 -17.04 32.17 24.28
CA PRO D 417 -16.11 33.15 23.65
C PRO D 417 -14.74 33.19 24.27
N MET D 418 -14.61 32.71 25.51
CA MET D 418 -13.32 32.66 26.19
C MET D 418 -12.34 31.63 25.67
N THR D 419 -12.76 30.70 24.82
CA THR D 419 -11.81 29.74 24.25
C THR D 419 -10.88 30.36 23.22
N GLY D 420 -11.30 31.42 22.55
CA GLY D 420 -10.49 32.04 21.51
C GLY D 420 -11.02 31.61 20.19
N GLN D 421 -11.87 30.60 20.21
CA GLN D 421 -12.25 29.91 18.99
C GLN D 421 -13.17 30.78 18.19
N THR D 422 -13.05 30.66 16.91
CA THR D 422 -13.86 31.46 16.03
C THR D 422 -14.85 30.61 15.24
N VAL D 423 -15.88 31.26 14.74
CA VAL D 423 -17.06 30.56 14.25
C VAL D 423 -17.61 31.40 13.13
N PHE D 424 -18.18 30.75 12.14
CA PHE D 424 -18.57 31.45 10.88
C PHE D 424 -20.02 31.91 10.82
N ARG D 425 -20.22 33.23 10.76
CA ARG D 425 -21.53 33.85 10.78
C ARG D 425 -22.08 33.84 9.38
N THR D 426 -22.86 32.83 9.06
CA THR D 426 -23.17 32.53 7.66
C THR D 426 -24.05 33.53 6.94
N GLY D 427 -24.90 34.24 7.68
CA GLY D 427 -25.98 35.03 7.04
C GLY D 427 -27.18 34.23 6.55
N ASP D 428 -27.26 32.97 6.97
CA ASP D 428 -28.34 32.09 6.55
C ASP D 428 -29.22 31.77 7.76
N LEU D 429 -30.53 31.81 7.53
CA LEU D 429 -31.51 31.54 8.59
C LEU D 429 -32.02 30.12 8.41
N ALA D 430 -32.39 29.49 9.53
CA ALA D 430 -33.01 28.19 9.50
C ALA D 430 -33.69 27.90 10.79
N HIS D 431 -34.60 26.95 10.76
CA HIS D 431 -35.18 26.39 11.96
C HIS D 431 -34.98 24.85 11.96
N ARG D 432 -35.12 24.24 13.11
CA ARG D 432 -34.85 22.85 13.24
C ARG D 432 -36.15 22.19 13.63
N ASP D 433 -36.41 21.00 13.06
CA ASP D 433 -37.59 20.28 13.47
C ASP D 433 -37.26 19.43 14.68
N ALA D 434 -38.29 18.74 15.16
CA ALA D 434 -38.22 17.92 16.38
C ALA D 434 -37.32 16.71 16.23
N THR D 435 -36.99 16.35 14.99
CA THR D 435 -36.05 15.23 14.73
C THR D 435 -34.62 15.71 14.58
N GLY D 436 -34.45 17.04 14.70
CA GLY D 436 -33.14 17.70 14.62
C GLY D 436 -32.68 18.15 13.23
N GLU D 437 -33.58 18.15 12.26
CA GLU D 437 -33.25 18.53 10.87
C GLU D 437 -33.54 20.04 10.53
N LEU D 438 -32.75 20.59 9.65
CA LEU D 438 -32.82 22.01 9.39
C LEU D 438 -33.60 22.27 8.12
N TYR D 439 -34.28 23.43 8.11
CA TYR D 439 -35.01 23.94 6.95
C TYR D 439 -34.53 25.35 6.78
N PHE D 440 -34.04 25.59 5.56
CA PHE D 440 -33.53 26.87 5.14
C PHE D 440 -34.63 27.91 5.07
N ASP D 441 -34.51 28.94 5.90
CA ASP D 441 -35.47 30.03 5.91
C ASP D 441 -35.03 31.25 5.11
N GLY D 442 -33.94 31.19 4.37
CA GLY D 442 -33.47 32.34 3.56
C GLY D 442 -32.38 33.14 4.24
N ARG D 443 -32.10 34.34 3.72
CA ARG D 443 -30.98 35.15 4.21
C ARG D 443 -31.39 36.22 5.19
N ALA D 444 -30.45 36.64 6.03
CA ALA D 444 -30.65 37.75 6.99
C ALA D 444 -30.32 39.08 6.38
N ASP D 445 -29.62 39.07 5.24
CA ASP D 445 -29.37 40.25 4.43
C ASP D 445 -30.19 40.11 3.14
N ASN D 446 -29.67 40.59 2.02
CA ASN D 446 -30.41 40.51 0.78
C ASN D 446 -29.59 39.82 -0.24
N GLN D 447 -28.77 38.91 0.23
CA GLN D 447 -27.91 38.18 -0.66
C GLN D 447 -28.77 37.28 -1.48
N VAL D 448 -28.42 37.14 -2.74
CA VAL D 448 -29.20 36.43 -3.73
C VAL D 448 -28.23 35.61 -4.55
N LYS D 449 -28.71 34.68 -5.36
CA LYS D 449 -27.82 33.96 -6.25
C LYS D 449 -28.26 34.16 -7.69
N ILE D 450 -27.33 34.47 -8.58
CA ILE D 450 -27.60 34.69 -10.01
C ILE D 450 -26.51 34.00 -10.81
N ARG D 451 -26.91 33.00 -11.58
CA ARG D 451 -25.96 32.09 -12.24
C ARG D 451 -25.04 31.40 -11.25
N GLY D 452 -25.52 31.20 -10.02
CA GLY D 452 -24.68 30.72 -8.93
C GLY D 452 -23.71 31.72 -8.29
N ASN D 453 -23.68 32.97 -8.76
CA ASN D 453 -22.79 33.96 -8.13
C ASN D 453 -23.51 34.75 -7.05
N ARG D 454 -22.86 34.92 -5.91
CA ARG D 454 -23.45 35.68 -4.82
C ARG D 454 -23.59 37.14 -5.19
N VAL D 455 -24.83 37.62 -5.18
CA VAL D 455 -25.12 39.02 -5.41
C VAL D 455 -25.86 39.61 -4.21
N GLU D 456 -25.37 40.74 -3.69
CA GLU D 456 -26.03 41.42 -2.58
C GLU D 456 -26.95 42.40 -3.23
N LEU D 457 -28.24 42.27 -2.99
CA LEU D 457 -29.18 43.16 -3.65
C LEU D 457 -29.08 44.57 -3.14
N THR D 458 -28.58 44.78 -1.92
CA THR D 458 -28.42 46.13 -1.41
C THR D 458 -27.33 46.90 -2.18
N GLU D 459 -26.37 46.19 -2.78
CA GLU D 459 -25.31 46.84 -3.54
C GLU D 459 -25.76 47.20 -4.96
N VAL D 460 -26.73 46.47 -5.50
CA VAL D 460 -27.36 46.90 -6.73
C VAL D 460 -28.16 48.18 -6.47
N GLU D 461 -28.91 48.17 -5.37
CA GLU D 461 -29.73 49.30 -4.97
C GLU D 461 -28.90 50.56 -4.76
N ARG D 462 -27.83 50.46 -3.98
CA ARG D 462 -26.98 51.63 -3.69
C ARG D 462 -26.39 52.23 -4.96
N ARG D 463 -25.89 51.38 -5.84
CA ARG D 463 -25.33 51.84 -7.11
C ARG D 463 -26.41 52.51 -7.94
N VAL D 464 -27.56 51.88 -8.10
CA VAL D 464 -28.61 52.51 -8.88
C VAL D 464 -28.95 53.88 -8.27
N ALA D 465 -28.91 53.96 -6.94
CA ALA D 465 -29.33 55.17 -6.24
C ALA D 465 -28.34 56.29 -6.40
N GLU D 466 -27.12 55.97 -6.78
CA GLU D 466 -26.15 57.03 -7.01
C GLU D 466 -26.12 57.51 -8.47
N PHE D 467 -27.00 56.95 -9.32
CA PHE D 467 -27.35 57.57 -10.60
C PHE D 467 -28.08 58.86 -10.20
N THR D 468 -27.81 59.98 -10.86
CA THR D 468 -28.23 61.28 -10.25
C THR D 468 -29.73 61.70 -10.03
N GLY D 469 -30.65 61.37 -10.93
CA GLY D 469 -32.11 61.66 -10.71
C GLY D 469 -32.87 60.52 -10.03
N VAL D 470 -32.13 59.60 -9.43
CA VAL D 470 -32.75 58.55 -8.63
C VAL D 470 -32.57 58.85 -7.16
N ALA D 471 -33.69 58.75 -6.41
CA ALA D 471 -33.71 59.01 -4.96
C ALA D 471 -33.56 57.69 -4.22
N ALA D 472 -34.33 56.69 -4.66
CA ALA D 472 -34.25 55.39 -4.05
C ALA D 472 -34.50 54.28 -5.09
N ALA D 473 -33.94 53.11 -4.82
CA ALA D 473 -34.19 51.94 -5.66
C ALA D 473 -34.49 50.69 -4.84
N SER D 474 -35.16 49.72 -5.46
CA SER D 474 -35.39 48.45 -4.80
C SER D 474 -35.24 47.29 -5.77
N ALA D 475 -34.26 46.44 -5.48
CA ALA D 475 -33.97 45.32 -6.34
C ALA D 475 -34.68 44.12 -5.83
N VAL D 476 -35.03 43.23 -6.73
CA VAL D 476 -35.64 42.00 -6.32
C VAL D 476 -35.53 40.94 -7.41
N LEU D 477 -35.49 39.69 -6.99
CA LEU D 477 -35.38 38.56 -7.93
C LEU D 477 -36.67 37.76 -8.06
N ASP D 484 -35.39 30.04 -15.22
CA ASP D 484 -34.57 31.18 -15.66
C ASP D 484 -35.02 32.49 -14.94
N PRO D 485 -34.50 32.76 -13.73
CA PRO D 485 -35.06 33.82 -12.89
C PRO D 485 -34.56 35.23 -13.26
N VAL D 486 -35.30 36.27 -12.93
CA VAL D 486 -34.98 37.63 -13.46
C VAL D 486 -34.79 38.72 -12.41
N LEU D 487 -33.78 39.56 -12.62
CA LEU D 487 -33.50 40.63 -11.67
C LEU D 487 -34.18 41.96 -12.09
N ALA D 488 -35.13 42.43 -11.29
CA ALA D 488 -35.74 43.72 -11.54
C ALA D 488 -35.35 44.67 -10.47
N VAL D 489 -35.28 45.92 -10.86
CA VAL D 489 -35.08 46.99 -9.92
C VAL D 489 -36.18 48.01 -10.14
N PHE D 490 -36.76 48.47 -9.04
CA PHE D 490 -37.80 49.47 -9.05
C PHE D 490 -37.20 50.73 -8.48
N VAL D 491 -37.50 51.84 -9.13
CA VAL D 491 -36.77 53.06 -8.86
C VAL D 491 -37.74 54.20 -8.64
N GLU D 492 -37.35 55.10 -7.76
CA GLU D 492 -38.14 56.27 -7.41
C GLU D 492 -37.30 57.48 -7.83
N LEU D 493 -37.80 58.22 -8.82
CA LEU D 493 -37.03 59.36 -9.34
C LEU D 493 -36.98 60.45 -8.28
N SER D 494 -35.85 61.12 -8.17
CA SER D 494 -35.76 62.34 -7.39
C SER D 494 -36.79 63.35 -7.94
N PRO D 495 -37.19 64.33 -7.12
CA PRO D 495 -38.28 65.17 -7.56
C PRO D 495 -37.76 66.14 -8.62
N GLY D 496 -38.44 66.17 -9.77
CA GLY D 496 -38.02 67.02 -10.89
C GLY D 496 -37.25 66.33 -12.02
N ALA D 497 -36.51 65.29 -11.70
CA ALA D 497 -35.66 64.62 -12.68
C ALA D 497 -36.43 63.90 -13.76
N GLU D 498 -35.92 63.94 -15.00
CA GLU D 498 -36.42 63.05 -16.05
C GLU D 498 -35.50 61.82 -16.05
N PHE D 499 -35.88 60.73 -16.67
CA PHE D 499 -35.17 59.48 -16.43
C PHE D 499 -34.90 58.73 -17.72
N ASP D 500 -33.64 58.34 -17.89
CA ASP D 500 -33.18 57.65 -19.09
C ASP D 500 -32.86 56.16 -18.81
N GLU D 501 -33.76 55.32 -19.31
CA GLU D 501 -33.71 53.86 -19.22
C GLU D 501 -32.29 53.28 -19.41
N MET D 502 -31.81 53.40 -20.63
CA MET D 502 -30.56 52.79 -21.08
C MET D 502 -29.34 53.39 -20.40
N GLU D 503 -29.44 54.67 -20.01
CA GLU D 503 -28.33 55.39 -19.40
C GLU D 503 -28.02 54.78 -18.05
N LEU D 504 -29.04 54.23 -17.39
CA LEU D 504 -28.82 53.48 -16.16
C LEU D 504 -28.21 52.08 -16.41
N GLY D 505 -28.81 51.32 -17.31
CA GLY D 505 -28.27 50.02 -17.69
C GLY D 505 -26.77 50.07 -17.88
N ALA D 506 -26.32 51.07 -18.64
CA ALA D 506 -24.89 51.24 -18.96
C ALA D 506 -24.09 51.72 -17.75
N PHE D 507 -24.70 52.60 -16.96
CA PHE D 507 -24.08 53.18 -15.77
C PHE D 507 -23.81 52.13 -14.68
N CYS D 508 -24.72 51.16 -14.57
CA CYS D 508 -24.55 50.04 -13.64
C CYS D 508 -23.35 49.16 -14.03
N LEU D 509 -23.26 48.83 -15.32
CA LEU D 509 -22.16 48.02 -15.84
C LEU D 509 -20.79 48.67 -15.65
N GLU D 510 -20.75 49.99 -15.55
CA GLU D 510 -19.50 50.70 -15.26
C GLU D 510 -18.75 50.12 -14.08
N GLU D 511 -19.48 49.65 -13.07
CA GLU D 511 -18.86 49.06 -11.86
C GLU D 511 -19.52 47.78 -11.29
N LEU D 512 -20.66 47.38 -11.85
CA LEU D 512 -21.28 46.11 -11.51
C LEU D 512 -21.04 45.08 -12.62
N PRO D 513 -20.65 43.86 -12.25
CA PRO D 513 -20.47 42.83 -13.27
C PRO D 513 -21.74 42.52 -14.08
N ASP D 514 -21.60 41.68 -15.10
CA ASP D 514 -22.70 41.35 -16.02
C ASP D 514 -23.85 40.60 -15.32
N TYR D 515 -23.54 39.68 -14.39
CA TYR D 515 -24.61 38.99 -13.64
C TYR D 515 -25.38 39.86 -12.62
N MET D 516 -24.83 41.04 -12.32
CA MET D 516 -25.45 42.03 -11.42
C MET D 516 -26.19 43.20 -12.11
N ALA D 517 -26.30 43.13 -13.44
CA ALA D 517 -27.01 44.12 -14.21
C ALA D 517 -28.51 43.82 -14.20
N PRO D 518 -29.34 44.84 -13.91
CA PRO D 518 -30.78 44.61 -14.02
C PRO D 518 -31.20 44.20 -15.43
N GLN D 519 -32.16 43.29 -15.52
CA GLN D 519 -32.76 42.93 -16.80
C GLN D 519 -34.08 43.68 -17.01
N ARG D 520 -34.62 44.27 -15.95
CA ARG D 520 -35.88 44.97 -15.99
C ARG D 520 -35.80 46.14 -15.03
N ILE D 521 -36.03 47.34 -15.53
CA ILE D 521 -36.11 48.55 -14.72
C ILE D 521 -37.53 49.12 -14.84
N HIS D 522 -38.18 49.38 -13.71
CA HIS D 522 -39.53 49.93 -13.70
C HIS D 522 -39.51 51.19 -12.84
N VAL D 523 -39.91 52.31 -13.42
CA VAL D 523 -40.07 53.55 -12.65
C VAL D 523 -41.39 53.53 -11.88
N LEU D 524 -41.37 54.09 -10.67
CA LEU D 524 -42.57 54.31 -9.86
C LEU D 524 -42.61 55.76 -9.32
N ASP D 525 -43.74 56.12 -8.72
CA ASP D 525 -43.86 57.44 -8.10
C ASP D 525 -43.35 57.38 -6.67
N ALA D 526 -43.68 56.30 -5.97
CA ALA D 526 -43.15 56.06 -4.63
C ALA D 526 -42.91 54.56 -4.35
N LEU D 527 -42.38 54.26 -3.17
CA LEU D 527 -42.06 52.89 -2.78
C LEU D 527 -42.80 52.46 -1.49
N PRO D 528 -43.69 51.44 -1.61
CA PRO D 528 -44.39 50.87 -0.45
C PRO D 528 -43.50 50.59 0.76
C1 6L1 E . -13.12 -31.32 -0.02
C2 6L1 E . -13.07 -29.98 0.20
C3 6L1 E . -14.23 -29.28 0.24
C4 6L1 E . -11.05 -30.76 0.20
N1 6L1 E . -15.40 -29.86 0.09
N2 6L1 E . -14.27 -31.97 -0.20
C5 6L1 E . -6.31 -26.75 2.48
C6 6L1 E . -6.32 -28.30 2.45
N3 6L1 E . -5.17 -28.82 1.74
C7 6L1 E . -7.54 -28.83 1.78
C8 6L1 E . -7.45 -30.37 1.91
O1 6L1 E . -8.41 -31.04 2.26
O2 6L1 E . -6.26 -30.96 1.70
P1 6L1 E . -6.18 -32.59 1.50
O3 6L1 E . -5.90 -33.30 2.93
O4 6L1 E . -5.01 -32.83 0.57
O5 6L1 E . -7.69 -33.12 1.01
C9 6L1 E . -7.90 -33.62 -0.29
C10 6L1 E . -9.40 -34.01 -0.49
O6 6L1 E . -10.37 -33.58 0.45
C11 6L1 E . -9.99 -33.53 -1.81
O7 6L1 E . -9.55 -34.38 -2.92
C12 6L1 E . -11.44 -33.73 -1.61
O8 6L1 E . -11.61 -35.10 -1.69
C13 6L1 E . -11.64 -33.30 -0.24
N4 6L1 E . -11.89 -31.81 -0.05
N5 6L1 E . -11.78 -29.63 0.34
C14 6L1 E . -15.45 -31.27 -0.16
N6 6L1 E . -14.22 -28.00 0.48
CL CL F . -12.79 -24.50 -13.18
C1 6L1 G . 27.55 -20.40 -25.90
C2 6L1 G . 27.10 -19.21 -25.46
C3 6L1 G . 27.93 -18.25 -25.04
C4 6L1 G . 25.38 -20.44 -26.01
N1 6L1 G . 29.26 -18.34 -25.01
N2 6L1 G . 28.87 -20.64 -25.93
C5 6L1 G . 19.70 -16.62 -25.97
C6 6L1 G . 20.02 -17.95 -26.71
N3 6L1 G . 19.07 -18.98 -26.29
C7 6L1 G . 21.44 -18.48 -26.45
C8 6L1 G . 21.72 -19.57 -27.53
O1 6L1 G . 22.79 -19.60 -28.11
O2 6L1 G . 20.75 -20.48 -27.80
P1 6L1 G . 20.87 -22.06 -28.37
O3 6L1 G . 20.56 -22.14 -29.85
O4 6L1 G . 19.76 -22.67 -27.62
O5 6L1 G . 22.31 -22.74 -28.20
C9 6L1 G . 22.76 -23.25 -26.91
C10 6L1 G . 24.28 -23.61 -26.97
O6 6L1 G . 25.11 -22.56 -27.49
C11 6L1 G . 24.83 -23.79 -25.59
O7 6L1 G . 24.43 -25.01 -25.05
C12 6L1 G . 26.35 -23.66 -25.83
O8 6L1 G . 26.82 -24.78 -26.53
C13 6L1 G . 26.42 -22.54 -26.80
N4 6L1 G . 26.49 -21.15 -26.23
N5 6L1 G . 25.76 -19.25 -25.51
C14 6L1 G . 29.76 -19.61 -25.50
N6 6L1 G . 27.37 -17.17 -24.65
CL CL H . 26.19 -20.91 -11.54
C1 6L1 I . 13.53 24.87 25.60
C2 6L1 I . 13.38 23.59 25.12
C3 6L1 I . 14.46 22.88 24.76
C4 6L1 I . 11.42 24.39 25.64
N1 6L1 I . 15.69 23.36 24.83
N2 6L1 I . 14.73 25.45 25.68
C5 6L1 I . 6.77 19.64 26.04
C6 6L1 I . 6.78 21.11 26.59
N3 6L1 I . 5.63 21.85 26.11
C7 6L1 I . 8.01 21.92 26.22
C8 6L1 I . 7.94 23.07 27.25
O1 6L1 I . 8.81 23.21 28.10
O2 6L1 I . 6.86 23.86 27.23
P1 6L1 I . 6.85 25.32 28.08
O3 6L1 I . 6.60 24.95 29.59
O4 6L1 I . 5.76 26.05 27.41
O5 6L1 I . 8.31 26.03 27.96
C9 6L1 I . 8.47 26.80 26.76
C10 6L1 I . 9.83 27.49 26.72
O6 6L1 I . 10.96 26.84 27.37
C11 6L1 I . 10.34 27.67 25.27
O7 6L1 I . 9.67 28.71 24.63
C12 6L1 I . 11.79 27.97 25.46
O8 6L1 I . 11.85 29.36 26.02
C13 6L1 I . 12.14 26.88 26.46
N4 6L1 I . 12.31 25.39 25.90
N5 6L1 I . 12.05 23.28 25.15
C14 6L1 I . 15.85 24.73 25.32
N6 6L1 I . 14.29 21.65 24.34
CL CL J . 12.51 25.40 11.13
C1 6L1 K . -28.05 27.08 -0.72
C2 6L1 K . -27.71 25.80 -1.01
C3 6L1 K . -28.68 24.84 -1.01
C4 6L1 K . -25.94 27.03 -1.13
N1 6L1 K . -29.95 25.11 -0.72
N2 6L1 K . -29.32 27.41 -0.41
C5 6L1 K . -21.51 24.16 -1.98
C6 6L1 K . -20.92 25.12 -3.01
N3 6L1 K . -19.85 25.95 -2.43
C7 6L1 K . -22.03 25.97 -3.62
C8 6L1 K . -22.41 27.09 -2.63
O1 6L1 K . -22.94 26.77 -1.59
O2 6L1 K . -22.30 28.40 -3.07
P1 6L1 K . -21.71 29.68 -2.31
O3 6L1 K . -21.65 30.79 -3.46
O4 6L1 K . -20.39 29.51 -1.69
O5 6L1 K . -22.80 30.37 -1.38
C9 6L1 K . -23.85 29.59 -0.90
C10 6L1 K . -24.96 30.42 -0.27
O6 6L1 K . -26.02 30.10 -1.13
C11 6L1 K . -25.43 29.86 1.01
O7 6L1 K . -25.15 30.72 2.08
C12 6L1 K . -26.94 29.69 0.85
O8 6L1 K . -27.52 30.90 0.93
C13 6L1 K . -27.08 29.30 -0.51
N4 6L1 K . -26.96 27.84 -0.77
N5 6L1 K . -26.39 25.77 -1.28
C14 6L1 K . -30.32 26.42 -0.42
N6 6L1 K . -28.33 23.60 -1.31
CL CL L . -26.30 20.77 12.19
#